data_5IG9
#
_entry.id   5IG9
#
_cell.length_a   132.560
_cell.length_b   132.560
_cell.length_c   198.157
_cell.angle_alpha   90.00
_cell.angle_beta   90.00
_cell.angle_gamma   90.00
#
_symmetry.space_group_name_H-M   'P 41'
#
loop_
_entity.id
_entity.type
_entity.pdbx_description
1 polymer 'ATP grasp ligase'
2 polymer Microviridin
#
loop_
_entity_poly.entity_id
_entity_poly.type
_entity_poly.pdbx_seq_one_letter_code
_entity_poly.pdbx_strand_id
1 'polypeptide(L)'
;MTVLIVTFSRDNESIPLVIKAIEAMGKKAFRFDTDRFPTEVKVDLYSGGQKGGIITDGDQKLELKEVSAVWYRRMRYGLK
LPDGMDSQFREASLKECRLSIRGMIASLSGFHLDPIAKVDHANHKQLQLQVARQLGLLIPGTLTSNNPEAVKQFAQEFEA
TGIVTKMLSQFAIYGDKQEEMVVFTSPVTKEDLDNLEGLQFCPMTFQENIPKALELRITIVGEQIFTAAINSQQLDGAIY
DWRKEGRALHQQWQPYDLPKTIEKQLLELMKYFGLNYGAIDMIVTPDERYIFLEINPVGEFFWLELYPPYFPISQAIAEI
LVNSAAAHHHHHH
;
A,B,C,D,E,F,G,H
2 'polypeptide(L)' MAYPNDQQGKALPFFARFLSVSKEESSIKSPSPDHEISTRKYPSDWEEW P,I,J,K,L,M,N,O
#
# COMPACT_ATOMS: atom_id res chain seq x y z
N THR A 2 -32.52 13.90 67.43
CA THR A 2 -31.09 14.17 67.61
C THR A 2 -30.39 14.21 66.26
N VAL A 3 -29.48 15.16 66.11
CA VAL A 3 -28.73 15.33 64.86
C VAL A 3 -27.44 14.51 64.97
N LEU A 4 -27.28 13.55 64.07
CA LEU A 4 -26.07 12.75 64.00
C LEU A 4 -25.07 13.46 63.08
N ILE A 5 -23.88 13.75 63.60
CA ILE A 5 -22.87 14.49 62.86
C ILE A 5 -21.73 13.52 62.54
N VAL A 6 -21.58 13.23 61.25
CA VAL A 6 -20.61 12.24 60.78
C VAL A 6 -19.32 12.99 60.45
N THR A 7 -18.34 12.91 61.33
CA THR A 7 -17.08 13.62 61.15
C THR A 7 -15.90 12.75 61.57
N PHE A 8 -14.80 13.38 61.98
CA PHE A 8 -13.66 12.67 62.54
C PHE A 8 -13.02 13.55 63.59
N SER A 9 -12.09 12.97 64.35
CA SER A 9 -11.57 13.63 65.55
C SER A 9 -10.76 14.87 65.23
N ARG A 10 -10.03 14.88 64.10
CA ARG A 10 -9.20 16.01 63.74
C ARG A 10 -9.90 17.03 62.85
N ASP A 11 -11.23 17.02 62.83
CA ASP A 11 -11.96 18.02 62.05
C ASP A 11 -11.83 19.39 62.70
N ASN A 12 -12.14 20.42 61.93
CA ASN A 12 -11.82 21.78 62.31
C ASN A 12 -12.98 22.39 63.10
N GLU A 13 -13.03 23.71 63.17
CA GLU A 13 -13.98 24.45 64.01
C GLU A 13 -15.39 24.47 63.44
N SER A 14 -15.61 23.84 62.28
CA SER A 14 -16.96 23.80 61.73
C SER A 14 -17.90 22.99 62.63
N ILE A 15 -17.38 21.93 63.26
CA ILE A 15 -18.17 21.04 64.09
C ILE A 15 -18.69 21.78 65.32
N PRO A 16 -17.85 22.39 66.16
CA PRO A 16 -18.41 23.11 67.33
C PRO A 16 -19.28 24.28 66.95
N LEU A 17 -19.05 24.89 65.79
CA LEU A 17 -19.91 25.98 65.33
C LEU A 17 -21.33 25.49 65.09
N VAL A 18 -21.48 24.27 64.58
CA VAL A 18 -22.80 23.76 64.24
C VAL A 18 -23.49 23.18 65.47
N ILE A 19 -22.76 22.44 66.31
CA ILE A 19 -23.38 21.80 67.46
C ILE A 19 -23.92 22.87 68.41
N LYS A 20 -23.21 23.99 68.56
CA LYS A 20 -23.65 25.02 69.47
C LYS A 20 -24.85 25.77 68.90
N ALA A 21 -24.89 25.97 67.59
CA ALA A 21 -26.06 26.56 66.97
C ALA A 21 -27.25 25.61 67.00
N ILE A 22 -26.97 24.30 66.93
CA ILE A 22 -28.04 23.31 67.10
C ILE A 22 -28.51 23.29 68.55
N GLU A 23 -27.58 23.24 69.50
CA GLU A 23 -27.96 23.24 70.91
C GLU A 23 -28.69 24.53 71.28
N ALA A 24 -28.30 25.66 70.69
CA ALA A 24 -28.96 26.91 71.02
C ALA A 24 -30.37 26.99 70.47
N MET A 25 -30.74 26.10 69.54
CA MET A 25 -32.09 26.06 69.00
C MET A 25 -33.00 25.10 69.75
N GLY A 26 -32.54 24.55 70.88
CA GLY A 26 -33.34 23.66 71.68
C GLY A 26 -33.23 22.19 71.31
N LYS A 27 -32.45 21.85 70.30
CA LYS A 27 -32.24 20.46 69.90
C LYS A 27 -30.85 20.00 70.32
N LYS A 28 -30.63 18.69 70.25
CA LYS A 28 -29.38 18.08 70.66
C LYS A 28 -28.66 17.50 69.46
N ALA A 29 -27.37 17.24 69.64
CA ALA A 29 -26.53 16.73 68.56
C ALA A 29 -25.47 15.79 69.12
N PHE A 30 -25.25 14.67 68.43
CA PHE A 30 -24.23 13.69 68.78
C PHE A 30 -23.13 13.73 67.74
N ARG A 31 -21.88 13.83 68.20
CA ARG A 31 -20.71 13.84 67.32
C ARG A 31 -20.16 12.44 67.20
N PHE A 32 -20.07 11.94 65.97
CA PHE A 32 -19.58 10.59 65.69
C PHE A 32 -18.27 10.71 64.91
N ASP A 33 -17.15 10.49 65.60
CA ASP A 33 -15.83 10.54 64.97
C ASP A 33 -15.57 9.22 64.28
N THR A 34 -15.63 9.24 62.94
CA THR A 34 -15.50 8.00 62.18
C THR A 34 -14.12 7.39 62.30
N ASP A 35 -13.09 8.21 62.52
CA ASP A 35 -11.74 7.68 62.62
C ASP A 35 -11.49 6.96 63.94
N ARG A 36 -12.29 7.25 64.97
CA ARG A 36 -12.16 6.59 66.25
C ARG A 36 -13.02 5.33 66.35
N PHE A 37 -13.52 4.85 65.22
CA PHE A 37 -14.17 3.55 65.11
C PHE A 37 -13.25 2.67 64.25
N PRO A 38 -13.05 1.41 64.65
CA PRO A 38 -13.65 0.68 65.77
C PRO A 38 -12.81 0.68 67.05
N THR A 39 -11.66 1.35 67.00
CA THR A 39 -10.71 1.29 68.12
C THR A 39 -11.29 1.85 69.41
N GLU A 40 -12.13 2.87 69.35
CA GLU A 40 -12.63 3.48 70.57
C GLU A 40 -14.16 3.55 70.64
N VAL A 41 -14.82 3.83 69.52
CA VAL A 41 -16.27 3.99 69.51
C VAL A 41 -16.92 2.65 69.24
N LYS A 42 -17.96 2.33 70.02
CA LYS A 42 -18.74 1.12 69.84
C LYS A 42 -19.98 1.42 69.00
N VAL A 43 -20.15 0.66 67.92
CA VAL A 43 -21.32 0.79 67.06
C VAL A 43 -22.00 -0.57 66.98
N ASP A 44 -23.29 -0.60 67.28
CA ASP A 44 -24.10 -1.82 67.18
C ASP A 44 -25.25 -1.55 66.23
N LEU A 45 -25.32 -2.35 65.15
CA LEU A 45 -26.29 -2.17 64.08
C LEU A 45 -27.14 -3.42 63.97
N TYR A 46 -28.40 -3.33 64.36
CA TYR A 46 -29.32 -4.45 64.37
C TYR A 46 -30.27 -4.36 63.19
N SER A 47 -30.49 -5.50 62.52
CA SER A 47 -31.38 -5.59 61.38
C SER A 47 -32.46 -6.61 61.68
N GLY A 48 -33.72 -6.19 61.57
CA GLY A 48 -34.87 -7.02 61.90
C GLY A 48 -35.68 -6.43 63.02
N GLY A 49 -36.26 -7.31 63.84
CA GLY A 49 -36.96 -6.88 65.03
C GLY A 49 -36.12 -7.07 66.28
N GLN A 50 -34.87 -6.64 66.20
CA GLN A 50 -33.91 -6.84 67.26
C GLN A 50 -33.90 -5.63 68.19
N LYS A 51 -32.84 -5.46 68.96
CA LYS A 51 -32.68 -4.26 69.77
C LYS A 51 -32.39 -3.06 68.86
N GLY A 52 -32.39 -1.87 69.48
CA GLY A 52 -32.15 -0.66 68.72
C GLY A 52 -30.66 -0.46 68.47
N GLY A 53 -30.34 -0.02 67.25
CA GLY A 53 -28.98 0.35 66.94
C GLY A 53 -28.50 1.47 67.84
N ILE A 54 -27.22 1.42 68.20
CA ILE A 54 -26.70 2.27 69.25
C ILE A 54 -25.22 2.54 68.99
N ILE A 55 -24.84 3.80 69.16
CA ILE A 55 -23.45 4.23 69.07
C ILE A 55 -23.00 4.65 70.46
N THR A 56 -21.91 4.07 70.94
CA THR A 56 -21.41 4.35 72.29
C THR A 56 -20.01 4.95 72.18
N ASP A 57 -19.83 6.14 72.77
CA ASP A 57 -18.54 6.81 72.85
C ASP A 57 -18.29 7.21 74.30
N GLY A 58 -17.62 6.33 75.05
CA GLY A 58 -17.35 6.58 76.45
C GLY A 58 -18.64 6.76 77.24
N ASP A 59 -18.75 7.90 77.93
CA ASP A 59 -19.99 8.25 78.63
C ASP A 59 -21.14 8.56 77.68
N GLN A 60 -20.85 9.00 76.45
CA GLN A 60 -21.90 9.39 75.53
C GLN A 60 -22.49 8.17 74.82
N LYS A 61 -23.77 8.26 74.49
CA LYS A 61 -24.53 7.14 73.97
C LYS A 61 -25.66 7.67 73.10
N LEU A 62 -25.77 7.13 71.89
CA LEU A 62 -26.73 7.63 70.90
C LEU A 62 -27.55 6.46 70.37
N GLU A 63 -28.83 6.45 70.68
CA GLU A 63 -29.74 5.46 70.12
C GLU A 63 -30.19 5.92 68.74
N LEU A 64 -30.05 5.03 67.75
CA LEU A 64 -30.28 5.42 66.37
C LEU A 64 -31.76 5.68 66.06
N LYS A 65 -32.67 5.24 66.92
CA LYS A 65 -34.08 5.54 66.70
C LYS A 65 -34.40 7.00 66.98
N GLU A 66 -33.56 7.68 67.76
CA GLU A 66 -33.77 9.08 68.14
C GLU A 66 -33.07 10.04 67.20
N VAL A 67 -32.50 9.54 66.10
CA VAL A 67 -31.82 10.40 65.13
C VAL A 67 -32.87 11.03 64.22
N SER A 68 -32.93 12.37 64.25
CA SER A 68 -33.86 13.12 63.41
C SER A 68 -33.19 13.74 62.19
N ALA A 69 -31.87 13.90 62.20
CA ALA A 69 -31.15 14.48 61.08
C ALA A 69 -29.73 13.95 61.09
N VAL A 70 -29.13 13.91 59.90
CA VAL A 70 -27.74 13.44 59.72
C VAL A 70 -26.98 14.48 58.92
N TRP A 71 -25.84 14.91 59.46
CA TRP A 71 -24.91 15.77 58.74
C TRP A 71 -23.78 14.91 58.19
N TYR A 72 -23.84 14.62 56.90
CA TYR A 72 -22.85 13.78 56.23
C TYR A 72 -21.63 14.66 55.94
N ARG A 73 -20.84 14.89 56.99
CA ARG A 73 -19.76 15.89 56.96
C ARG A 73 -18.43 15.29 56.52
N ARG A 74 -17.77 14.56 57.40
CA ARG A 74 -16.43 14.03 57.13
C ARG A 74 -16.42 12.52 57.36
N MET A 75 -15.81 11.79 56.44
CA MET A 75 -15.81 10.33 56.45
C MET A 75 -14.37 9.84 56.47
N ARG A 76 -13.84 9.55 57.66
CA ARG A 76 -12.49 9.03 57.79
C ARG A 76 -12.50 7.69 58.51
N TYR A 77 -13.14 6.68 57.92
CA TYR A 77 -13.43 5.44 58.62
C TYR A 77 -12.16 4.70 58.99
N GLY A 78 -11.94 4.53 60.30
CA GLY A 78 -10.89 3.66 60.80
C GLY A 78 -9.47 4.17 60.66
N LEU A 79 -9.27 5.49 60.58
CA LEU A 79 -7.91 6.00 60.42
C LEU A 79 -7.05 5.70 61.64
N LYS A 80 -7.63 5.81 62.83
CA LYS A 80 -6.90 5.53 64.06
C LYS A 80 -6.63 4.03 64.28
N LEU A 81 -6.70 3.20 63.25
CA LEU A 81 -6.22 1.84 63.38
C LEU A 81 -4.70 1.86 63.59
N PRO A 82 -4.17 1.02 64.47
CA PRO A 82 -2.74 1.08 64.77
C PRO A 82 -1.86 0.92 63.53
N ASP A 83 -0.76 1.67 63.51
CA ASP A 83 0.18 1.58 62.39
C ASP A 83 0.89 0.23 62.40
N GLY A 84 1.11 -0.35 63.57
CA GLY A 84 1.86 -1.59 63.67
C GLY A 84 1.03 -2.81 63.31
N MET A 85 -0.12 -2.59 62.70
CA MET A 85 -0.99 -3.67 62.25
C MET A 85 -0.52 -4.17 60.88
N ASP A 86 -0.77 -5.45 60.63
CA ASP A 86 -0.44 -6.03 59.33
C ASP A 86 -1.14 -5.26 58.22
N SER A 87 -0.40 -4.95 57.15
CA SER A 87 -0.95 -4.10 56.10
C SER A 87 -2.09 -4.78 55.36
N GLN A 88 -2.06 -6.10 55.23
CA GLN A 88 -3.16 -6.80 54.58
C GLN A 88 -4.42 -6.76 55.43
N PHE A 89 -4.28 -6.99 56.74
CA PHE A 89 -5.44 -6.92 57.61
C PHE A 89 -5.93 -5.48 57.79
N ARG A 90 -5.02 -4.52 57.76
CA ARG A 90 -5.40 -3.12 57.96
C ARG A 90 -6.23 -2.60 56.79
N GLU A 91 -5.82 -2.90 55.56
CA GLU A 91 -6.59 -2.45 54.40
C GLU A 91 -7.95 -3.13 54.35
N ALA A 92 -8.01 -4.41 54.72
CA ALA A 92 -9.29 -5.12 54.74
C ALA A 92 -10.19 -4.61 55.85
N SER A 93 -9.62 -4.26 57.00
CA SER A 93 -10.41 -3.71 58.09
C SER A 93 -10.99 -2.35 57.72
N LEU A 94 -10.21 -1.52 57.02
CA LEU A 94 -10.72 -0.22 56.59
C LEU A 94 -11.94 -0.38 55.69
N LYS A 95 -11.86 -1.30 54.73
CA LYS A 95 -12.96 -1.50 53.80
C LYS A 95 -14.20 -2.06 54.51
N GLU A 96 -14.00 -2.88 55.55
CA GLU A 96 -15.15 -3.38 56.30
C GLU A 96 -15.78 -2.28 57.14
N CYS A 97 -14.95 -1.44 57.77
CA CYS A 97 -15.48 -0.33 58.55
C CYS A 97 -16.26 0.64 57.66
N ARG A 98 -15.71 0.96 56.49
CA ARG A 98 -16.36 1.90 55.59
C ARG A 98 -17.72 1.38 55.14
N LEU A 99 -17.78 0.12 54.72
CA LEU A 99 -19.07 -0.47 54.31
C LEU A 99 -20.06 -0.53 55.47
N SER A 100 -19.57 -0.75 56.69
CA SER A 100 -20.46 -0.84 57.85
C SER A 100 -21.10 0.51 58.15
N ILE A 101 -20.29 1.56 58.27
CA ILE A 101 -20.82 2.86 58.65
C ILE A 101 -21.62 3.48 57.50
N ARG A 102 -21.23 3.21 56.27
CA ARG A 102 -22.03 3.65 55.13
C ARG A 102 -23.41 3.00 55.14
N GLY A 103 -23.48 1.72 55.48
CA GLY A 103 -24.77 1.05 55.56
C GLY A 103 -25.63 1.59 56.68
N MET A 104 -25.00 1.93 57.81
CA MET A 104 -25.73 2.57 58.90
C MET A 104 -26.36 3.88 58.45
N ILE A 105 -25.56 4.74 57.83
CA ILE A 105 -26.06 6.05 57.41
C ILE A 105 -27.15 5.90 56.35
N ALA A 106 -26.95 5.00 55.39
CA ALA A 106 -27.90 4.83 54.31
C ALA A 106 -29.22 4.23 54.80
N SER A 107 -29.23 3.56 55.93
CA SER A 107 -30.45 2.97 56.46
C SER A 107 -31.22 3.92 57.38
N LEU A 108 -30.57 4.95 57.91
CA LEU A 108 -31.24 5.88 58.80
C LEU A 108 -32.25 6.71 58.03
N SER A 109 -33.43 6.90 58.64
CA SER A 109 -34.44 7.77 58.07
C SER A 109 -34.19 9.20 58.57
N GLY A 110 -35.15 10.09 58.34
CA GLY A 110 -34.95 11.48 58.68
C GLY A 110 -34.30 12.27 57.56
N PHE A 111 -33.87 13.47 57.91
CA PHE A 111 -33.30 14.38 56.93
C PHE A 111 -31.78 14.21 56.86
N HIS A 112 -31.26 14.06 55.65
CA HIS A 112 -29.82 13.89 55.43
C HIS A 112 -29.26 15.11 54.70
N LEU A 113 -28.09 15.55 55.14
CA LEU A 113 -27.39 16.66 54.50
C LEU A 113 -25.93 16.32 54.25
N ASP A 114 -25.64 15.66 53.14
CA ASP A 114 -26.65 15.20 52.18
C ASP A 114 -26.69 13.68 52.15
N PRO A 115 -27.72 13.10 51.53
CA PRO A 115 -27.75 11.64 51.40
C PRO A 115 -26.53 11.11 50.66
N ILE A 116 -26.11 9.90 51.04
CA ILE A 116 -24.92 9.30 50.45
C ILE A 116 -25.10 9.10 48.95
N ALA A 117 -26.28 8.64 48.53
CA ALA A 117 -26.50 8.38 47.11
C ALA A 117 -26.39 9.65 46.29
N LYS A 118 -26.73 10.79 46.88
CA LYS A 118 -26.61 12.06 46.17
C LYS A 118 -25.16 12.54 46.13
N VAL A 119 -24.44 12.42 47.24
CA VAL A 119 -23.04 12.82 47.27
C VAL A 119 -22.22 11.93 46.33
N ASP A 120 -22.49 10.62 46.35
CA ASP A 120 -21.78 9.70 45.46
C ASP A 120 -22.01 10.05 44.00
N HIS A 121 -23.24 10.42 43.64
CA HIS A 121 -23.57 10.73 42.26
C HIS A 121 -23.05 12.09 41.84
N ALA A 122 -22.95 13.03 42.78
CA ALA A 122 -22.38 14.34 42.46
C ALA A 122 -20.86 14.35 42.48
N ASN A 123 -20.22 13.26 42.91
CA ASN A 123 -18.76 13.22 42.98
C ASN A 123 -18.11 12.95 41.64
N HIS A 124 -18.87 12.66 40.59
CA HIS A 124 -18.32 12.46 39.25
C HIS A 124 -18.11 13.82 38.62
N LYS A 125 -16.87 14.28 38.60
CA LYS A 125 -16.58 15.64 38.13
C LYS A 125 -16.87 15.79 36.65
N GLN A 126 -16.74 14.72 35.87
CA GLN A 126 -17.14 14.78 34.47
C GLN A 126 -18.64 14.98 34.31
N LEU A 127 -19.43 14.40 35.21
CA LEU A 127 -20.87 14.62 35.16
C LEU A 127 -21.26 16.00 35.64
N GLN A 128 -20.49 16.57 36.59
CA GLN A 128 -20.75 17.93 37.03
C GLN A 128 -20.68 18.90 35.87
N LEU A 129 -19.56 18.87 35.13
CA LEU A 129 -19.36 19.81 34.03
C LEU A 129 -20.39 19.61 32.94
N GLN A 130 -20.71 18.35 32.62
CA GLN A 130 -21.68 18.07 31.58
C GLN A 130 -23.07 18.56 31.94
N VAL A 131 -23.49 18.35 33.19
CA VAL A 131 -24.81 18.81 33.61
C VAL A 131 -24.85 20.32 33.71
N ALA A 132 -23.77 20.94 34.20
CA ALA A 132 -23.71 22.40 34.25
C ALA A 132 -23.77 23.00 32.85
N ARG A 133 -23.10 22.38 31.88
CA ARG A 133 -23.14 22.88 30.51
C ARG A 133 -24.52 22.70 29.90
N GLN A 134 -25.19 21.58 30.19
CA GLN A 134 -26.57 21.41 29.73
C GLN A 134 -27.51 22.43 30.36
N LEU A 135 -27.13 23.02 31.49
CA LEU A 135 -27.92 24.05 32.14
C LEU A 135 -27.55 25.45 31.68
N GLY A 136 -26.64 25.58 30.72
CA GLY A 136 -26.29 26.87 30.16
C GLY A 136 -25.10 27.54 30.79
N LEU A 137 -24.35 26.85 31.65
CA LEU A 137 -23.19 27.42 32.29
C LEU A 137 -21.93 27.11 31.48
N LEU A 138 -21.07 28.11 31.34
CA LEU A 138 -19.81 27.89 30.63
C LEU A 138 -18.87 27.05 31.47
N ILE A 139 -18.25 26.06 30.83
CA ILE A 139 -17.28 25.20 31.51
C ILE A 139 -15.98 25.19 30.70
N PRO A 140 -14.82 25.06 31.35
CA PRO A 140 -13.57 25.04 30.59
C PRO A 140 -13.40 23.73 29.85
N GLY A 141 -12.71 23.81 28.72
CA GLY A 141 -12.38 22.62 27.94
C GLY A 141 -11.60 21.62 28.77
N THR A 142 -12.14 20.41 28.93
CA THR A 142 -11.57 19.43 29.84
C THR A 142 -11.34 18.11 29.10
N LEU A 143 -10.19 17.50 29.37
CA LEU A 143 -9.85 16.20 28.80
C LEU A 143 -9.19 15.35 29.86
N THR A 144 -9.83 14.24 30.21
CA THR A 144 -9.21 13.19 31.01
C THR A 144 -8.74 12.10 30.07
N SER A 145 -7.45 11.78 30.12
CA SER A 145 -6.88 10.93 29.09
C SER A 145 -5.62 10.25 29.58
N ASN A 146 -5.39 9.04 29.06
CA ASN A 146 -4.13 8.31 29.18
C ASN A 146 -3.40 8.21 27.85
N ASN A 147 -3.81 9.05 26.88
CA ASN A 147 -3.34 8.95 25.50
C ASN A 147 -2.51 10.18 25.15
N PRO A 148 -1.20 10.05 24.95
CA PRO A 148 -0.37 11.23 24.69
C PRO A 148 -0.76 12.02 23.44
N GLU A 149 -1.21 11.36 22.37
CA GLU A 149 -1.53 12.09 21.15
C GLU A 149 -2.73 13.00 21.35
N ALA A 150 -3.73 12.55 22.10
CA ALA A 150 -4.87 13.40 22.40
C ALA A 150 -4.48 14.54 23.32
N VAL A 151 -3.55 14.30 24.24
CA VAL A 151 -3.11 15.34 25.17
C VAL A 151 -2.28 16.39 24.43
N LYS A 152 -1.37 15.96 23.55
CA LYS A 152 -0.61 16.91 22.75
C LYS A 152 -1.56 17.76 21.90
N GLN A 153 -2.53 17.12 21.26
CA GLN A 153 -3.51 17.86 20.47
C GLN A 153 -4.31 18.82 21.35
N PHE A 154 -4.59 18.42 22.59
CA PHE A 154 -5.37 19.28 23.49
C PHE A 154 -4.56 20.49 23.94
N ALA A 155 -3.28 20.28 24.29
CA ALA A 155 -2.46 21.39 24.73
C ALA A 155 -2.14 22.34 23.59
N GLN A 156 -2.16 21.85 22.35
CA GLN A 156 -1.84 22.70 21.21
C GLN A 156 -2.96 23.67 20.89
N GLU A 157 -4.22 23.21 20.93
CA GLU A 157 -5.31 24.11 20.56
C GLU A 157 -5.54 25.19 21.61
N PHE A 158 -5.10 24.95 22.85
CA PHE A 158 -5.15 25.95 23.92
C PHE A 158 -3.74 26.46 24.25
N GLU A 159 -2.92 26.66 23.22
CA GLU A 159 -1.54 27.07 23.46
C GLU A 159 -1.46 28.52 23.92
N ALA A 160 -2.35 29.38 23.43
CA ALA A 160 -2.26 30.81 23.75
C ALA A 160 -2.39 31.04 25.25
N THR A 161 -3.41 30.46 25.87
CA THR A 161 -3.63 30.61 27.31
C THR A 161 -3.02 29.47 28.13
N GLY A 162 -2.67 28.36 27.50
CA GLY A 162 -2.10 27.24 28.19
C GLY A 162 -3.16 26.31 28.75
N ILE A 163 -2.69 25.19 29.30
CA ILE A 163 -3.57 24.25 30.00
C ILE A 163 -2.94 23.90 31.34
N VAL A 164 -3.77 23.43 32.26
CA VAL A 164 -3.31 22.89 33.53
C VAL A 164 -3.62 21.40 33.55
N THR A 165 -3.15 20.74 34.60
CA THR A 165 -3.49 19.35 34.86
C THR A 165 -3.85 19.18 36.33
N LYS A 166 -4.67 18.18 36.61
CA LYS A 166 -5.08 17.90 37.98
C LYS A 166 -5.54 16.46 38.06
N MET A 167 -5.59 15.95 39.29
CA MET A 167 -6.05 14.60 39.56
C MET A 167 -7.49 14.63 40.02
N LEU A 168 -8.27 13.64 39.60
CA LEU A 168 -9.64 13.51 40.06
C LEU A 168 -9.73 12.98 41.49
N SER A 169 -8.66 12.37 42.00
CA SER A 169 -8.66 11.74 43.31
C SER A 169 -7.85 12.57 44.29
N GLN A 170 -8.13 12.35 45.58
CA GLN A 170 -7.39 12.96 46.68
C GLN A 170 -6.50 11.90 47.31
N PHE A 171 -5.23 12.24 47.49
CA PHE A 171 -4.24 11.29 47.98
C PHE A 171 -2.98 12.06 48.31
N ALA A 172 -1.97 11.34 48.80
CA ALA A 172 -0.68 11.93 49.09
C ALA A 172 0.37 10.83 49.06
N ILE A 173 1.55 11.16 48.55
CA ILE A 173 2.68 10.23 48.52
C ILE A 173 3.67 10.68 49.59
N TYR A 174 3.95 9.78 50.54
CA TYR A 174 4.92 10.04 51.59
C TYR A 174 6.24 9.43 51.14
N GLY A 175 7.09 10.24 50.53
CA GLY A 175 8.32 9.77 49.94
C GLY A 175 9.53 9.93 50.86
N ASP A 176 10.62 9.27 50.46
CA ASP A 176 11.90 9.34 51.14
C ASP A 176 11.78 8.87 52.59
N LYS A 177 11.73 9.82 53.54
CA LYS A 177 11.70 9.51 54.95
C LYS A 177 10.71 10.37 55.74
N GLN A 178 10.07 11.34 55.10
CA GLN A 178 9.28 12.30 55.87
C GLN A 178 8.03 12.79 55.15
N GLU A 179 8.20 13.80 54.30
CA GLU A 179 7.12 14.72 53.94
C GLU A 179 6.03 14.04 53.11
N GLU A 180 4.87 14.70 53.10
CA GLU A 180 3.75 14.33 52.26
C GLU A 180 3.79 15.17 50.98
N MET A 181 3.52 14.52 49.84
CA MET A 181 3.57 15.16 48.53
C MET A 181 2.21 15.07 47.85
N VAL A 182 1.79 16.18 47.25
CA VAL A 182 0.44 16.32 46.71
C VAL A 182 0.53 16.97 45.34
N VAL A 183 -0.32 16.50 44.42
CA VAL A 183 -0.42 17.07 43.08
C VAL A 183 -1.48 18.17 43.11
N PHE A 184 -1.02 19.42 43.23
CA PHE A 184 -1.91 20.55 43.04
C PHE A 184 -2.18 20.74 41.55
N THR A 185 -3.20 21.55 41.25
CA THR A 185 -3.45 21.93 39.87
C THR A 185 -2.26 22.73 39.34
N SER A 186 -1.58 22.18 38.33
CA SER A 186 -0.30 22.71 37.91
C SER A 186 -0.30 22.98 36.41
N PRO A 187 0.43 24.01 35.98
CA PRO A 187 0.61 24.22 34.53
C PRO A 187 1.51 23.13 33.96
N VAL A 188 1.14 22.66 32.77
CA VAL A 188 1.97 21.71 32.03
C VAL A 188 2.84 22.52 31.07
N THR A 189 4.10 22.13 30.94
CA THR A 189 5.08 22.90 30.22
C THR A 189 5.43 22.21 28.90
N LYS A 190 6.27 22.87 28.11
CA LYS A 190 6.81 22.25 26.92
C LYS A 190 7.61 21.00 27.27
N GLU A 191 8.30 21.02 28.42
CA GLU A 191 9.08 19.85 28.83
C GLU A 191 8.18 18.72 29.29
N ASP A 192 7.09 19.05 29.99
CA ASP A 192 6.12 18.03 30.39
C ASP A 192 5.48 17.36 29.18
N LEU A 193 5.37 18.08 28.06
CA LEU A 193 4.76 17.50 26.87
C LEU A 193 5.68 16.51 26.16
N ASP A 194 6.97 16.54 26.46
CA ASP A 194 7.92 15.58 25.90
C ASP A 194 8.11 14.35 26.78
N ASN A 195 7.44 14.29 27.92
CA ASN A 195 7.54 13.17 28.85
C ASN A 195 6.16 12.63 29.19
N LEU A 196 5.34 12.43 28.16
CA LEU A 196 3.98 11.95 28.33
C LEU A 196 3.89 10.43 28.39
N GLU A 197 5.02 9.72 28.41
CA GLU A 197 4.98 8.26 28.35
C GLU A 197 4.42 7.63 29.62
N GLY A 198 4.44 8.36 30.74
CA GLY A 198 3.88 7.85 31.98
C GLY A 198 2.38 7.79 32.02
N LEU A 199 1.69 8.30 30.99
CA LEU A 199 0.22 8.26 30.98
C LEU A 199 -0.33 6.85 30.86
N GLN A 200 0.46 5.91 30.32
CA GLN A 200 0.00 4.53 30.22
C GLN A 200 -0.11 3.85 31.56
N PHE A 201 0.37 4.46 32.64
CA PHE A 201 0.27 3.90 33.97
C PHE A 201 -0.73 4.63 34.86
N CYS A 202 -1.16 5.83 34.47
CA CYS A 202 -2.13 6.61 35.22
C CYS A 202 -2.58 7.81 34.39
N PRO A 203 -3.87 7.91 34.07
CA PRO A 203 -4.35 9.09 33.34
C PRO A 203 -4.34 10.32 34.22
N MET A 204 -4.55 11.47 33.57
CA MET A 204 -4.72 12.73 34.27
C MET A 204 -5.85 13.49 33.62
N THR A 205 -6.28 14.56 34.29
CA THR A 205 -7.34 15.43 33.79
C THR A 205 -6.72 16.78 33.43
N PHE A 206 -6.86 17.17 32.16
CA PHE A 206 -6.33 18.42 31.66
C PHE A 206 -7.46 19.39 31.36
N GLN A 207 -7.20 20.67 31.59
CA GLN A 207 -8.23 21.70 31.45
C GLN A 207 -7.67 22.95 30.79
N GLU A 208 -8.53 23.61 30.01
CA GLU A 208 -8.21 24.91 29.45
C GLU A 208 -7.93 25.92 30.56
N ASN A 209 -6.76 26.54 30.52
CA ASN A 209 -6.38 27.56 31.50
C ASN A 209 -7.02 28.87 31.08
N ILE A 210 -8.08 29.27 31.77
CA ILE A 210 -8.85 30.47 31.44
C ILE A 210 -8.33 31.62 32.29
N PRO A 211 -7.83 32.70 31.69
CA PRO A 211 -7.42 33.86 32.48
C PRO A 211 -8.61 34.49 33.17
N LYS A 212 -8.48 34.73 34.47
CA LYS A 212 -9.59 35.13 35.30
C LYS A 212 -9.28 36.44 36.00
N ALA A 213 -10.31 37.25 36.20
CA ALA A 213 -10.21 38.45 37.00
C ALA A 213 -10.59 38.19 38.45
N LEU A 214 -11.58 37.33 38.68
CA LEU A 214 -12.06 37.02 40.01
C LEU A 214 -12.22 35.52 40.18
N GLU A 215 -12.04 35.07 41.41
CA GLU A 215 -12.38 33.71 41.83
C GLU A 215 -13.59 33.77 42.76
N LEU A 216 -14.60 32.98 42.46
CA LEU A 216 -15.83 32.94 43.25
C LEU A 216 -15.87 31.67 44.09
N ARG A 217 -16.23 31.81 45.36
CA ARG A 217 -16.51 30.69 46.24
C ARG A 217 -17.96 30.77 46.67
N ILE A 218 -18.78 29.86 46.18
CA ILE A 218 -20.23 29.91 46.35
C ILE A 218 -20.66 28.74 47.22
N THR A 219 -21.22 29.04 48.38
CA THR A 219 -21.71 28.04 49.32
C THR A 219 -23.23 28.13 49.37
N ILE A 220 -23.90 27.02 49.08
CA ILE A 220 -25.35 26.97 49.02
C ILE A 220 -25.85 26.06 50.13
N VAL A 221 -26.81 26.55 50.91
CA VAL A 221 -27.46 25.78 51.96
C VAL A 221 -28.96 25.82 51.69
N GLY A 222 -29.51 24.72 51.17
CA GLY A 222 -30.90 24.71 50.77
C GLY A 222 -31.08 25.52 49.50
N GLU A 223 -31.62 26.73 49.64
CA GLU A 223 -31.72 27.67 48.53
C GLU A 223 -31.11 29.03 48.89
N GLN A 224 -30.32 29.08 49.95
CA GLN A 224 -29.61 30.28 50.36
C GLN A 224 -28.21 30.25 49.78
N ILE A 225 -27.82 31.34 49.10
CA ILE A 225 -26.59 31.37 48.32
C ILE A 225 -25.65 32.39 48.92
N PHE A 226 -24.49 31.91 49.39
CA PHE A 226 -23.44 32.77 49.92
C PHE A 226 -22.31 32.83 48.89
N THR A 227 -22.14 34.00 48.26
CA THR A 227 -21.17 34.18 47.20
C THR A 227 -20.05 35.09 47.69
N ALA A 228 -18.81 34.63 47.54
CA ALA A 228 -17.63 35.38 47.93
C ALA A 228 -16.67 35.45 46.75
N ALA A 229 -16.02 36.60 46.57
CA ALA A 229 -15.11 36.83 45.46
C ALA A 229 -13.78 37.35 45.97
N ILE A 230 -12.73 37.09 45.21
CA ILE A 230 -11.39 37.58 45.52
C ILE A 230 -10.68 37.89 44.21
N ASN A 231 -9.95 39.00 44.18
CA ASN A 231 -9.17 39.40 43.02
C ASN A 231 -7.85 38.65 43.05
N SER A 232 -7.68 37.69 42.15
CA SER A 232 -6.46 36.91 42.07
C SER A 232 -5.52 37.40 40.98
N GLN A 233 -5.87 38.49 40.30
CA GLN A 233 -5.06 38.99 39.19
C GLN A 233 -3.67 39.37 39.67
N GLN A 234 -2.65 38.68 39.16
CA GLN A 234 -1.29 39.09 39.42
C GLN A 234 -0.98 40.42 38.75
N LEU A 235 -1.55 40.66 37.57
CA LEU A 235 -1.49 41.95 36.89
C LEU A 235 -2.93 42.44 36.72
N ASP A 236 -3.35 43.37 37.55
CA ASP A 236 -4.69 43.94 37.48
C ASP A 236 -4.67 45.15 36.56
N GLY A 237 -5.43 45.08 35.47
CA GLY A 237 -5.39 46.15 34.48
C GLY A 237 -5.96 47.46 35.00
N ALA A 238 -7.08 47.39 35.73
CA ALA A 238 -7.76 48.60 36.19
C ALA A 238 -6.90 49.42 37.15
N ILE A 239 -6.00 48.76 37.90
CA ILE A 239 -5.16 49.46 38.87
C ILE A 239 -3.77 49.77 38.33
N TYR A 240 -3.40 49.23 37.16
CA TYR A 240 -2.04 49.37 36.67
C TYR A 240 -1.62 50.82 36.54
N ASP A 241 -0.40 51.11 36.98
CA ASP A 241 0.17 52.46 36.89
C ASP A 241 1.68 52.32 36.77
N TRP A 242 2.24 52.91 35.71
CA TRP A 242 3.68 52.84 35.50
C TRP A 242 4.44 53.53 36.62
N ARG A 243 3.83 54.54 37.24
CA ARG A 243 4.43 55.18 38.41
C ARG A 243 4.44 54.25 39.62
N LYS A 244 3.28 53.67 39.94
CA LYS A 244 3.17 52.71 41.02
C LYS A 244 3.40 51.29 40.54
N HIS A 250 -3.03 44.61 49.73
CA HIS A 250 -3.33 43.18 49.67
C HIS A 250 -4.78 42.96 49.25
N GLN A 251 -5.27 41.73 49.39
CA GLN A 251 -6.62 41.39 48.98
C GLN A 251 -7.20 40.37 49.94
N GLN A 252 -8.52 40.27 49.95
CA GLN A 252 -9.21 39.29 50.78
C GLN A 252 -10.60 39.05 50.19
N TRP A 253 -11.25 38.00 50.69
CA TRP A 253 -12.55 37.62 50.14
C TRP A 253 -13.62 38.64 50.51
N GLN A 254 -14.49 38.98 49.57
CA GLN A 254 -15.54 39.95 49.85
C GLN A 254 -16.88 39.54 49.24
N PRO A 255 -17.97 39.96 49.84
CA PRO A 255 -19.29 39.60 49.31
C PRO A 255 -19.38 39.94 47.83
N TYR A 256 -20.22 39.19 47.12
CA TYR A 256 -20.37 39.37 45.68
C TYR A 256 -21.79 38.99 45.30
N ASP A 257 -22.37 39.74 44.37
CA ASP A 257 -23.73 39.50 43.91
C ASP A 257 -23.70 38.82 42.55
N LEU A 258 -24.02 37.53 42.53
CA LEU A 258 -24.15 36.81 41.28
C LEU A 258 -25.33 37.36 40.47
N PRO A 259 -25.25 37.31 39.14
CA PRO A 259 -26.45 37.54 38.33
C PRO A 259 -27.52 36.53 38.71
N LYS A 260 -28.77 36.98 38.73
CA LYS A 260 -29.87 36.10 39.10
C LYS A 260 -29.98 34.90 38.15
N THR A 261 -29.46 35.02 36.92
CA THR A 261 -29.44 33.89 36.01
C THR A 261 -28.46 32.82 36.46
N ILE A 262 -27.26 33.25 36.90
CA ILE A 262 -26.29 32.30 37.42
C ILE A 262 -26.80 31.65 38.70
N GLU A 263 -27.43 32.44 39.57
CA GLU A 263 -27.97 31.88 40.81
C GLU A 263 -29.04 30.84 40.52
N LYS A 264 -29.92 31.10 39.56
CA LYS A 264 -30.97 30.13 39.25
C LYS A 264 -30.40 28.89 38.56
N GLN A 265 -29.30 29.04 37.83
CA GLN A 265 -28.68 27.88 37.19
C GLN A 265 -27.97 27.01 38.21
N LEU A 266 -27.31 27.62 39.19
CA LEU A 266 -26.67 26.84 40.24
C LEU A 266 -27.70 26.12 41.11
N LEU A 267 -28.87 26.73 41.30
CA LEU A 267 -29.92 26.05 42.04
C LEU A 267 -30.46 24.86 41.26
N GLU A 268 -30.57 24.98 39.93
CA GLU A 268 -30.96 23.82 39.14
C GLU A 268 -29.89 22.75 39.16
N LEU A 269 -28.62 23.16 39.31
CA LEU A 269 -27.54 22.18 39.44
C LEU A 269 -27.66 21.42 40.76
N MET A 270 -27.96 22.14 41.84
CA MET A 270 -28.19 21.48 43.13
C MET A 270 -29.39 20.55 43.06
N LYS A 271 -30.47 21.01 42.42
CA LYS A 271 -31.69 20.21 42.37
C LYS A 271 -31.52 18.95 41.54
N TYR A 272 -30.70 19.02 40.48
CA TYR A 272 -30.47 17.83 39.66
C TYR A 272 -29.80 16.73 40.48
N PHE A 273 -28.74 17.10 41.21
CA PHE A 273 -28.01 16.12 42.02
C PHE A 273 -28.70 15.80 43.34
N GLY A 274 -29.72 16.57 43.73
CA GLY A 274 -30.43 16.34 44.97
C GLY A 274 -29.71 16.83 46.19
N LEU A 275 -28.94 17.91 46.09
CA LEU A 275 -28.13 18.39 47.19
C LEU A 275 -28.81 19.58 47.87
N ASN A 276 -28.64 19.65 49.19
CA ASN A 276 -29.00 20.84 49.96
C ASN A 276 -27.78 21.54 50.55
N TYR A 277 -26.57 21.06 50.28
CA TYR A 277 -25.34 21.78 50.58
C TYR A 277 -24.37 21.57 49.42
N GLY A 278 -23.57 22.60 49.15
CA GLY A 278 -22.57 22.49 48.11
C GLY A 278 -21.61 23.65 48.08
N ALA A 279 -20.32 23.37 47.89
CA ALA A 279 -19.31 24.39 47.71
C ALA A 279 -18.94 24.44 46.23
N ILE A 280 -19.28 25.54 45.57
CA ILE A 280 -19.14 25.68 44.13
C ILE A 280 -18.01 26.66 43.84
N ASP A 281 -17.17 26.30 42.87
CA ASP A 281 -16.06 27.12 42.43
C ASP A 281 -16.37 27.69 41.05
N MET A 282 -16.27 29.01 40.91
CA MET A 282 -16.42 29.65 39.61
C MET A 282 -15.31 30.69 39.46
N ILE A 283 -15.13 31.16 38.22
CA ILE A 283 -14.22 32.25 37.93
C ILE A 283 -14.93 33.23 37.00
N VAL A 284 -14.51 34.48 37.07
CA VAL A 284 -15.07 35.56 36.24
C VAL A 284 -13.93 36.16 35.42
N THR A 285 -14.11 36.18 34.11
CA THR A 285 -13.14 36.78 33.22
C THR A 285 -13.16 38.30 33.37
N PRO A 286 -12.14 38.99 32.86
CA PRO A 286 -12.21 40.45 32.82
C PRO A 286 -13.41 40.98 32.04
N ASP A 287 -13.85 40.29 30.98
CA ASP A 287 -15.07 40.65 30.26
C ASP A 287 -16.32 40.01 30.86
N GLU A 288 -16.27 39.63 32.14
CA GLU A 288 -17.45 39.25 32.93
C GLU A 288 -18.17 38.03 32.36
N ARG A 289 -17.40 37.03 31.95
CA ARG A 289 -17.95 35.72 31.62
C ARG A 289 -17.79 34.81 32.84
N TYR A 290 -18.86 34.11 33.20
CA TYR A 290 -18.87 33.24 34.38
C TYR A 290 -18.67 31.80 33.94
N ILE A 291 -17.59 31.19 34.42
CA ILE A 291 -17.22 29.82 34.08
C ILE A 291 -17.40 28.95 35.30
N PHE A 292 -18.18 27.87 35.16
CA PHE A 292 -18.34 26.90 36.22
C PHE A 292 -17.14 25.97 36.25
N LEU A 293 -16.57 25.76 37.44
CA LEU A 293 -15.43 24.86 37.61
C LEU A 293 -15.83 23.55 38.29
N GLU A 294 -16.38 23.63 39.50
CA GLU A 294 -16.56 22.44 40.32
C GLU A 294 -17.57 22.71 41.43
N ILE A 295 -18.35 21.69 41.76
CA ILE A 295 -19.16 21.68 42.99
C ILE A 295 -18.67 20.53 43.86
N ASN A 296 -18.33 20.84 45.09
CA ASN A 296 -17.91 19.83 46.05
C ASN A 296 -19.01 19.65 47.10
N PRO A 297 -19.73 18.54 47.10
CA PRO A 297 -20.85 18.38 48.04
C PRO A 297 -20.44 18.38 49.51
N VAL A 298 -19.15 18.30 49.82
CA VAL A 298 -18.68 18.33 51.20
C VAL A 298 -17.52 19.31 51.33
N GLY A 299 -17.51 20.33 50.49
CA GLY A 299 -16.46 21.34 50.56
C GLY A 299 -16.55 22.17 51.84
N GLU A 300 -15.41 22.76 52.19
CA GLU A 300 -15.29 23.50 53.43
C GLU A 300 -16.02 24.84 53.34
N PHE A 301 -16.20 25.46 54.50
CA PHE A 301 -16.90 26.74 54.53
C PHE A 301 -16.41 27.60 55.68
N PHE A 302 -15.70 26.98 56.63
CA PHE A 302 -15.34 27.69 57.86
C PHE A 302 -14.45 28.89 57.59
N TRP A 303 -13.61 28.83 56.54
CA TRP A 303 -12.72 29.96 56.28
C TRP A 303 -13.44 31.14 55.65
N LEU A 304 -14.71 30.99 55.29
CA LEU A 304 -15.55 32.12 54.88
C LEU A 304 -16.39 32.66 56.01
N GLU A 305 -16.42 31.97 57.15
CA GLU A 305 -17.17 32.39 58.33
C GLU A 305 -16.28 32.99 59.41
N LEU A 306 -15.18 32.31 59.76
CA LEU A 306 -14.27 32.85 60.77
C LEU A 306 -13.38 33.95 60.23
N TYR A 307 -13.31 34.09 58.91
CA TYR A 307 -12.53 35.11 58.23
C TYR A 307 -13.46 35.82 57.26
N PRO A 308 -13.05 36.99 56.74
CA PRO A 308 -13.95 37.72 55.83
C PRO A 308 -14.42 36.86 54.67
N PRO A 309 -15.65 37.10 54.20
CA PRO A 309 -16.51 38.14 54.77
C PRO A 309 -17.32 37.69 55.99
N TYR A 310 -16.72 36.85 56.83
CA TYR A 310 -17.40 36.35 58.02
C TYR A 310 -18.84 35.96 57.74
N PHE A 311 -19.02 34.98 56.85
CA PHE A 311 -20.36 34.52 56.50
C PHE A 311 -20.95 33.64 57.60
N PRO A 312 -22.30 33.81 57.85
CA PRO A 312 -22.83 32.95 58.92
C PRO A 312 -23.44 31.69 58.32
N ILE A 313 -22.58 30.80 57.84
CA ILE A 313 -23.03 29.55 57.22
C ILE A 313 -23.39 28.48 58.24
N SER A 314 -22.61 28.38 59.32
CA SER A 314 -22.87 27.37 60.33
C SER A 314 -24.27 27.53 60.92
N GLN A 315 -24.75 28.76 61.01
CA GLN A 315 -26.14 28.98 61.45
C GLN A 315 -27.12 28.41 60.44
N ALA A 316 -26.87 28.64 59.14
CA ALA A 316 -27.80 28.16 58.12
C ALA A 316 -27.81 26.64 58.07
N ILE A 317 -26.65 26.01 58.27
CA ILE A 317 -26.57 24.55 58.27
C ILE A 317 -27.32 23.98 59.46
N ALA A 318 -27.09 24.55 60.65
CA ALA A 318 -27.78 24.08 61.84
C ALA A 318 -29.29 24.26 61.71
N GLU A 319 -29.73 25.32 61.02
CA GLU A 319 -31.17 25.54 60.86
C GLU A 319 -31.79 24.47 59.96
N ILE A 320 -31.19 24.22 58.80
CA ILE A 320 -31.77 23.23 57.89
C ILE A 320 -31.66 21.84 58.48
N LEU A 321 -30.70 21.62 59.38
CA LEU A 321 -30.57 20.31 60.01
C LEU A 321 -31.70 20.07 61.02
N VAL A 322 -32.01 21.07 61.84
CA VAL A 322 -33.05 20.91 62.84
C VAL A 322 -34.44 21.27 62.33
N ASN A 323 -34.54 22.05 61.24
CA ASN A 323 -35.83 22.40 60.65
C ASN A 323 -36.21 21.48 59.50
N SER A 324 -35.33 20.55 59.12
CA SER A 324 -35.53 19.68 57.97
C SER A 324 -35.72 20.51 56.70
N ALA A 325 -36.93 20.98 56.46
CA ALA A 325 -37.23 21.78 55.27
C ALA A 325 -37.91 23.09 55.66
N THR B 2 -24.74 1.29 19.91
CA THR B 2 -23.75 0.29 20.30
C THR B 2 -23.78 0.08 21.81
N VAL B 3 -23.77 -1.18 22.22
CA VAL B 3 -23.79 -1.54 23.63
C VAL B 3 -22.35 -1.57 24.15
N LEU B 4 -22.06 -0.69 25.09
CA LEU B 4 -20.79 -0.73 25.78
C LEU B 4 -20.84 -1.79 26.87
N ILE B 5 -19.85 -2.68 26.90
CA ILE B 5 -19.80 -3.76 27.88
C ILE B 5 -18.59 -3.51 28.77
N VAL B 6 -18.83 -3.22 30.04
CA VAL B 6 -17.80 -2.86 30.99
C VAL B 6 -17.45 -4.12 31.78
N THR B 7 -16.32 -4.74 31.43
CA THR B 7 -15.90 -5.98 32.06
C THR B 7 -14.41 -5.95 32.35
N PHE B 8 -13.74 -7.10 32.28
CA PHE B 8 -12.28 -7.15 32.33
C PHE B 8 -11.82 -8.38 31.55
N SER B 9 -10.50 -8.42 31.28
CA SER B 9 -9.96 -9.39 30.34
C SER B 9 -10.13 -10.82 30.81
N ARG B 10 -10.07 -11.07 32.12
CA ARG B 10 -10.14 -12.42 32.65
C ARG B 10 -11.54 -12.79 33.13
N ASP B 11 -12.56 -12.06 32.71
CA ASP B 11 -13.92 -12.40 33.05
C ASP B 11 -14.38 -13.60 32.22
N ASN B 12 -15.36 -14.33 32.75
CA ASN B 12 -15.70 -15.66 32.26
C ASN B 12 -16.47 -15.56 30.94
N GLU B 13 -17.00 -16.71 30.49
CA GLU B 13 -17.71 -16.91 29.24
C GLU B 13 -19.10 -16.25 29.19
N SER B 14 -19.46 -15.38 30.15
CA SER B 14 -20.73 -14.67 30.06
C SER B 14 -20.68 -13.59 29.00
N ILE B 15 -19.55 -12.90 28.88
CA ILE B 15 -19.39 -11.81 27.91
C ILE B 15 -19.62 -12.31 26.48
N PRO B 16 -18.89 -13.32 25.99
CA PRO B 16 -19.07 -13.70 24.58
C PRO B 16 -20.50 -14.07 24.23
N LEU B 17 -21.20 -14.81 25.10
CA LEU B 17 -22.56 -15.21 24.79
C LEU B 17 -23.49 -14.00 24.70
N VAL B 18 -23.35 -13.07 25.65
CA VAL B 18 -24.12 -11.83 25.59
C VAL B 18 -23.77 -11.08 24.30
N ILE B 19 -22.49 -11.03 23.94
CA ILE B 19 -22.08 -10.34 22.73
C ILE B 19 -22.69 -11.00 21.50
N LYS B 20 -22.54 -12.33 21.38
CA LYS B 20 -23.09 -13.04 20.23
C LYS B 20 -24.61 -12.87 20.15
N ALA B 21 -25.28 -12.87 21.31
CA ALA B 21 -26.72 -12.66 21.34
C ALA B 21 -27.10 -11.23 20.94
N ILE B 22 -26.27 -10.25 21.30
CA ILE B 22 -26.49 -8.88 20.84
C ILE B 22 -26.23 -8.80 19.34
N GLU B 23 -25.12 -9.38 18.88
CA GLU B 23 -24.78 -9.32 17.46
C GLU B 23 -25.81 -10.06 16.62
N ALA B 24 -26.25 -11.22 17.09
CA ALA B 24 -27.26 -11.99 16.35
C ALA B 24 -28.59 -11.27 16.27
N MET B 25 -28.81 -10.27 17.12
CA MET B 25 -30.03 -9.47 17.07
C MET B 25 -29.87 -8.22 16.20
N GLY B 26 -28.79 -8.13 15.44
CA GLY B 26 -28.61 -7.04 14.50
C GLY B 26 -28.02 -5.77 15.06
N LYS B 27 -27.41 -5.81 16.24
CA LYS B 27 -26.77 -4.65 16.84
C LYS B 27 -25.29 -4.92 17.07
N LYS B 28 -24.57 -3.86 17.45
CA LYS B 28 -23.13 -3.91 17.65
C LYS B 28 -22.82 -3.82 19.14
N ALA B 29 -21.65 -4.31 19.51
CA ALA B 29 -21.24 -4.33 20.91
C ALA B 29 -19.74 -4.17 21.00
N PHE B 30 -19.30 -3.31 21.92
CA PHE B 30 -17.89 -3.07 22.18
C PHE B 30 -17.55 -3.57 23.58
N ARG B 31 -16.51 -4.40 23.67
CA ARG B 31 -16.04 -4.93 24.95
C ARG B 31 -14.93 -4.03 25.49
N PHE B 32 -15.12 -3.53 26.71
CA PHE B 32 -14.16 -2.63 27.35
C PHE B 32 -13.60 -3.34 28.58
N ASP B 33 -12.37 -3.84 28.48
CA ASP B 33 -11.72 -4.52 29.60
C ASP B 33 -11.11 -3.47 30.52
N THR B 34 -11.71 -3.31 31.71
CA THR B 34 -11.27 -2.26 32.63
C THR B 34 -9.87 -2.50 33.15
N ASP B 35 -9.44 -3.76 33.24
CA ASP B 35 -8.10 -4.03 33.76
C ASP B 35 -7.01 -3.68 32.77
N ARG B 36 -7.31 -3.66 31.47
CA ARG B 36 -6.33 -3.34 30.45
C ARG B 36 -6.21 -1.83 30.19
N PHE B 37 -6.91 -1.01 30.97
CA PHE B 37 -6.69 0.43 31.00
C PHE B 37 -5.94 0.75 32.28
N PRO B 38 -4.95 1.67 32.23
CA PRO B 38 -4.50 2.47 31.09
C PRO B 38 -3.32 1.88 30.33
N THR B 39 -2.88 0.68 30.73
CA THR B 39 -1.67 0.10 30.16
C THR B 39 -1.84 -0.23 28.68
N GLU B 40 -3.06 -0.53 28.25
CA GLU B 40 -3.25 -0.96 26.87
C GLU B 40 -4.35 -0.18 26.17
N VAL B 41 -5.51 -0.06 26.81
CA VAL B 41 -6.65 0.61 26.20
C VAL B 41 -6.51 2.11 26.37
N LYS B 42 -6.81 2.86 25.31
CA LYS B 42 -6.78 4.31 25.32
C LYS B 42 -8.20 4.84 25.49
N VAL B 43 -8.39 5.70 26.49
CA VAL B 43 -9.65 6.41 26.68
C VAL B 43 -9.39 7.91 26.66
N ASP B 44 -10.29 8.65 26.02
CA ASP B 44 -10.18 10.10 25.89
C ASP B 44 -11.56 10.68 26.18
N LEU B 45 -11.69 11.36 27.32
CA LEU B 45 -12.97 11.88 27.79
C LEU B 45 -12.95 13.40 27.70
N TYR B 46 -13.72 13.95 26.76
CA TYR B 46 -13.76 15.38 26.52
C TYR B 46 -15.00 15.98 27.17
N SER B 47 -14.81 17.14 27.81
CA SER B 47 -15.90 17.89 28.42
C SER B 47 -15.86 19.33 27.93
N GLY B 48 -17.03 19.89 27.67
CA GLY B 48 -17.09 21.26 27.18
C GLY B 48 -17.72 21.34 25.82
N GLY B 49 -17.40 22.40 25.07
CA GLY B 49 -17.96 22.55 23.74
C GLY B 49 -17.50 21.48 22.77
N GLN B 50 -16.36 20.85 23.07
CA GLN B 50 -15.81 19.83 22.18
C GLN B 50 -16.55 18.50 22.32
N LYS B 51 -15.84 17.40 22.11
CA LYS B 51 -16.47 16.10 21.91
C LYS B 51 -17.00 15.53 23.22
N GLY B 52 -17.43 14.28 23.16
CA GLY B 52 -17.75 13.49 24.33
C GLY B 52 -16.59 12.59 24.71
N GLY B 53 -16.24 11.66 23.84
CA GLY B 53 -15.09 10.81 24.10
C GLY B 53 -14.97 9.68 23.11
N ILE B 54 -13.84 8.98 23.22
CA ILE B 54 -13.55 7.81 22.39
C ILE B 54 -12.73 6.82 23.20
N ILE B 55 -12.97 5.53 22.96
CA ILE B 55 -12.19 4.44 23.54
C ILE B 55 -11.46 3.74 22.41
N THR B 56 -10.15 3.57 22.55
CA THR B 56 -9.32 2.95 21.53
C THR B 56 -8.67 1.70 22.09
N ASP B 57 -8.83 0.58 21.38
CA ASP B 57 -8.27 -0.72 21.79
C ASP B 57 -7.75 -1.41 20.52
N GLY B 58 -6.48 -1.18 20.22
CA GLY B 58 -5.89 -1.79 19.04
C GLY B 58 -6.58 -1.30 17.77
N ASP B 59 -7.06 -2.25 16.96
CA ASP B 59 -7.80 -1.89 15.77
C ASP B 59 -9.21 -1.43 16.10
N GLN B 60 -9.74 -1.79 17.26
CA GLN B 60 -11.10 -1.45 17.64
C GLN B 60 -11.15 -0.10 18.33
N LYS B 61 -12.11 0.73 17.91
CA LYS B 61 -12.35 2.03 18.52
C LYS B 61 -13.85 2.18 18.75
N LEU B 62 -14.19 2.95 19.79
CA LEU B 62 -15.57 3.23 20.12
C LEU B 62 -15.75 4.72 20.37
N GLU B 63 -16.59 5.36 19.57
CA GLU B 63 -16.98 6.75 19.82
C GLU B 63 -18.14 6.73 20.81
N LEU B 64 -17.95 7.36 21.97
CA LEU B 64 -18.96 7.32 23.02
C LEU B 64 -20.28 7.94 22.60
N LYS B 65 -20.33 8.63 21.45
CA LYS B 65 -21.59 9.18 20.96
C LYS B 65 -22.51 8.07 20.47
N GLU B 66 -21.95 6.95 20.03
CA GLU B 66 -22.72 5.85 19.50
C GLU B 66 -23.13 4.83 20.56
N VAL B 67 -22.95 5.16 21.84
CA VAL B 67 -23.28 4.24 22.92
C VAL B 67 -24.78 4.33 23.19
N SER B 68 -25.50 3.25 22.91
CA SER B 68 -26.93 3.21 23.15
C SER B 68 -27.32 2.53 24.45
N ALA B 69 -26.42 1.72 25.02
CA ALA B 69 -26.67 1.03 26.27
C ALA B 69 -25.34 0.63 26.88
N VAL B 70 -25.35 0.42 28.20
CA VAL B 70 -24.15 0.06 28.95
C VAL B 70 -24.48 -1.14 29.85
N TRP B 71 -23.69 -2.20 29.75
CA TRP B 71 -23.78 -3.33 30.66
C TRP B 71 -22.71 -3.15 31.73
N TYR B 72 -23.15 -2.75 32.93
CA TYR B 72 -22.24 -2.49 34.05
C TYR B 72 -21.94 -3.83 34.72
N ARG B 73 -20.99 -4.55 34.14
CA ARG B 73 -20.76 -5.95 34.46
C ARG B 73 -19.63 -6.16 35.47
N ARG B 74 -18.39 -5.90 35.07
CA ARG B 74 -17.23 -6.12 35.92
C ARG B 74 -16.34 -4.89 35.89
N MET B 75 -15.88 -4.48 37.07
CA MET B 75 -15.13 -3.23 37.23
C MET B 75 -13.82 -3.54 37.95
N ARG B 76 -12.79 -3.91 37.17
CA ARG B 76 -11.46 -4.18 37.70
C ARG B 76 -10.49 -3.13 37.15
N TYR B 77 -10.68 -1.88 37.57
CA TYR B 77 -9.96 -0.74 36.99
C TYR B 77 -8.44 -0.84 37.18
N GLY B 78 -7.73 -1.15 36.11
CA GLY B 78 -6.28 -1.06 36.10
C GLY B 78 -5.56 -2.11 36.92
N LEU B 79 -6.10 -3.32 37.03
CA LEU B 79 -5.41 -4.36 37.76
C LEU B 79 -4.26 -4.98 36.98
N LYS B 80 -4.11 -4.62 35.70
CA LYS B 80 -2.98 -5.09 34.91
C LYS B 80 -1.79 -4.13 34.95
N LEU B 81 -1.78 -3.20 35.90
CA LEU B 81 -0.57 -2.43 36.16
C LEU B 81 0.57 -3.38 36.51
N PRO B 82 1.79 -3.09 36.05
CA PRO B 82 2.92 -3.94 36.44
C PRO B 82 3.13 -3.91 37.95
N ASP B 83 3.33 -5.10 38.54
CA ASP B 83 3.57 -5.21 39.97
C ASP B 83 4.93 -4.70 40.39
N GLY B 84 5.87 -4.58 39.45
CA GLY B 84 7.14 -3.92 39.65
C GLY B 84 7.04 -2.42 39.87
N MET B 85 5.84 -1.86 39.88
CA MET B 85 5.66 -0.43 40.13
C MET B 85 5.69 -0.14 41.63
N ASP B 86 6.06 1.10 41.97
CA ASP B 86 6.03 1.54 43.36
C ASP B 86 4.62 1.40 43.93
N SER B 87 4.52 0.84 45.14
CA SER B 87 3.20 0.57 45.71
C SER B 87 2.44 1.86 46.01
N GLN B 88 3.16 2.91 46.42
CA GLN B 88 2.49 4.19 46.66
C GLN B 88 1.90 4.76 45.38
N PHE B 89 2.66 4.72 44.29
CA PHE B 89 2.16 5.21 43.00
C PHE B 89 1.10 4.29 42.43
N ARG B 90 1.17 2.99 42.71
CA ARG B 90 0.22 2.06 42.12
C ARG B 90 -1.17 2.24 42.71
N GLU B 91 -1.28 2.35 44.04
CA GLU B 91 -2.59 2.53 44.65
C GLU B 91 -3.19 3.88 44.27
N ALA B 92 -2.35 4.90 44.15
CA ALA B 92 -2.85 6.20 43.68
C ALA B 92 -3.32 6.12 42.23
N SER B 93 -2.64 5.32 41.41
CA SER B 93 -3.08 5.16 40.02
C SER B 93 -4.39 4.39 39.95
N LEU B 94 -4.56 3.38 40.80
CA LEU B 94 -5.81 2.61 40.82
C LEU B 94 -6.98 3.50 41.21
N LYS B 95 -6.77 4.42 42.15
CA LYS B 95 -7.84 5.31 42.59
C LYS B 95 -8.18 6.34 41.52
N GLU B 96 -7.17 6.79 40.76
CA GLU B 96 -7.42 7.74 39.69
C GLU B 96 -8.09 7.07 38.50
N CYS B 97 -7.64 5.86 38.14
CA CYS B 97 -8.28 5.12 37.06
C CYS B 97 -9.74 4.83 37.38
N ARG B 98 -10.03 4.53 38.64
CA ARG B 98 -11.40 4.19 39.03
C ARG B 98 -12.32 5.39 38.87
N LEU B 99 -11.91 6.55 39.39
CA LEU B 99 -12.75 7.74 39.31
C LEU B 99 -12.91 8.22 37.87
N SER B 100 -11.93 7.95 37.01
CA SER B 100 -12.01 8.37 35.62
C SER B 100 -13.07 7.57 34.87
N ILE B 101 -13.06 6.25 35.02
CA ILE B 101 -14.00 5.42 34.28
C ILE B 101 -15.40 5.52 34.89
N ARG B 102 -15.50 5.66 36.22
CA ARG B 102 -16.80 5.84 36.84
C ARG B 102 -17.48 7.11 36.34
N GLY B 103 -16.72 8.20 36.22
CA GLY B 103 -17.28 9.42 35.67
C GLY B 103 -17.68 9.26 34.21
N MET B 104 -16.90 8.48 33.46
CA MET B 104 -17.27 8.17 32.08
C MET B 104 -18.62 7.46 32.03
N ILE B 105 -18.80 6.44 32.85
CA ILE B 105 -20.03 5.67 32.83
C ILE B 105 -21.21 6.50 33.32
N ALA B 106 -21.00 7.28 34.38
CA ALA B 106 -22.09 8.07 34.93
C ALA B 106 -22.56 9.14 33.94
N SER B 107 -21.64 9.67 33.14
CA SER B 107 -21.99 10.74 32.20
C SER B 107 -22.74 10.23 30.98
N LEU B 108 -22.49 8.97 30.59
CA LEU B 108 -23.12 8.41 29.42
C LEU B 108 -24.63 8.37 29.57
N SER B 109 -25.34 8.67 28.50
CA SER B 109 -26.79 8.56 28.45
C SER B 109 -27.17 7.16 27.95
N GLY B 110 -28.44 6.97 27.63
CA GLY B 110 -28.91 5.66 27.21
C GLY B 110 -29.37 4.81 28.38
N PHE B 111 -29.47 3.51 28.12
CA PHE B 111 -29.95 2.53 29.09
C PHE B 111 -28.77 1.85 29.77
N HIS B 112 -28.73 1.90 31.09
CA HIS B 112 -27.68 1.28 31.88
C HIS B 112 -28.21 0.05 32.60
N LEU B 113 -27.41 -1.01 32.62
CA LEU B 113 -27.78 -2.24 33.33
C LEU B 113 -26.64 -2.66 34.24
N ASP B 114 -26.60 -2.11 35.46
CA ASP B 114 -27.53 -1.08 35.90
C ASP B 114 -26.76 0.24 36.08
N PRO B 115 -27.46 1.35 36.31
CA PRO B 115 -26.74 2.60 36.60
C PRO B 115 -25.86 2.45 37.82
N ILE B 116 -24.75 3.21 37.81
CA ILE B 116 -23.83 3.20 38.95
C ILE B 116 -24.53 3.64 40.22
N ALA B 117 -25.29 4.74 40.15
CA ALA B 117 -25.93 5.26 41.35
C ALA B 117 -26.89 4.25 41.96
N LYS B 118 -27.53 3.44 41.12
CA LYS B 118 -28.41 2.40 41.64
C LYS B 118 -27.61 1.26 42.27
N VAL B 119 -26.52 0.86 41.63
CA VAL B 119 -25.71 -0.23 42.18
C VAL B 119 -25.04 0.21 43.48
N ASP B 120 -24.53 1.44 43.54
CA ASP B 120 -23.92 1.91 44.78
C ASP B 120 -24.93 1.98 45.91
N HIS B 121 -26.19 2.21 45.60
CA HIS B 121 -27.20 2.33 46.64
C HIS B 121 -27.67 0.96 47.13
N ALA B 122 -27.78 -0.01 46.21
CA ALA B 122 -28.15 -1.36 46.58
C ALA B 122 -27.00 -2.14 47.22
N ASN B 123 -25.78 -1.59 47.24
CA ASN B 123 -24.64 -2.28 47.83
C ASN B 123 -24.67 -2.29 49.35
N HIS B 124 -25.51 -1.46 49.98
CA HIS B 124 -25.63 -1.45 51.44
C HIS B 124 -26.48 -2.64 51.85
N LYS B 125 -25.82 -3.69 52.35
CA LYS B 125 -26.55 -4.91 52.71
C LYS B 125 -27.48 -4.67 53.90
N GLN B 126 -27.13 -3.74 54.79
CA GLN B 126 -28.05 -3.42 55.89
C GLN B 126 -29.32 -2.77 55.36
N LEU B 127 -29.19 -1.97 54.30
CA LEU B 127 -30.37 -1.38 53.67
C LEU B 127 -31.18 -2.42 52.91
N GLN B 128 -30.52 -3.44 52.34
CA GLN B 128 -31.26 -4.50 51.66
C GLN B 128 -32.19 -5.22 52.62
N LEU B 129 -31.67 -5.60 53.79
CA LEU B 129 -32.49 -6.33 54.76
C LEU B 129 -33.61 -5.45 55.30
N GLN B 130 -33.34 -4.16 55.49
CA GLN B 130 -34.36 -3.25 56.00
C GLN B 130 -35.50 -3.07 55.01
N VAL B 131 -35.16 -2.88 53.73
CA VAL B 131 -36.19 -2.67 52.71
C VAL B 131 -36.92 -3.98 52.43
N ALA B 132 -36.20 -5.10 52.43
CA ALA B 132 -36.86 -6.39 52.25
C ALA B 132 -37.84 -6.65 53.38
N ARG B 133 -37.49 -6.27 54.60
CA ARG B 133 -38.42 -6.45 55.71
C ARG B 133 -39.62 -5.51 55.60
N GLN B 134 -39.40 -4.27 55.14
CA GLN B 134 -40.49 -3.33 54.96
C GLN B 134 -41.47 -3.78 53.89
N LEU B 135 -41.05 -4.66 52.98
CA LEU B 135 -41.92 -5.18 51.94
C LEU B 135 -42.61 -6.47 52.33
N GLY B 136 -42.29 -7.01 53.51
CA GLY B 136 -42.92 -8.23 53.99
C GLY B 136 -42.09 -9.48 53.87
N LEU B 137 -40.79 -9.37 53.57
CA LEU B 137 -39.93 -10.54 53.46
C LEU B 137 -39.25 -10.82 54.79
N LEU B 138 -39.17 -12.10 55.15
CA LEU B 138 -38.48 -12.50 56.36
C LEU B 138 -36.97 -12.36 56.18
N ILE B 139 -36.31 -11.79 57.18
CA ILE B 139 -34.85 -11.60 57.15
C ILE B 139 -34.25 -12.20 58.41
N PRO B 140 -33.05 -12.76 58.34
CA PRO B 140 -32.41 -13.29 59.54
C PRO B 140 -31.96 -12.16 60.47
N GLY B 141 -32.09 -12.39 61.77
CA GLY B 141 -31.62 -11.45 62.76
C GLY B 141 -30.14 -11.16 62.58
N THR B 142 -29.80 -9.89 62.38
CA THR B 142 -28.46 -9.49 61.98
C THR B 142 -27.91 -8.48 62.96
N LEU B 143 -26.62 -8.60 63.27
CA LEU B 143 -25.91 -7.63 64.11
C LEU B 143 -24.56 -7.35 63.50
N THR B 144 -24.37 -6.12 63.01
CA THR B 144 -23.05 -5.61 62.67
C THR B 144 -22.52 -4.82 63.86
N SER B 145 -21.34 -5.21 64.35
CA SER B 145 -20.88 -4.64 65.61
C SER B 145 -19.38 -4.83 65.75
N ASN B 146 -18.77 -3.90 66.50
CA ASN B 146 -17.42 -4.06 67.02
C ASN B 146 -17.42 -4.19 68.53
N ASN B 147 -18.54 -4.59 69.11
CA ASN B 147 -18.75 -4.59 70.56
C ASN B 147 -18.90 -6.02 71.06
N PRO B 148 -17.91 -6.58 71.76
CA PRO B 148 -18.05 -7.98 72.22
C PRO B 148 -19.25 -8.23 73.11
N GLU B 149 -19.60 -7.28 73.98
CA GLU B 149 -20.74 -7.47 74.88
C GLU B 149 -22.04 -7.65 74.10
N ALA B 150 -22.25 -6.82 73.07
CA ALA B 150 -23.46 -6.96 72.27
C ALA B 150 -23.45 -8.25 71.44
N VAL B 151 -22.25 -8.73 71.09
CA VAL B 151 -22.14 -9.97 70.34
C VAL B 151 -22.45 -11.17 71.21
N LYS B 152 -21.94 -11.18 72.45
CA LYS B 152 -22.23 -12.30 73.35
C LYS B 152 -23.72 -12.42 73.61
N GLN B 153 -24.41 -11.30 73.83
CA GLN B 153 -25.85 -11.34 74.01
C GLN B 153 -26.55 -11.83 72.74
N PHE B 154 -26.01 -11.49 71.58
CA PHE B 154 -26.60 -11.93 70.32
C PHE B 154 -26.47 -13.44 70.14
N ALA B 155 -25.36 -14.02 70.62
CA ALA B 155 -25.16 -15.46 70.54
C ALA B 155 -25.98 -16.21 71.58
N GLN B 156 -26.14 -15.63 72.77
CA GLN B 156 -27.03 -16.22 73.77
C GLN B 156 -28.47 -16.17 73.31
N GLU B 157 -28.87 -15.09 72.63
CA GLU B 157 -30.23 -14.96 72.14
C GLU B 157 -30.57 -16.10 71.18
N PHE B 158 -29.67 -16.41 70.26
CA PHE B 158 -29.85 -17.49 69.30
C PHE B 158 -28.96 -18.68 69.64
N GLU B 159 -28.94 -19.05 70.93
CA GLU B 159 -28.11 -20.18 71.37
C GLU B 159 -28.65 -21.50 70.86
N ALA B 160 -29.96 -21.60 70.60
CA ALA B 160 -30.55 -22.87 70.19
C ALA B 160 -30.06 -23.28 68.80
N THR B 161 -30.08 -22.37 67.84
CA THR B 161 -29.64 -22.66 66.49
C THR B 161 -28.24 -22.14 66.18
N GLY B 162 -27.65 -21.34 67.07
CA GLY B 162 -26.34 -20.78 66.83
C GLY B 162 -26.39 -19.56 65.95
N ILE B 163 -25.21 -18.97 65.74
CA ILE B 163 -25.06 -17.83 64.85
C ILE B 163 -23.88 -18.08 63.92
N VAL B 164 -23.89 -17.37 62.80
CA VAL B 164 -22.77 -17.35 61.87
C VAL B 164 -22.25 -15.92 61.80
N THR B 165 -21.03 -15.79 61.29
CA THR B 165 -20.42 -14.49 61.08
C THR B 165 -19.96 -14.37 59.63
N LYS B 166 -19.92 -13.14 59.14
CA LYS B 166 -19.53 -12.90 57.76
C LYS B 166 -19.02 -11.48 57.63
N MET B 167 -18.25 -11.24 56.57
CA MET B 167 -17.71 -9.93 56.26
C MET B 167 -18.60 -9.26 55.22
N LEU B 168 -18.84 -7.95 55.41
CA LEU B 168 -19.60 -7.20 54.42
C LEU B 168 -18.79 -7.01 53.15
N SER B 169 -17.47 -6.94 53.26
CA SER B 169 -16.60 -6.64 52.14
C SER B 169 -16.11 -7.91 51.45
N GLN B 170 -15.61 -7.74 50.23
CA GLN B 170 -14.95 -8.79 49.47
C GLN B 170 -13.46 -8.51 49.44
N PHE B 171 -12.67 -9.51 49.79
CA PHE B 171 -11.21 -9.36 49.79
C PHE B 171 -10.59 -10.75 49.83
N ALA B 172 -9.26 -10.78 49.89
CA ALA B 172 -8.52 -12.03 50.04
C ALA B 172 -7.16 -11.71 50.64
N ILE B 173 -6.76 -12.47 51.65
CA ILE B 173 -5.44 -12.34 52.26
C ILE B 173 -4.54 -13.39 51.63
N TYR B 174 -3.41 -12.95 51.09
CA TYR B 174 -2.44 -13.83 50.46
C TYR B 174 -1.34 -14.15 51.46
N GLY B 175 -1.27 -15.41 51.88
CA GLY B 175 -0.29 -15.83 52.86
C GLY B 175 1.12 -15.80 52.29
N ASP B 176 2.03 -16.43 53.04
CA ASP B 176 3.43 -16.47 52.64
C ASP B 176 3.62 -17.28 51.36
N LYS B 177 2.91 -18.40 51.23
CA LYS B 177 3.00 -19.25 50.05
C LYS B 177 2.18 -18.72 48.88
N GLN B 178 1.77 -17.46 48.92
CA GLN B 178 0.93 -16.84 47.89
C GLN B 178 -0.43 -17.54 47.77
N GLU B 179 -0.80 -18.34 48.76
CA GLU B 179 -2.12 -18.97 48.77
C GLU B 179 -3.19 -17.93 49.09
N GLU B 180 -4.40 -18.18 48.62
CA GLU B 180 -5.50 -17.22 48.71
C GLU B 180 -6.41 -17.60 49.87
N MET B 181 -6.50 -16.72 50.86
CA MET B 181 -7.37 -16.91 52.00
C MET B 181 -8.61 -16.03 51.88
N VAL B 182 -9.74 -16.57 52.35
CA VAL B 182 -11.04 -15.91 52.19
C VAL B 182 -11.89 -16.26 53.41
N VAL B 183 -12.66 -15.27 53.88
CA VAL B 183 -13.56 -15.46 55.01
C VAL B 183 -14.94 -15.81 54.44
N PHE B 184 -15.27 -17.09 54.45
CA PHE B 184 -16.61 -17.53 54.11
C PHE B 184 -17.54 -17.30 55.29
N THR B 185 -18.83 -17.57 55.08
CA THR B 185 -19.79 -17.57 56.17
C THR B 185 -19.47 -18.73 57.12
N SER B 186 -19.17 -18.42 58.37
CA SER B 186 -18.63 -19.41 59.28
C SER B 186 -19.39 -19.44 60.59
N PRO B 187 -19.56 -20.63 61.19
CA PRO B 187 -20.20 -20.70 62.51
C PRO B 187 -19.31 -20.08 63.58
N VAL B 188 -19.96 -19.63 64.65
CA VAL B 188 -19.27 -18.97 65.77
C VAL B 188 -19.34 -19.92 66.96
N THR B 189 -18.17 -20.41 67.38
CA THR B 189 -18.09 -21.39 68.46
C THR B 189 -18.02 -20.69 69.81
N LYS B 190 -18.09 -21.50 70.88
CA LYS B 190 -17.94 -20.94 72.22
C LYS B 190 -16.50 -20.50 72.48
N GLU B 191 -15.54 -21.09 71.77
CA GLU B 191 -14.16 -20.64 71.88
C GLU B 191 -13.97 -19.30 71.18
N ASP B 192 -14.64 -19.09 70.04
CA ASP B 192 -14.62 -17.78 69.39
C ASP B 192 -15.23 -16.71 70.30
N LEU B 193 -16.23 -17.07 71.10
CA LEU B 193 -16.88 -16.07 71.96
C LEU B 193 -15.98 -15.63 73.11
N ASP B 194 -14.94 -16.39 73.42
CA ASP B 194 -13.98 -16.03 74.45
C ASP B 194 -12.80 -15.23 73.89
N ASN B 195 -12.75 -15.04 72.58
CA ASN B 195 -11.69 -14.30 71.91
C ASN B 195 -12.28 -13.19 71.05
N LEU B 196 -13.16 -12.39 71.64
CA LEU B 196 -13.81 -11.29 70.92
C LEU B 196 -13.03 -9.99 70.98
N GLU B 197 -11.85 -9.97 71.60
CA GLU B 197 -11.12 -8.73 71.79
C GLU B 197 -10.64 -8.14 70.47
N GLY B 198 -10.52 -8.94 69.41
CA GLY B 198 -10.09 -8.42 68.14
C GLY B 198 -11.13 -7.61 67.38
N LEU B 199 -12.34 -7.46 67.94
CA LEU B 199 -13.38 -6.67 67.29
C LEU B 199 -13.05 -5.19 67.28
N GLN B 200 -12.18 -4.72 68.18
CA GLN B 200 -11.78 -3.32 68.19
C GLN B 200 -10.90 -2.95 67.01
N PHE B 201 -10.47 -3.93 66.21
CA PHE B 201 -9.65 -3.68 65.04
C PHE B 201 -10.39 -3.88 63.73
N CYS B 202 -11.53 -4.57 63.76
CA CYS B 202 -12.37 -4.77 62.58
C CYS B 202 -13.71 -5.34 63.01
N PRO B 203 -14.82 -4.71 62.65
CA PRO B 203 -16.13 -5.27 62.98
C PRO B 203 -16.45 -6.46 62.09
N MET B 204 -17.48 -7.19 62.48
CA MET B 204 -18.00 -8.28 61.67
C MET B 204 -19.52 -8.24 61.70
N THR B 205 -20.14 -8.98 60.80
CA THR B 205 -21.59 -9.06 60.71
C THR B 205 -22.03 -10.46 61.13
N PHE B 206 -22.78 -10.53 62.22
CA PHE B 206 -23.27 -11.79 62.76
C PHE B 206 -24.75 -11.95 62.42
N GLN B 207 -25.16 -13.20 62.18
CA GLN B 207 -26.54 -13.48 61.78
C GLN B 207 -27.05 -14.75 62.42
N GLU B 208 -28.35 -14.75 62.70
CA GLU B 208 -29.05 -15.94 63.17
C GLU B 208 -28.87 -17.08 62.19
N ASN B 209 -28.41 -18.22 62.68
CA ASN B 209 -28.20 -19.41 61.86
C ASN B 209 -29.54 -20.11 61.70
N ILE B 210 -30.23 -19.83 60.61
CA ILE B 210 -31.55 -20.41 60.36
C ILE B 210 -31.36 -21.78 59.72
N PRO B 211 -31.84 -22.85 60.35
CA PRO B 211 -31.78 -24.17 59.70
C PRO B 211 -32.66 -24.20 58.46
N LYS B 212 -32.11 -24.73 57.36
CA LYS B 212 -32.72 -24.61 56.06
C LYS B 212 -32.84 -25.97 55.38
N ALA B 213 -33.84 -26.08 54.51
CA ALA B 213 -33.99 -27.26 53.66
C ALA B 213 -33.37 -27.03 52.28
N LEU B 214 -33.64 -25.86 51.69
CA LEU B 214 -33.12 -25.51 50.37
C LEU B 214 -32.43 -24.16 50.43
N GLU B 215 -31.50 -23.96 49.50
CA GLU B 215 -30.91 -22.66 49.22
C GLU B 215 -31.36 -22.21 47.84
N LEU B 216 -31.90 -21.00 47.75
CA LEU B 216 -32.47 -20.47 46.52
C LEU B 216 -31.51 -19.48 45.87
N ARG B 217 -31.29 -19.64 44.57
CA ARG B 217 -30.56 -18.68 43.76
C ARG B 217 -31.52 -18.10 42.74
N ILE B 218 -31.82 -16.81 42.89
CA ILE B 218 -32.85 -16.14 42.09
C ILE B 218 -32.18 -15.05 41.27
N THR B 219 -32.32 -15.15 39.94
CA THR B 219 -31.75 -14.19 39.01
C THR B 219 -32.89 -13.49 38.29
N ILE B 220 -32.93 -12.16 38.38
CA ILE B 220 -34.01 -11.38 37.81
C ILE B 220 -33.44 -10.49 36.71
N VAL B 221 -34.03 -10.58 35.52
CA VAL B 221 -33.71 -9.69 34.40
C VAL B 221 -35.00 -8.96 34.04
N GLY B 222 -35.05 -7.67 34.34
CA GLY B 222 -36.27 -6.92 34.14
C GLY B 222 -37.35 -7.39 35.11
N GLU B 223 -38.40 -8.00 34.59
CA GLU B 223 -39.44 -8.62 35.41
C GLU B 223 -39.48 -10.13 35.21
N GLN B 224 -38.44 -10.71 34.61
CA GLN B 224 -38.34 -12.13 34.40
C GLN B 224 -37.54 -12.74 35.55
N ILE B 225 -38.09 -13.78 36.18
CA ILE B 225 -37.51 -14.34 37.40
C ILE B 225 -37.06 -15.77 37.10
N PHE B 226 -35.78 -16.04 37.29
CA PHE B 226 -35.21 -17.36 37.12
C PHE B 226 -34.81 -17.89 38.49
N THR B 227 -35.52 -18.90 38.98
CA THR B 227 -35.34 -19.42 40.32
C THR B 227 -34.70 -20.80 40.27
N ALA B 228 -33.62 -20.97 41.01
CA ALA B 228 -32.94 -22.25 41.14
C ALA B 228 -32.87 -22.64 42.61
N ALA B 229 -32.94 -23.94 42.87
CA ALA B 229 -32.94 -24.46 44.22
C ALA B 229 -32.01 -25.66 44.31
N ILE B 230 -31.41 -25.84 45.48
CA ILE B 230 -30.52 -26.96 45.73
C ILE B 230 -30.66 -27.38 47.18
N ASN B 231 -30.46 -28.67 47.42
CA ASN B 231 -30.47 -29.21 48.78
C ASN B 231 -29.11 -29.02 49.43
N SER B 232 -29.09 -28.39 50.59
CA SER B 232 -27.84 -28.17 51.32
C SER B 232 -27.71 -29.16 52.49
N GLN B 252 -26.11 -29.61 40.30
CA GLN B 252 -27.27 -30.29 40.87
C GLN B 252 -28.38 -29.31 41.22
N TRP B 253 -28.27 -28.09 40.72
CA TRP B 253 -29.33 -27.10 40.89
C TRP B 253 -30.54 -27.48 40.03
N GLN B 254 -31.73 -27.14 40.51
CA GLN B 254 -32.97 -27.54 39.87
C GLN B 254 -33.89 -26.33 39.75
N PRO B 255 -34.84 -26.38 38.82
CA PRO B 255 -35.86 -25.32 38.78
C PRO B 255 -36.70 -25.31 40.05
N TYR B 256 -37.23 -24.13 40.38
CA TYR B 256 -38.07 -23.98 41.56
C TYR B 256 -39.08 -22.88 41.28
N ASP B 257 -40.30 -23.07 41.77
CA ASP B 257 -41.39 -22.11 41.58
C ASP B 257 -41.62 -21.37 42.88
N LEU B 258 -41.27 -20.09 42.90
CA LEU B 258 -41.57 -19.27 44.05
C LEU B 258 -43.06 -19.02 44.15
N PRO B 259 -43.61 -18.92 45.36
CA PRO B 259 -44.96 -18.40 45.51
C PRO B 259 -45.04 -16.99 44.92
N LYS B 260 -46.16 -16.70 44.25
CA LYS B 260 -46.30 -15.41 43.59
C LYS B 260 -46.12 -14.26 44.56
N THR B 261 -46.50 -14.44 45.82
CA THR B 261 -46.28 -13.41 46.83
C THR B 261 -44.80 -13.09 46.97
N ILE B 262 -43.96 -14.12 46.97
CA ILE B 262 -42.51 -13.90 47.06
C ILE B 262 -42.00 -13.22 45.80
N GLU B 263 -42.51 -13.64 44.64
CA GLU B 263 -42.04 -13.05 43.38
C GLU B 263 -42.37 -11.57 43.30
N LYS B 264 -43.58 -11.18 43.70
CA LYS B 264 -43.95 -9.77 43.63
C LYS B 264 -43.15 -8.96 44.63
N GLN B 265 -42.88 -9.51 45.81
CA GLN B 265 -42.08 -8.80 46.80
C GLN B 265 -40.65 -8.57 46.30
N LEU B 266 -40.08 -9.55 45.62
CA LEU B 266 -38.75 -9.36 45.05
C LEU B 266 -38.78 -8.33 43.92
N LEU B 267 -39.86 -8.30 43.15
CA LEU B 267 -39.98 -7.28 42.11
C LEU B 267 -40.11 -5.90 42.72
N GLU B 268 -40.81 -5.77 43.84
CA GLU B 268 -40.89 -4.48 44.50
C GLU B 268 -39.54 -4.07 45.08
N LEU B 269 -38.75 -5.06 45.53
CA LEU B 269 -37.41 -4.75 46.04
C LEU B 269 -36.51 -4.22 44.93
N MET B 270 -36.58 -4.83 43.75
CA MET B 270 -35.80 -4.35 42.61
C MET B 270 -36.25 -2.97 42.17
N LYS B 271 -37.56 -2.74 42.14
CA LYS B 271 -38.07 -1.43 41.71
C LYS B 271 -37.66 -0.33 42.69
N TYR B 272 -37.56 -0.66 43.98
CA TYR B 272 -37.11 0.33 44.95
C TYR B 272 -35.68 0.79 44.64
N PHE B 273 -34.77 -0.17 44.49
CA PHE B 273 -33.38 0.15 44.20
C PHE B 273 -33.16 0.52 42.74
N GLY B 274 -34.18 0.41 41.90
CA GLY B 274 -34.05 0.76 40.50
C GLY B 274 -33.15 -0.17 39.69
N LEU B 275 -33.17 -1.47 40.00
CA LEU B 275 -32.34 -2.44 39.28
C LEU B 275 -33.18 -3.22 38.28
N ASN B 276 -32.57 -3.53 37.13
CA ASN B 276 -33.15 -4.47 36.19
C ASN B 276 -32.37 -5.77 36.10
N TYR B 277 -31.27 -5.89 36.85
CA TYR B 277 -30.59 -7.16 37.03
C TYR B 277 -30.26 -7.33 38.50
N GLY B 278 -30.33 -8.58 38.97
CA GLY B 278 -30.01 -8.86 40.35
C GLY B 278 -29.81 -10.33 40.65
N ALA B 279 -28.86 -10.64 41.53
CA ALA B 279 -28.64 -12.00 42.01
C ALA B 279 -29.09 -12.07 43.46
N ILE B 280 -30.22 -12.70 43.70
CA ILE B 280 -30.87 -12.72 45.01
C ILE B 280 -30.66 -14.09 45.64
N ASP B 281 -30.27 -14.10 46.91
CA ASP B 281 -30.07 -15.32 47.68
C ASP B 281 -31.18 -15.45 48.72
N MET B 282 -31.79 -16.63 48.78
CA MET B 282 -32.81 -16.94 49.78
C MET B 282 -32.64 -18.38 50.24
N ILE B 283 -33.25 -18.69 51.39
CA ILE B 283 -33.31 -20.05 51.90
C ILE B 283 -34.75 -20.38 52.25
N VAL B 284 -35.05 -21.67 52.24
CA VAL B 284 -36.37 -22.18 52.59
C VAL B 284 -36.21 -23.15 53.75
N THR B 285 -36.98 -22.92 54.82
CA THR B 285 -36.96 -23.80 55.96
C THR B 285 -37.78 -25.06 55.69
N PRO B 286 -37.57 -26.11 56.47
CA PRO B 286 -38.40 -27.32 56.31
C PRO B 286 -39.89 -27.05 56.40
N ASP B 287 -40.32 -26.09 57.22
CA ASP B 287 -41.71 -25.67 57.28
C ASP B 287 -42.04 -24.60 56.26
N GLU B 288 -41.26 -24.51 55.18
CA GLU B 288 -41.57 -23.67 54.01
C GLU B 288 -41.70 -22.20 54.38
N ARG B 289 -40.74 -21.67 55.12
CA ARG B 289 -40.63 -20.25 55.36
C ARG B 289 -39.52 -19.69 54.50
N TYR B 290 -39.81 -18.62 53.77
CA TYR B 290 -38.88 -18.05 52.81
C TYR B 290 -38.15 -16.87 53.45
N ILE B 291 -36.83 -17.01 53.59
CA ILE B 291 -36.00 -16.01 54.25
C ILE B 291 -35.16 -15.31 53.18
N PHE B 292 -35.22 -13.98 53.16
CA PHE B 292 -34.39 -13.19 52.28
C PHE B 292 -33.00 -12.99 52.88
N LEU B 293 -31.97 -13.24 52.09
CA LEU B 293 -30.59 -13.14 52.56
C LEU B 293 -29.87 -11.92 51.98
N GLU B 294 -29.85 -11.78 50.66
CA GLU B 294 -29.00 -10.79 50.01
C GLU B 294 -29.46 -10.62 48.57
N ILE B 295 -29.18 -9.44 48.03
CA ILE B 295 -29.28 -9.17 46.59
C ILE B 295 -27.97 -8.58 46.12
N ASN B 296 -27.34 -9.23 45.13
CA ASN B 296 -26.10 -8.75 44.56
C ASN B 296 -26.37 -8.21 43.16
N PRO B 297 -26.25 -6.90 42.94
CA PRO B 297 -26.59 -6.35 41.61
C PRO B 297 -25.65 -6.77 40.49
N VAL B 298 -24.49 -7.33 40.81
CA VAL B 298 -23.55 -7.77 39.77
C VAL B 298 -23.17 -9.22 40.01
N GLY B 299 -24.03 -9.96 40.70
CA GLY B 299 -23.76 -11.36 40.97
C GLY B 299 -23.71 -12.19 39.70
N GLU B 300 -23.01 -13.32 39.80
CA GLU B 300 -22.82 -14.20 38.66
C GLU B 300 -24.13 -14.90 38.29
N PHE B 301 -24.11 -15.54 37.13
CA PHE B 301 -25.32 -16.21 36.63
C PHE B 301 -24.98 -17.32 35.65
N PHE B 302 -23.75 -17.30 35.13
N PHE B 302 -23.76 -17.34 35.11
CA PHE B 302 -23.39 -18.18 34.02
CA PHE B 302 -23.51 -18.22 33.98
C PHE B 302 -23.47 -19.65 34.42
C PHE B 302 -23.37 -19.69 34.38
N TRP B 303 -23.11 -19.98 35.67
CA TRP B 303 -23.14 -21.37 36.12
C TRP B 303 -24.55 -21.93 36.17
N LEU B 304 -25.57 -21.08 36.25
CA LEU B 304 -26.95 -21.52 36.13
C LEU B 304 -27.39 -21.65 34.67
N GLU B 305 -26.56 -21.20 33.73
CA GLU B 305 -26.87 -21.29 32.31
C GLU B 305 -26.10 -22.40 31.61
N LEU B 306 -24.80 -22.54 31.86
CA LEU B 306 -24.05 -23.65 31.28
C LEU B 306 -24.30 -24.96 31.98
N TYR B 307 -24.72 -24.93 33.24
CA TYR B 307 -25.01 -26.12 34.02
C TYR B 307 -26.49 -26.10 34.39
N PRO B 308 -27.06 -27.21 34.90
CA PRO B 308 -28.45 -27.18 35.34
C PRO B 308 -28.77 -26.01 36.27
N PRO B 309 -29.95 -25.40 36.14
CA PRO B 309 -31.04 -25.81 35.23
C PRO B 309 -31.02 -25.19 33.83
N TYR B 310 -29.86 -24.72 33.37
CA TYR B 310 -29.69 -24.19 32.02
C TYR B 310 -30.68 -23.04 31.72
N PHE B 311 -30.67 -22.04 32.58
CA PHE B 311 -31.53 -20.88 32.36
C PHE B 311 -30.97 -20.04 31.20
N PRO B 312 -31.84 -19.64 30.17
CA PRO B 312 -31.33 -18.79 29.08
C PRO B 312 -31.24 -17.33 29.51
N ILE B 313 -30.29 -17.05 30.40
CA ILE B 313 -30.21 -15.74 31.04
C ILE B 313 -29.49 -14.74 30.14
N SER B 314 -28.39 -15.16 29.51
CA SER B 314 -27.65 -14.26 28.64
C SER B 314 -28.51 -13.73 27.51
N GLN B 315 -29.49 -14.51 27.04
CA GLN B 315 -30.42 -14.01 26.05
C GLN B 315 -31.30 -12.90 26.63
N ALA B 316 -31.76 -13.07 27.86
CA ALA B 316 -32.61 -12.06 28.49
C ALA B 316 -31.84 -10.78 28.77
N ILE B 317 -30.55 -10.89 29.07
CA ILE B 317 -29.72 -9.70 29.29
C ILE B 317 -29.53 -8.95 27.98
N ALA B 318 -29.22 -9.68 26.91
CA ALA B 318 -29.01 -9.05 25.62
C ALA B 318 -30.29 -8.41 25.09
N GLU B 319 -31.44 -9.02 25.36
CA GLU B 319 -32.69 -8.46 24.87
C GLU B 319 -33.05 -7.18 25.62
N ILE B 320 -32.73 -7.11 26.91
CA ILE B 320 -33.04 -5.89 27.65
C ILE B 320 -32.00 -4.81 27.36
N LEU B 321 -30.79 -5.20 26.93
CA LEU B 321 -29.78 -4.22 26.57
C LEU B 321 -30.09 -3.59 25.21
N VAL B 322 -30.61 -4.39 24.28
CA VAL B 322 -30.91 -3.89 22.94
C VAL B 322 -32.25 -3.16 22.91
N ASN B 323 -33.28 -3.77 23.48
CA ASN B 323 -34.64 -3.24 23.41
C ASN B 323 -34.91 -2.17 24.47
N SER B 324 -33.88 -1.68 25.14
CA SER B 324 -34.01 -0.74 26.25
C SER B 324 -34.98 -1.27 27.31
N ALA B 325 -36.28 -1.10 27.08
CA ALA B 325 -37.30 -1.64 27.97
C ALA B 325 -38.47 -2.18 27.16
N MET C 1 29.95 -15.36 -72.34
CA MET C 1 29.28 -15.32 -71.04
C MET C 1 30.24 -15.76 -69.94
N THR C 2 30.58 -14.82 -69.07
CA THR C 2 31.55 -15.02 -68.00
C THR C 2 30.87 -15.04 -66.65
N VAL C 3 31.34 -15.92 -65.78
CA VAL C 3 30.83 -16.04 -64.42
C VAL C 3 31.80 -15.31 -63.49
N LEU C 4 31.28 -14.34 -62.74
CA LEU C 4 32.07 -13.65 -61.73
C LEU C 4 31.95 -14.39 -60.41
N ILE C 5 33.08 -14.78 -59.84
CA ILE C 5 33.12 -15.54 -58.60
C ILE C 5 33.67 -14.63 -57.52
N VAL C 6 32.81 -14.26 -56.58
CA VAL C 6 33.18 -13.35 -55.49
C VAL C 6 33.66 -14.20 -54.32
N THR C 7 34.97 -14.19 -54.08
CA THR C 7 35.56 -15.00 -53.02
C THR C 7 36.70 -14.26 -52.35
N PHE C 8 37.66 -15.00 -51.80
CA PHE C 8 38.89 -14.41 -51.27
C PHE C 8 40.04 -15.38 -51.51
N SER C 9 41.26 -14.88 -51.31
CA SER C 9 42.45 -15.61 -51.73
C SER C 9 42.65 -16.89 -50.95
N ARG C 10 42.23 -16.94 -49.69
CA ARG C 10 42.42 -18.11 -48.85
C ARG C 10 41.18 -19.00 -48.77
N ASP C 11 40.30 -18.92 -49.77
CA ASP C 11 39.17 -19.82 -49.84
C ASP C 11 39.65 -21.23 -50.17
N ASN C 12 38.83 -22.21 -49.83
CA ASN C 12 39.23 -23.61 -49.95
C ASN C 12 39.06 -24.09 -51.40
N GLU C 13 39.13 -25.40 -51.61
CA GLU C 13 39.13 -26.01 -52.92
C GLU C 13 37.74 -26.05 -53.57
N SER C 14 36.75 -25.40 -52.97
CA SER C 14 35.45 -25.30 -53.64
C SER C 14 35.53 -24.39 -54.86
N ILE C 15 36.39 -23.39 -54.82
CA ILE C 15 36.54 -22.43 -55.91
C ILE C 15 37.10 -23.11 -57.16
N PRO C 16 38.25 -23.82 -57.10
CA PRO C 16 38.71 -24.49 -58.31
C PRO C 16 37.77 -25.58 -58.79
N LEU C 17 37.08 -26.27 -57.87
CA LEU C 17 36.14 -27.30 -58.29
C LEU C 17 35.02 -26.72 -59.14
N VAL C 18 34.49 -25.57 -58.72
CA VAL C 18 33.42 -24.93 -59.49
C VAL C 18 33.98 -24.33 -60.79
N ILE C 19 35.17 -23.74 -60.72
CA ILE C 19 35.77 -23.13 -61.91
C ILE C 19 36.04 -24.20 -62.97
N LYS C 20 36.65 -25.30 -62.58
CA LYS C 20 36.95 -26.36 -63.55
C LYS C 20 35.67 -26.94 -64.16
N ALA C 21 34.57 -26.93 -63.40
CA ALA C 21 33.32 -27.44 -63.93
C ALA C 21 32.65 -26.43 -64.86
N ILE C 22 32.79 -25.14 -64.56
CA ILE C 22 32.29 -24.11 -65.47
C ILE C 22 33.08 -24.12 -66.77
N GLU C 23 34.42 -24.16 -66.67
CA GLU C 23 35.25 -24.21 -67.85
C GLU C 23 34.97 -25.47 -68.68
N ALA C 24 34.74 -26.60 -68.02
CA ALA C 24 34.50 -27.83 -68.75
C ALA C 24 33.18 -27.81 -69.51
N MET C 25 32.27 -26.88 -69.19
CA MET C 25 31.01 -26.76 -69.89
C MET C 25 31.05 -25.76 -71.02
N GLY C 26 32.22 -25.24 -71.36
CA GLY C 26 32.36 -24.32 -72.47
C GLY C 26 32.25 -22.85 -72.12
N LYS C 27 32.19 -22.49 -70.85
CA LYS C 27 32.12 -21.10 -70.42
C LYS C 27 33.38 -20.73 -69.66
N LYS C 28 33.50 -19.44 -69.34
CA LYS C 28 34.66 -18.90 -68.65
C LYS C 28 34.25 -18.32 -67.30
N ALA C 29 35.20 -18.27 -66.38
CA ALA C 29 34.97 -17.75 -65.05
C ALA C 29 36.15 -16.88 -64.61
N PHE C 30 35.83 -15.77 -63.95
CA PHE C 30 36.82 -14.86 -63.38
C PHE C 30 36.73 -14.95 -61.86
N ARG C 31 37.87 -15.15 -61.21
CA ARG C 31 37.92 -15.26 -59.75
C ARG C 31 38.27 -13.90 -59.15
N PHE C 32 37.35 -13.34 -58.37
CA PHE C 32 37.54 -12.06 -57.71
C PHE C 32 37.83 -12.32 -56.24
N ASP C 33 39.06 -12.01 -55.81
CA ASP C 33 39.47 -12.18 -54.42
C ASP C 33 39.20 -10.87 -53.69
N THR C 34 38.12 -10.84 -52.91
CA THR C 34 37.71 -9.62 -52.23
C THR C 34 38.73 -9.13 -51.21
N ASP C 35 39.57 -10.02 -50.69
CA ASP C 35 40.53 -9.59 -49.68
C ASP C 35 41.73 -8.87 -50.31
N ARG C 36 42.05 -9.18 -51.57
CA ARG C 36 43.17 -8.57 -52.28
C ARG C 36 42.81 -7.22 -52.87
N PHE C 37 41.61 -6.71 -52.61
CA PHE C 37 41.21 -5.36 -52.99
C PHE C 37 41.19 -4.52 -51.73
N PRO C 38 41.70 -3.29 -51.79
CA PRO C 38 42.22 -2.55 -52.94
C PRO C 38 43.74 -2.66 -53.13
N THR C 39 44.40 -3.43 -52.25
CA THR C 39 45.86 -3.43 -52.24
C THR C 39 46.45 -4.00 -53.52
N GLU C 40 45.75 -4.92 -54.18
CA GLU C 40 46.31 -5.57 -55.35
C GLU C 40 45.39 -5.55 -56.55
N VAL C 41 44.09 -5.74 -56.36
CA VAL C 41 43.15 -5.82 -57.46
C VAL C 41 42.60 -4.43 -57.73
N LYS C 42 42.59 -4.04 -59.01
CA LYS C 42 42.03 -2.75 -59.43
C LYS C 42 40.58 -2.95 -59.86
N VAL C 43 39.69 -2.13 -59.31
CA VAL C 43 38.27 -2.17 -59.63
C VAL C 43 37.83 -0.77 -60.03
N ASP C 44 37.19 -0.66 -61.20
CA ASP C 44 36.71 0.61 -61.72
C ASP C 44 35.22 0.49 -62.00
N LEU C 45 34.42 1.27 -61.29
CA LEU C 45 32.96 1.21 -61.37
C LEU C 45 32.46 2.55 -61.91
N TYR C 46 31.90 2.52 -63.11
CA TYR C 46 31.39 3.73 -63.76
C TYR C 46 29.87 3.73 -63.72
N SER C 47 29.29 4.89 -63.43
CA SER C 47 27.85 5.06 -63.39
C SER C 47 27.43 6.13 -64.38
N GLY C 48 26.48 5.79 -65.25
CA GLY C 48 26.06 6.65 -66.33
C GLY C 48 26.37 6.02 -67.68
N GLY C 49 26.66 6.88 -68.66
CA GLY C 49 27.08 6.41 -69.97
C GLY C 49 28.59 6.46 -70.11
N GLN C 50 29.31 6.14 -69.05
CA GLN C 50 30.75 6.27 -69.00
C GLN C 50 31.40 5.02 -69.60
N LYS C 51 32.69 4.83 -69.33
CA LYS C 51 33.38 3.62 -69.77
C LYS C 51 32.82 2.40 -69.05
N GLY C 52 33.19 1.23 -69.55
CA GLY C 52 32.73 0.00 -68.94
C GLY C 52 33.45 -0.31 -67.64
N GLY C 53 32.68 -0.77 -66.66
CA GLY C 53 33.29 -1.22 -65.41
C GLY C 53 34.24 -2.37 -65.66
N ILE C 54 35.39 -2.34 -64.99
CA ILE C 54 36.47 -3.28 -65.26
C ILE C 54 37.17 -3.63 -63.95
N ILE C 55 37.40 -4.93 -63.74
CA ILE C 55 38.22 -5.43 -62.65
C ILE C 55 39.54 -5.92 -63.25
N THR C 56 40.64 -5.59 -62.60
CA THR C 56 41.96 -5.96 -63.09
C THR C 56 42.78 -6.59 -61.98
N ASP C 57 43.29 -7.79 -62.23
CA ASP C 57 44.12 -8.54 -61.28
C ASP C 57 45.35 -9.03 -62.03
N GLY C 58 46.39 -8.19 -62.08
CA GLY C 58 47.60 -8.54 -62.80
C GLY C 58 47.37 -8.61 -64.31
N ASP C 59 47.63 -9.77 -64.89
CA ASP C 59 47.43 -9.99 -66.32
C ASP C 59 45.96 -10.23 -66.67
N GLN C 60 45.15 -10.62 -65.68
CA GLN C 60 43.75 -10.96 -65.92
C GLN C 60 42.86 -9.73 -65.73
N LYS C 61 41.94 -9.53 -66.67
CA LYS C 61 41.00 -8.42 -66.61
C LYS C 61 39.60 -8.93 -66.92
N LEU C 62 38.61 -8.30 -66.31
CA LEU C 62 37.21 -8.67 -66.46
C LEU C 62 36.40 -7.41 -66.70
N GLU C 63 35.72 -7.36 -67.84
CA GLU C 63 34.85 -6.23 -68.17
C GLU C 63 33.44 -6.56 -67.70
N LEU C 64 32.89 -5.70 -66.84
CA LEU C 64 31.65 -6.03 -66.14
C LEU C 64 30.46 -6.18 -67.07
N LYS C 65 30.56 -5.69 -68.31
CA LYS C 65 29.49 -5.92 -69.27
C LYS C 65 29.43 -7.37 -69.74
N GLU C 66 30.52 -8.11 -69.60
CA GLU C 66 30.59 -9.50 -70.03
C GLU C 66 30.22 -10.49 -68.92
N VAL C 67 29.69 -10.01 -67.80
CA VAL C 67 29.36 -10.86 -66.66
C VAL C 67 27.94 -11.38 -66.82
N SER C 68 27.80 -12.70 -66.93
CA SER C 68 26.50 -13.33 -67.10
C SER C 68 25.95 -13.94 -65.83
N ALA C 69 26.81 -14.28 -64.87
CA ALA C 69 26.36 -14.92 -63.64
C ALA C 69 27.36 -14.59 -62.52
N VAL C 70 26.83 -14.42 -61.31
CA VAL C 70 27.63 -14.06 -60.14
C VAL C 70 27.46 -15.16 -59.09
N TRP C 71 28.59 -15.65 -58.58
CA TRP C 71 28.60 -16.57 -57.45
C TRP C 71 29.00 -15.76 -56.21
N TYR C 72 28.00 -15.36 -55.42
CA TYR C 72 28.19 -14.58 -54.21
C TYR C 72 28.64 -15.54 -53.11
N ARG C 73 29.94 -15.86 -53.14
CA ARG C 73 30.51 -16.99 -52.38
C ARG C 73 31.11 -16.56 -51.05
N ARG C 74 32.18 -15.75 -51.07
CA ARG C 74 32.84 -15.33 -49.85
C ARG C 74 33.20 -13.85 -49.95
N MET C 75 32.94 -13.11 -48.87
CA MET C 75 33.08 -11.66 -48.84
C MET C 75 34.01 -11.26 -47.69
N ARG C 76 35.26 -10.96 -48.03
CA ARG C 76 36.28 -10.56 -47.07
C ARG C 76 36.96 -9.26 -47.52
N TYR C 77 36.16 -8.22 -47.73
CA TYR C 77 36.62 -6.99 -48.36
C TYR C 77 37.79 -6.38 -47.62
N GLY C 78 38.93 -6.28 -48.31
CA GLY C 78 40.06 -5.53 -47.81
C GLY C 78 40.80 -6.13 -46.63
N LEU C 79 40.81 -7.45 -46.51
CA LEU C 79 41.39 -8.05 -45.31
C LEU C 79 42.91 -7.93 -45.29
N LYS C 80 43.57 -8.18 -46.44
CA LYS C 80 45.03 -8.10 -46.46
C LYS C 80 45.53 -6.67 -46.68
N LEU C 81 44.81 -5.69 -46.15
CA LEU C 81 45.41 -4.39 -45.90
C LEU C 81 46.50 -4.56 -44.85
N PRO C 82 47.59 -3.79 -44.94
CA PRO C 82 48.67 -3.92 -43.96
C PRO C 82 48.18 -3.61 -42.55
N ASP C 83 48.60 -4.44 -41.60
CA ASP C 83 48.24 -4.23 -40.20
C ASP C 83 49.02 -3.09 -39.57
N GLY C 84 50.10 -2.62 -40.23
CA GLY C 84 50.87 -1.50 -39.74
C GLY C 84 50.20 -0.18 -40.07
N MET C 85 49.00 -0.28 -40.63
CA MET C 85 48.19 0.89 -40.95
C MET C 85 47.46 1.38 -39.70
N ASP C 86 47.17 2.68 -39.67
CA ASP C 86 46.44 3.26 -38.56
C ASP C 86 45.09 2.58 -38.41
N SER C 87 44.73 2.24 -37.17
CA SER C 87 43.50 1.48 -36.94
C SER C 87 42.28 2.29 -37.34
N GLN C 88 42.26 3.59 -37.04
CA GLN C 88 41.12 4.42 -37.43
C GLN C 88 40.96 4.44 -38.95
N PHE C 89 42.06 4.64 -39.68
CA PHE C 89 41.99 4.64 -41.13
C PHE C 89 41.63 3.27 -41.68
N ARG C 90 42.19 2.21 -41.09
CA ARG C 90 41.94 0.86 -41.59
C ARG C 90 40.48 0.47 -41.47
N GLU C 91 39.87 0.75 -40.30
CA GLU C 91 38.46 0.42 -40.12
C GLU C 91 37.59 1.21 -41.08
N ALA C 92 37.90 2.49 -41.28
CA ALA C 92 37.12 3.31 -42.21
C ALA C 92 37.28 2.82 -43.64
N SER C 93 38.48 2.36 -44.01
CA SER C 93 38.70 1.87 -45.36
C SER C 93 37.99 0.55 -45.60
N LEU C 94 37.96 -0.32 -44.59
CA LEU C 94 37.23 -1.57 -44.71
C LEU C 94 35.76 -1.33 -45.00
N LYS C 95 35.16 -0.34 -44.32
CA LYS C 95 33.77 -0.02 -44.56
C LYS C 95 33.57 0.54 -45.96
N GLU C 96 34.52 1.31 -46.46
CA GLU C 96 34.41 1.88 -47.80
C GLU C 96 34.60 0.81 -48.87
N CYS C 97 35.54 -0.11 -48.66
CA CYS C 97 35.70 -1.22 -49.60
C CYS C 97 34.47 -2.10 -49.62
N ARG C 98 33.84 -2.29 -48.45
CA ARG C 98 32.66 -3.14 -48.39
C ARG C 98 31.51 -2.53 -49.20
N LEU C 99 31.20 -1.25 -48.95
CA LEU C 99 30.10 -0.60 -49.66
C LEU C 99 30.37 -0.52 -51.16
N SER C 100 31.63 -0.32 -51.54
CA SER C 100 31.99 -0.19 -52.95
C SER C 100 31.72 -1.48 -53.71
N ILE C 101 32.20 -2.61 -53.18
CA ILE C 101 32.00 -3.88 -53.88
C ILE C 101 30.57 -4.36 -53.75
N ARG C 102 29.92 -4.08 -52.62
CA ARG C 102 28.51 -4.41 -52.48
C ARG C 102 27.66 -3.65 -53.49
N GLY C 103 28.03 -2.41 -53.79
CA GLY C 103 27.33 -1.65 -54.81
C GLY C 103 27.59 -2.18 -56.21
N MET C 104 28.80 -2.68 -56.45
CA MET C 104 29.11 -3.29 -57.73
C MET C 104 28.26 -4.51 -57.99
N ILE C 105 28.17 -5.40 -57.01
CA ILE C 105 27.40 -6.63 -57.17
C ILE C 105 25.91 -6.32 -57.34
N ALA C 106 25.37 -5.48 -56.47
CA ALA C 106 23.94 -5.19 -56.52
C ALA C 106 23.56 -4.48 -57.82
N SER C 107 24.51 -3.89 -58.52
CA SER C 107 24.24 -3.24 -59.80
C SER C 107 24.40 -4.16 -60.99
N LEU C 108 25.09 -5.29 -60.84
CA LEU C 108 25.26 -6.23 -61.94
C LEU C 108 23.93 -6.90 -62.29
N SER C 109 23.63 -6.98 -63.58
CA SER C 109 22.49 -7.75 -64.04
C SER C 109 22.92 -9.22 -64.22
N GLY C 110 22.00 -10.04 -64.70
CA GLY C 110 22.25 -11.45 -64.86
C GLY C 110 21.74 -12.26 -63.69
N PHE C 111 22.25 -13.48 -63.59
CA PHE C 111 21.83 -14.43 -62.57
C PHE C 111 22.79 -14.37 -61.38
N HIS C 112 22.24 -14.09 -60.20
CA HIS C 112 23.02 -14.05 -58.96
C HIS C 112 22.74 -15.29 -58.13
N LEU C 113 23.77 -15.81 -57.49
CA LEU C 113 23.63 -16.98 -56.65
C LEU C 113 24.35 -16.79 -55.31
N ASP C 114 23.68 -16.18 -54.34
CA ASP C 114 22.36 -15.60 -54.50
C ASP C 114 22.46 -14.07 -54.49
N PRO C 115 21.37 -13.36 -54.83
CA PRO C 115 21.42 -11.89 -54.74
C PRO C 115 21.73 -11.43 -53.32
N ILE C 116 22.36 -10.26 -53.23
CA ILE C 116 22.73 -9.72 -51.93
C ILE C 116 21.48 -9.43 -51.10
N ALA C 117 20.43 -8.93 -51.75
CA ALA C 117 19.23 -8.56 -51.00
C ALA C 117 18.58 -9.78 -50.36
N LYS C 118 18.62 -10.92 -51.06
CA LYS C 118 18.07 -12.16 -50.50
C LYS C 118 18.94 -12.70 -49.37
N VAL C 119 20.26 -12.70 -49.58
CA VAL C 119 21.17 -13.21 -48.55
C VAL C 119 21.08 -12.35 -47.28
N ASP C 120 20.97 -11.03 -47.44
CA ASP C 120 20.86 -10.16 -46.28
C ASP C 120 19.56 -10.41 -45.53
N HIS C 121 18.48 -10.65 -46.25
CA HIS C 121 17.19 -10.88 -45.59
C HIS C 121 17.12 -12.27 -44.96
N ALA C 122 17.80 -13.26 -45.53
CA ALA C 122 17.79 -14.60 -44.96
C ALA C 122 18.79 -14.77 -43.81
N ASN C 123 19.68 -13.81 -43.60
CA ASN C 123 20.67 -13.90 -42.54
C ASN C 123 20.11 -13.59 -41.16
N HIS C 124 18.86 -13.14 -41.07
CA HIS C 124 18.19 -12.96 -39.77
C HIS C 124 17.72 -14.33 -39.31
N LYS C 125 18.49 -14.93 -38.39
CA LYS C 125 18.20 -16.28 -37.93
C LYS C 125 16.87 -16.36 -37.19
N GLN C 126 16.47 -15.29 -36.50
CA GLN C 126 15.15 -15.28 -35.88
C GLN C 126 14.06 -15.35 -36.93
N LEU C 127 14.26 -14.71 -38.07
CA LEU C 127 13.29 -14.79 -39.16
C LEU C 127 13.30 -16.16 -39.80
N GLN C 128 14.45 -16.81 -39.88
CA GLN C 128 14.50 -18.18 -40.39
C GLN C 128 13.60 -19.09 -39.56
N LEU C 129 13.78 -19.06 -38.23
CA LEU C 129 12.97 -19.92 -37.37
C LEU C 129 11.49 -19.55 -37.43
N GLN C 130 11.19 -18.26 -37.59
CA GLN C 130 9.80 -17.83 -37.66
C GLN C 130 9.13 -18.31 -38.95
N VAL C 131 9.82 -18.17 -40.08
CA VAL C 131 9.25 -18.60 -41.35
C VAL C 131 9.19 -20.13 -41.41
N ALA C 132 10.19 -20.80 -40.86
CA ALA C 132 10.17 -22.26 -40.86
C ALA C 132 8.97 -22.80 -40.07
N ARG C 133 8.72 -22.24 -38.89
CA ARG C 133 7.57 -22.68 -38.10
C ARG C 133 6.25 -22.36 -38.78
N GLN C 134 6.19 -21.24 -39.51
CA GLN C 134 4.99 -20.95 -40.29
C GLN C 134 4.80 -21.92 -41.44
N LEU C 135 5.86 -22.59 -41.89
CA LEU C 135 5.75 -23.58 -42.95
C LEU C 135 5.53 -24.99 -42.41
N GLY C 136 5.40 -25.16 -41.10
CA GLY C 136 5.14 -26.45 -40.49
C GLY C 136 6.33 -27.14 -39.87
N LEU C 137 7.52 -26.54 -39.97
CA LEU C 137 8.72 -27.18 -39.47
C LEU C 137 8.86 -26.97 -37.96
N LEU C 138 9.24 -28.03 -37.25
CA LEU C 138 9.48 -27.91 -35.83
C LEU C 138 10.81 -27.20 -35.59
N ILE C 139 10.79 -26.24 -34.65
CA ILE C 139 11.99 -25.49 -34.32
C ILE C 139 12.23 -25.59 -32.83
N PRO C 140 13.48 -25.51 -32.37
CA PRO C 140 13.73 -25.53 -30.93
C PRO C 140 13.31 -24.22 -30.29
N GLY C 141 12.82 -24.30 -29.06
CA GLY C 141 12.50 -23.11 -28.29
C GLY C 141 13.71 -22.22 -28.18
N THR C 142 13.57 -20.95 -28.55
CA THR C 142 14.70 -20.04 -28.69
C THR C 142 14.40 -18.73 -27.97
N LEU C 143 15.38 -18.25 -27.21
CA LEU C 143 15.29 -16.97 -26.52
C LEU C 143 16.57 -16.19 -26.76
N THR C 144 16.44 -15.01 -27.37
CA THR C 144 17.53 -14.05 -27.48
C THR C 144 17.26 -12.91 -26.50
N SER C 145 18.15 -12.73 -25.53
CA SER C 145 17.82 -11.84 -24.43
C SER C 145 19.09 -11.28 -23.80
N ASN C 146 18.94 -10.07 -23.25
CA ASN C 146 19.92 -9.45 -22.36
C ASN C 146 19.40 -9.40 -20.93
N ASN C 147 18.38 -10.20 -20.61
CA ASN C 147 17.62 -10.09 -19.37
C ASN C 147 17.78 -11.36 -18.54
N PRO C 148 18.49 -11.31 -17.41
CA PRO C 148 18.73 -12.53 -16.63
C PRO C 148 17.47 -13.19 -16.09
N GLU C 149 16.43 -12.41 -15.78
CA GLU C 149 15.19 -13.00 -15.27
C GLU C 149 14.54 -13.89 -16.32
N ALA C 150 14.47 -13.41 -17.56
CA ALA C 150 13.89 -14.23 -18.63
C ALA C 150 14.76 -15.43 -18.96
N VAL C 151 16.08 -15.30 -18.82
CA VAL C 151 16.99 -16.40 -19.12
C VAL C 151 16.88 -17.47 -18.04
N LYS C 152 16.90 -17.06 -16.77
CA LYS C 152 16.78 -18.05 -15.69
C LYS C 152 15.42 -18.75 -15.73
N GLN C 153 14.38 -18.07 -16.20
CA GLN C 153 13.09 -18.73 -16.37
C GLN C 153 13.10 -19.66 -17.56
N PHE C 154 13.75 -19.25 -18.65
CA PHE C 154 13.88 -20.10 -19.83
C PHE C 154 14.68 -21.36 -19.51
N ALA C 155 15.68 -21.25 -18.64
CA ALA C 155 16.52 -22.40 -18.35
C ALA C 155 15.78 -23.44 -17.49
N GLN C 156 14.98 -22.97 -16.53
CA GLN C 156 14.23 -23.93 -15.71
C GLN C 156 12.98 -24.43 -16.42
N GLU C 157 12.54 -23.76 -17.49
CA GLU C 157 11.52 -24.34 -18.36
C GLU C 157 12.03 -25.61 -19.02
N PHE C 158 13.26 -25.57 -19.52
CA PHE C 158 13.88 -26.70 -20.21
C PHE C 158 14.95 -27.36 -19.35
N GLU C 159 14.65 -27.58 -18.07
CA GLU C 159 15.63 -28.15 -17.15
C GLU C 159 15.89 -29.62 -17.43
N ALA C 160 14.89 -30.35 -17.94
CA ALA C 160 15.05 -31.80 -18.12
C ALA C 160 16.14 -32.10 -19.14
N THR C 161 16.09 -31.47 -20.31
CA THR C 161 17.09 -31.68 -21.35
C THR C 161 18.17 -30.61 -21.38
N GLY C 162 17.99 -29.53 -20.63
CA GLY C 162 18.97 -28.46 -20.61
C GLY C 162 18.78 -27.47 -21.75
N ILE C 163 19.58 -26.41 -21.70
CA ILE C 163 19.62 -25.43 -22.77
C ILE C 163 21.07 -25.22 -23.19
N VAL C 164 21.24 -24.71 -24.40
CA VAL C 164 22.54 -24.30 -24.90
C VAL C 164 22.48 -22.81 -25.21
N THR C 165 23.66 -22.20 -25.33
CA THR C 165 23.76 -20.79 -25.67
C THR C 165 24.71 -20.63 -26.84
N LYS C 166 24.43 -19.64 -27.68
CA LYS C 166 25.24 -19.36 -28.86
C LYS C 166 25.14 -17.88 -29.19
N MET C 167 25.98 -17.45 -30.13
CA MET C 167 26.04 -16.07 -30.58
C MET C 167 25.53 -15.97 -32.01
N LEU C 168 24.72 -14.94 -32.28
CA LEU C 168 24.25 -14.71 -33.64
C LEU C 168 25.37 -14.25 -34.56
N SER C 169 26.42 -13.64 -34.01
CA SER C 169 27.51 -13.11 -34.82
C SER C 169 28.69 -14.08 -34.85
N GLN C 170 29.57 -13.84 -35.82
CA GLN C 170 30.76 -14.64 -36.04
C GLN C 170 31.97 -13.74 -35.85
N PHE C 171 32.84 -14.11 -34.90
CA PHE C 171 33.98 -13.28 -34.55
C PHE C 171 35.05 -14.14 -33.89
N ALA C 172 36.12 -13.50 -33.45
CA ALA C 172 37.17 -14.14 -32.69
C ALA C 172 37.80 -13.11 -31.75
N ILE C 173 38.22 -13.59 -30.58
CA ILE C 173 38.84 -12.75 -29.56
C ILE C 173 40.30 -13.15 -29.44
N TYR C 174 41.20 -12.22 -29.68
CA TYR C 174 42.63 -12.51 -29.66
C TYR C 174 43.29 -12.04 -28.36
N GLU C 180 41.92 -16.25 -29.93
CA GLU C 180 41.17 -17.16 -30.78
C GLU C 180 41.19 -18.59 -30.19
N MET C 181 40.29 -18.97 -29.26
CA MET C 181 39.17 -18.23 -28.64
C MET C 181 38.00 -17.89 -29.58
N VAL C 182 36.96 -18.70 -29.46
CA VAL C 182 35.71 -18.57 -30.22
C VAL C 182 34.60 -19.20 -29.40
N VAL C 183 33.40 -18.61 -29.47
CA VAL C 183 32.25 -19.09 -28.72
C VAL C 183 31.51 -20.13 -29.55
N PHE C 184 31.76 -21.39 -29.28
CA PHE C 184 30.95 -22.47 -29.85
C PHE C 184 29.62 -22.57 -29.09
N THR C 185 28.69 -23.33 -29.65
CA THR C 185 27.45 -23.63 -28.95
C THR C 185 27.74 -24.43 -27.71
N SER C 186 27.47 -23.85 -26.54
CA SER C 186 27.92 -24.40 -25.28
C SER C 186 26.76 -24.67 -24.34
N PRO C 187 26.85 -25.72 -23.51
CA PRO C 187 25.82 -25.95 -22.51
C PRO C 187 25.87 -24.90 -21.41
N VAL C 188 24.68 -24.52 -20.94
CA VAL C 188 24.55 -23.55 -19.85
C VAL C 188 24.42 -24.34 -18.55
N THR C 189 25.36 -24.11 -17.63
CA THR C 189 25.40 -24.82 -16.37
C THR C 189 24.71 -24.02 -15.28
N LYS C 190 24.50 -24.69 -14.13
CA LYS C 190 23.91 -24.01 -12.98
C LYS C 190 24.83 -22.91 -12.45
N GLU C 191 26.14 -23.07 -12.63
CA GLU C 191 27.07 -22.00 -12.25
C GLU C 191 26.96 -20.82 -13.20
N ASP C 192 26.82 -21.10 -14.50
CA ASP C 192 26.62 -20.04 -15.48
C ASP C 192 25.35 -19.25 -15.18
N LEU C 193 24.33 -19.90 -14.61
CA LEU C 193 23.08 -19.19 -14.31
C LEU C 193 23.21 -18.27 -13.10
N ASP C 194 24.27 -18.44 -12.31
CA ASP C 194 24.53 -17.57 -11.16
C ASP C 194 25.46 -16.40 -11.51
N ASN C 195 25.86 -16.27 -12.78
CA ASN C 195 26.75 -15.20 -13.24
C ASN C 195 26.19 -14.57 -14.50
N LEU C 196 24.89 -14.26 -14.49
CA LEU C 196 24.21 -13.69 -15.64
C LEU C 196 24.38 -12.18 -15.76
N GLU C 197 25.20 -11.56 -14.90
CA GLU C 197 25.26 -10.10 -14.87
C GLU C 197 25.82 -9.52 -16.17
N GLY C 198 26.63 -10.29 -16.88
CA GLY C 198 27.20 -9.81 -18.14
C GLY C 198 26.20 -9.63 -19.25
N LEU C 199 24.94 -10.02 -19.05
CA LEU C 199 23.94 -9.85 -20.11
C LEU C 199 23.72 -8.38 -20.45
N GLN C 200 23.91 -7.48 -19.49
CA GLN C 200 23.69 -6.07 -19.72
C GLN C 200 24.72 -5.45 -20.67
N PHE C 201 25.83 -6.15 -20.95
CA PHE C 201 26.83 -5.67 -21.89
C PHE C 201 26.78 -6.37 -23.24
N CYS C 202 26.14 -7.53 -23.32
CA CYS C 202 26.00 -8.29 -24.57
C CYS C 202 24.97 -9.40 -24.40
N PRO C 203 23.91 -9.40 -25.21
CA PRO C 203 22.93 -10.50 -25.14
C PRO C 203 23.49 -11.76 -25.74
N MET C 204 22.77 -12.86 -25.51
CA MET C 204 23.08 -14.13 -26.14
C MET C 204 21.78 -14.77 -26.61
N THR C 205 21.93 -15.82 -27.41
CA THR C 205 20.79 -16.59 -27.91
C THR C 205 20.81 -17.96 -27.24
N PHE C 206 19.74 -18.27 -26.52
CA PHE C 206 19.60 -19.53 -25.82
C PHE C 206 18.56 -20.40 -26.52
N GLN C 207 18.79 -21.71 -26.48
CA GLN C 207 17.93 -22.65 -27.19
C GLN C 207 17.71 -23.92 -26.38
N GLU C 208 16.52 -24.48 -26.54
CA GLU C 208 16.20 -25.78 -25.97
C GLU C 208 17.14 -26.85 -26.53
N ASN C 209 17.82 -27.57 -25.64
CA ASN C 209 18.74 -28.63 -26.04
C ASN C 209 17.92 -29.91 -26.28
N ILE C 210 17.61 -30.17 -27.54
CA ILE C 210 16.80 -31.33 -27.90
C ILE C 210 17.71 -32.53 -28.08
N PRO C 211 17.45 -33.65 -27.42
CA PRO C 211 18.22 -34.87 -27.67
C PRO C 211 17.96 -35.39 -29.07
N LYS C 212 19.04 -35.71 -29.79
CA LYS C 212 18.96 -36.03 -31.20
C LYS C 212 19.58 -37.40 -31.45
N ALA C 213 19.02 -38.11 -32.42
CA ALA C 213 19.63 -39.34 -32.89
C ALA C 213 20.55 -39.10 -34.08
N LEU C 214 20.13 -38.22 -34.99
CA LEU C 214 20.89 -37.93 -36.19
C LEU C 214 21.02 -36.42 -36.37
N GLU C 215 22.11 -36.02 -37.02
CA GLU C 215 22.31 -34.66 -37.49
C GLU C 215 22.27 -34.66 -39.01
N LEU C 216 21.45 -33.78 -39.58
CA LEU C 216 21.29 -33.68 -41.03
C LEU C 216 21.99 -32.44 -41.55
N ARG C 217 22.74 -32.59 -42.64
CA ARG C 217 23.32 -31.48 -43.38
C ARG C 217 22.73 -31.50 -44.78
N ILE C 218 21.88 -30.53 -45.07
CA ILE C 218 21.07 -30.53 -46.28
C ILE C 218 21.52 -29.37 -47.15
N THR C 219 22.06 -29.68 -48.32
CA THR C 219 22.48 -28.68 -49.29
C THR C 219 21.52 -28.67 -50.45
N ILE C 220 20.96 -27.50 -50.76
CA ILE C 220 20.00 -27.35 -51.84
C ILE C 220 20.60 -26.46 -52.91
N VAL C 221 20.55 -26.93 -54.15
CA VAL C 221 20.99 -26.17 -55.31
C VAL C 221 19.81 -26.08 -56.26
N GLY C 222 19.18 -24.91 -56.32
CA GLY C 222 17.97 -24.75 -57.09
C GLY C 222 16.82 -25.49 -56.47
N GLU C 223 16.44 -26.63 -57.05
CA GLU C 223 15.48 -27.53 -56.45
C GLU C 223 16.05 -28.91 -56.18
N GLN C 224 17.35 -29.11 -56.40
CA GLN C 224 18.02 -30.35 -56.08
C GLN C 224 18.41 -30.37 -54.61
N ILE C 225 18.16 -31.49 -53.94
CA ILE C 225 18.38 -31.63 -52.51
C ILE C 225 19.44 -32.70 -52.28
N PHE C 226 20.49 -32.33 -51.57
CA PHE C 226 21.55 -33.25 -51.15
C PHE C 226 21.49 -33.35 -49.63
N THR C 227 21.06 -34.50 -49.13
CA THR C 227 20.86 -34.70 -47.69
C THR C 227 21.89 -35.69 -47.17
N ALA C 228 22.64 -35.27 -46.15
CA ALA C 228 23.64 -36.10 -45.50
C ALA C 228 23.36 -36.21 -44.01
N ALA C 229 23.48 -37.41 -43.47
CA ALA C 229 23.17 -37.68 -42.08
C ALA C 229 24.37 -38.33 -41.39
N ILE C 230 24.48 -38.10 -40.09
CA ILE C 230 25.51 -38.72 -39.27
C ILE C 230 24.92 -39.07 -37.91
N ASN C 231 25.35 -40.20 -37.36
CA ASN C 231 24.93 -40.60 -36.02
C ASN C 231 25.83 -39.91 -35.00
N SER C 232 25.23 -39.07 -34.16
CA SER C 232 25.97 -38.32 -33.15
C SER C 232 25.72 -38.83 -31.74
N GLN C 233 24.94 -39.90 -31.58
CA GLN C 233 24.56 -40.38 -30.25
C GLN C 233 25.79 -40.84 -29.48
N GLN C 234 26.06 -40.19 -28.35
CA GLN C 234 27.08 -40.71 -27.44
C GLN C 234 26.65 -42.03 -26.84
N LEU C 235 25.35 -42.21 -26.63
CA LEU C 235 24.76 -43.48 -26.23
C LEU C 235 23.70 -43.85 -27.26
N ASP C 236 24.02 -44.83 -28.12
CA ASP C 236 23.09 -45.27 -29.15
C ASP C 236 22.23 -46.40 -28.59
N GLY C 237 20.91 -46.18 -28.56
CA GLY C 237 20.03 -47.17 -27.99
C GLY C 237 19.99 -48.46 -28.78
N ALA C 238 19.78 -48.35 -30.11
CA ALA C 238 19.65 -49.52 -30.96
C ALA C 238 20.92 -50.36 -31.01
N ILE C 239 22.05 -49.83 -30.57
CA ILE C 239 23.32 -50.55 -30.63
C ILE C 239 23.77 -51.03 -29.25
N TYR C 240 23.30 -50.41 -28.17
CA TYR C 240 23.77 -50.71 -26.82
C TYR C 240 23.80 -52.20 -26.53
N ASP C 241 24.80 -52.61 -25.75
CA ASP C 241 24.96 -54.00 -25.34
C ASP C 241 25.75 -54.03 -24.04
N TRP C 242 25.27 -54.81 -23.07
CA TRP C 242 25.90 -54.94 -21.76
C TRP C 242 27.13 -55.85 -21.79
N HIS C 250 33.73 -46.54 -36.10
CA HIS C 250 33.58 -45.09 -36.15
C HIS C 250 32.32 -44.72 -36.94
N GLN C 251 32.16 -43.43 -37.26
CA GLN C 251 31.00 -42.95 -37.99
C GLN C 251 31.45 -41.91 -39.02
N GLN C 252 30.59 -41.69 -40.01
CA GLN C 252 30.82 -40.68 -41.03
C GLN C 252 29.49 -40.37 -41.70
N TRP C 253 29.49 -39.28 -42.47
CA TRP C 253 28.25 -38.81 -43.08
C TRP C 253 27.81 -39.73 -44.22
N GLN C 254 26.52 -40.04 -44.26
CA GLN C 254 26.00 -40.93 -45.30
C GLN C 254 24.71 -40.38 -45.88
N PRO C 255 24.42 -40.73 -47.13
CA PRO C 255 23.19 -40.25 -47.77
C PRO C 255 21.98 -40.55 -46.90
N TYR C 256 20.98 -39.68 -47.01
CA TYR C 256 19.76 -39.81 -46.22
C TYR C 256 18.60 -39.32 -47.07
N ASP C 257 17.45 -39.97 -46.95
CA ASP C 257 16.26 -39.64 -47.73
C ASP C 257 15.26 -38.92 -46.82
N LEU C 258 15.20 -37.60 -46.96
CA LEU C 258 14.22 -36.82 -46.23
C LEU C 258 12.80 -37.25 -46.61
N PRO C 259 11.85 -37.15 -45.68
CA PRO C 259 10.45 -37.33 -46.06
C PRO C 259 10.05 -36.30 -47.12
N LYS C 260 9.25 -36.75 -48.08
CA LYS C 260 8.83 -35.88 -49.17
C LYS C 260 8.18 -34.60 -48.66
N THR C 261 7.47 -34.68 -47.54
CA THR C 261 6.85 -33.48 -46.98
C THR C 261 7.89 -32.54 -46.39
N ILE C 262 8.97 -33.08 -45.83
CA ILE C 262 10.04 -32.22 -45.32
C ILE C 262 10.72 -31.51 -46.48
N GLU C 263 10.99 -32.24 -47.58
CA GLU C 263 11.62 -31.62 -48.74
C GLU C 263 10.76 -30.48 -49.30
N LYS C 264 9.43 -30.65 -49.31
CA LYS C 264 8.57 -29.59 -49.82
C LYS C 264 8.63 -28.36 -48.94
N GLN C 265 8.64 -28.55 -47.62
CA GLN C 265 8.68 -27.42 -46.71
C GLN C 265 9.99 -26.65 -46.83
N LEU C 266 11.09 -27.35 -47.03
CA LEU C 266 12.38 -26.67 -47.19
C LEU C 266 12.43 -25.89 -48.50
N LEU C 267 11.88 -26.46 -49.57
CA LEU C 267 11.84 -25.72 -50.83
C LEU C 267 10.94 -24.49 -50.73
N GLU C 268 9.87 -24.56 -49.95
CA GLU C 268 9.07 -23.36 -49.72
C GLU C 268 9.81 -22.35 -48.87
N LEU C 269 10.71 -22.82 -48.00
CA LEU C 269 11.55 -21.91 -47.23
C LEU C 269 12.58 -21.24 -48.13
N MET C 270 13.19 -21.99 -49.05
CA MET C 270 14.08 -21.41 -50.04
C MET C 270 13.34 -20.40 -50.90
N LYS C 271 12.10 -20.71 -51.29
CA LYS C 271 11.36 -19.82 -52.19
C LYS C 271 10.95 -18.54 -51.47
N TYR C 272 10.62 -18.63 -50.18
CA TYR C 272 10.26 -17.42 -49.43
C TYR C 272 11.42 -16.43 -49.41
N PHE C 273 12.63 -16.91 -49.15
CA PHE C 273 13.80 -16.03 -49.14
C PHE C 273 14.39 -15.83 -50.53
N GLY C 274 13.86 -16.51 -51.54
CA GLY C 274 14.35 -16.35 -52.90
C GLY C 274 15.75 -16.89 -53.14
N LEU C 275 16.13 -17.94 -52.43
CA LEU C 275 17.47 -18.49 -52.53
C LEU C 275 17.49 -19.70 -53.47
N ASN C 276 18.56 -19.81 -54.26
CA ASN C 276 18.81 -20.99 -55.06
C ASN C 276 20.01 -21.80 -54.56
N TYR C 277 20.64 -21.37 -53.47
CA TYR C 277 21.59 -22.20 -52.75
C TYR C 277 21.36 -22.03 -51.26
N GLY C 278 21.55 -23.10 -50.51
CA GLY C 278 21.43 -23.02 -49.07
C GLY C 278 21.98 -24.22 -48.33
N ALA C 279 22.65 -24.00 -47.21
CA ALA C 279 23.12 -25.07 -46.34
C ALA C 279 22.25 -25.10 -45.10
N ILE C 280 21.45 -26.15 -44.96
CA ILE C 280 20.41 -26.23 -43.94
C ILE C 280 20.82 -27.25 -42.89
N ASP C 281 20.66 -26.89 -41.62
CA ASP C 281 20.96 -27.76 -40.50
C ASP C 281 19.67 -28.25 -39.86
N MET C 282 19.56 -29.56 -39.70
CA MET C 282 18.44 -30.19 -39.03
C MET C 282 18.96 -31.29 -38.12
N ILE C 283 18.08 -31.74 -37.23
CA ILE C 283 18.33 -32.91 -36.39
C ILE C 283 17.08 -33.79 -36.40
N VAL C 284 17.30 -35.08 -36.14
CA VAL C 284 16.22 -36.05 -36.01
C VAL C 284 16.28 -36.66 -34.63
N THR C 285 15.14 -36.68 -33.95
CA THR C 285 15.05 -37.29 -32.63
C THR C 285 14.90 -38.81 -32.76
N PRO C 286 15.17 -39.55 -31.67
CA PRO C 286 14.97 -41.01 -31.73
C PRO C 286 13.58 -41.42 -32.16
N ASP C 287 12.55 -40.64 -31.82
CA ASP C 287 11.20 -40.89 -32.29
C ASP C 287 10.91 -40.24 -33.65
N GLU C 288 11.95 -39.93 -34.42
CA GLU C 288 11.83 -39.51 -35.81
C GLU C 288 11.04 -38.21 -35.96
N ARG C 289 11.33 -37.25 -35.09
CA ARG C 289 10.87 -35.88 -35.28
C ARG C 289 11.97 -35.06 -35.94
N TYR C 290 11.59 -34.24 -36.90
CA TYR C 290 12.54 -33.44 -37.68
C TYR C 290 12.49 -32.00 -37.21
N ILE C 291 13.59 -31.52 -36.64
CA ILE C 291 13.69 -30.18 -36.10
C ILE C 291 14.53 -29.33 -37.04
N PHE C 292 14.02 -28.14 -37.37
CA PHE C 292 14.78 -27.18 -38.17
C PHE C 292 15.65 -26.34 -37.24
N LEU C 293 16.91 -26.17 -37.60
CA LEU C 293 17.84 -25.36 -36.82
C LEU C 293 18.21 -24.06 -37.51
N GLU C 294 18.70 -24.13 -38.75
CA GLU C 294 19.29 -22.95 -39.37
C GLU C 294 19.50 -23.20 -40.85
N ILE C 295 19.38 -22.13 -41.64
CA ILE C 295 19.78 -22.14 -43.04
C ILE C 295 20.87 -21.08 -43.22
N ASN C 296 21.99 -21.49 -43.80
CA ASN C 296 23.08 -20.58 -44.07
C ASN C 296 23.21 -20.37 -45.57
N PRO C 297 22.84 -19.20 -46.10
CA PRO C 297 22.84 -19.00 -47.56
C PRO C 297 24.23 -19.08 -48.19
N VAL C 298 25.31 -19.08 -47.41
CA VAL C 298 26.65 -19.21 -47.97
C VAL C 298 27.39 -20.31 -47.22
N GLY C 299 26.65 -21.33 -46.77
CA GLY C 299 27.26 -22.39 -46.01
C GLY C 299 28.16 -23.26 -46.87
N GLU C 300 29.14 -23.88 -46.22
CA GLU C 300 30.12 -24.69 -46.92
C GLU C 300 29.49 -25.98 -47.42
N PHE C 301 30.15 -26.58 -48.41
CA PHE C 301 29.74 -27.86 -48.96
C PHE C 301 30.88 -28.78 -49.34
N PHE C 302 32.12 -28.28 -49.41
CA PHE C 302 33.23 -29.07 -49.95
C PHE C 302 33.47 -30.35 -49.16
N TRP C 303 33.23 -30.31 -47.84
CA TRP C 303 33.45 -31.49 -47.03
C TRP C 303 32.37 -32.54 -47.20
N LEU C 304 31.40 -32.29 -48.07
CA LEU C 304 30.40 -33.30 -48.43
C LEU C 304 30.66 -33.94 -49.78
N GLU C 305 31.58 -33.40 -50.60
CA GLU C 305 31.96 -34.04 -51.85
C GLU C 305 33.42 -34.44 -51.93
N LEU C 306 34.31 -33.81 -51.15
CA LEU C 306 35.67 -34.33 -51.06
C LEU C 306 35.76 -35.50 -50.10
N TYR C 307 34.76 -35.69 -49.26
CA TYR C 307 34.66 -36.77 -48.31
C TYR C 307 33.27 -37.35 -48.41
N PRO C 308 33.03 -38.54 -47.83
CA PRO C 308 31.67 -39.12 -47.87
C PRO C 308 30.58 -38.12 -47.47
N PRO C 309 29.44 -38.14 -48.16
CA PRO C 309 29.03 -39.11 -49.19
C PRO C 309 29.40 -38.77 -50.63
N TYR C 310 30.29 -37.80 -50.84
CA TYR C 310 30.75 -37.41 -52.17
C TYR C 310 29.61 -36.91 -53.05
N PHE C 311 28.89 -35.90 -52.56
CA PHE C 311 27.75 -35.34 -53.29
C PHE C 311 28.23 -34.45 -54.42
N PRO C 312 27.90 -34.74 -55.69
CA PRO C 312 28.38 -33.88 -56.78
C PRO C 312 27.77 -32.49 -56.72
N ILE C 313 28.18 -31.70 -55.74
CA ILE C 313 27.52 -30.42 -55.50
C ILE C 313 28.09 -29.31 -56.35
N SER C 314 29.43 -29.26 -56.46
CA SER C 314 30.07 -28.21 -57.27
C SER C 314 29.62 -28.29 -58.72
N GLN C 315 29.40 -29.50 -59.22
CA GLN C 315 28.83 -29.67 -60.56
C GLN C 315 27.43 -29.06 -60.62
N ALA C 316 26.63 -29.25 -59.58
CA ALA C 316 25.28 -28.68 -59.57
C ALA C 316 25.32 -27.16 -59.47
N ILE C 317 26.35 -26.61 -58.85
CA ILE C 317 26.49 -25.17 -58.75
C ILE C 317 26.96 -24.58 -60.08
N ALA C 318 27.94 -25.22 -60.72
CA ALA C 318 28.41 -24.74 -62.01
C ALA C 318 27.29 -24.81 -63.05
N GLU C 319 26.42 -25.81 -62.95
CA GLU C 319 25.36 -25.95 -63.95
C GLU C 319 24.32 -24.84 -63.80
N ILE C 320 24.00 -24.43 -62.57
CA ILE C 320 22.98 -23.39 -62.42
C ILE C 320 23.57 -22.01 -62.71
N LEU C 321 24.86 -21.80 -62.45
CA LEU C 321 25.49 -20.54 -62.83
C LEU C 321 25.53 -20.39 -64.35
N VAL C 322 25.78 -21.48 -65.06
CA VAL C 322 25.94 -21.41 -66.51
C VAL C 322 24.58 -21.39 -67.21
N ASN C 323 23.63 -22.20 -66.72
CA ASN C 323 22.34 -22.34 -67.38
C ASN C 323 21.29 -21.37 -66.85
N SER C 324 21.71 -20.35 -66.12
CA SER C 324 20.80 -19.34 -65.57
C SER C 324 19.66 -19.96 -64.76
N MET D 1 -3.55 -0.51 -31.38
CA MET D 1 -2.46 -0.59 -32.33
C MET D 1 -1.32 0.36 -31.94
N THR D 2 -0.14 -0.22 -31.69
CA THR D 2 1.02 0.51 -31.19
C THR D 2 2.08 0.61 -32.28
N VAL D 3 2.68 1.79 -32.39
CA VAL D 3 3.75 2.05 -33.35
C VAL D 3 5.08 1.92 -32.63
N LEU D 4 5.91 0.98 -33.07
CA LEU D 4 7.25 0.85 -32.52
C LEU D 4 8.17 1.83 -33.25
N ILE D 5 8.85 2.69 -32.49
CA ILE D 5 9.71 3.72 -33.05
C ILE D 5 11.15 3.39 -32.70
N VAL D 6 11.95 3.08 -33.72
CA VAL D 6 13.31 2.59 -33.55
C VAL D 6 14.24 3.79 -33.66
N THR D 7 14.83 4.19 -32.52
CA THR D 7 15.57 5.44 -32.43
C THR D 7 16.79 5.23 -31.54
N PHE D 8 17.43 6.33 -31.16
CA PHE D 8 18.46 6.34 -30.13
C PHE D 8 18.24 7.57 -29.25
N SER D 9 18.85 7.53 -28.06
CA SER D 9 18.51 8.50 -27.02
C SER D 9 18.86 9.93 -27.41
N ARG D 10 19.86 10.12 -28.27
CA ARG D 10 20.31 11.46 -28.64
C ARG D 10 19.76 11.90 -30.00
N ASP D 11 18.67 11.30 -30.45
CA ASP D 11 18.01 11.78 -31.67
C ASP D 11 17.35 13.13 -31.40
N ASN D 12 17.01 13.82 -32.48
CA ASN D 12 16.56 15.21 -32.40
C ASN D 12 15.06 15.25 -32.14
N GLU D 13 14.45 16.43 -32.35
CA GLU D 13 13.06 16.71 -32.03
C GLU D 13 12.08 16.10 -33.02
N SER D 14 12.55 15.34 -34.01
CA SER D 14 11.62 14.67 -34.92
C SER D 14 10.78 13.64 -34.19
N ILE D 15 11.35 13.00 -33.18
CA ILE D 15 10.70 11.90 -32.46
C ILE D 15 9.52 12.39 -31.65
N PRO D 16 9.66 13.40 -30.78
CA PRO D 16 8.49 13.82 -29.97
C PRO D 16 7.34 14.36 -30.79
N LEU D 17 7.60 14.92 -31.98
CA LEU D 17 6.51 15.46 -32.79
C LEU D 17 5.77 14.36 -33.53
N VAL D 18 6.50 13.34 -34.00
CA VAL D 18 5.84 12.18 -34.58
C VAL D 18 5.03 11.44 -33.52
N ILE D 19 5.62 11.26 -32.33
CA ILE D 19 4.89 10.62 -31.23
C ILE D 19 3.63 11.40 -30.89
N LYS D 20 3.77 12.72 -30.72
CA LYS D 20 2.63 13.56 -30.40
C LYS D 20 1.55 13.47 -31.48
N ALA D 21 1.96 13.53 -32.74
CA ALA D 21 1.00 13.42 -33.84
C ALA D 21 0.34 12.05 -33.87
N ILE D 22 1.08 11.00 -33.53
CA ILE D 22 0.47 9.68 -33.41
C ILE D 22 -0.50 9.66 -32.24
N GLU D 23 -0.08 10.17 -31.09
CA GLU D 23 -0.94 10.15 -29.90
C GLU D 23 -2.19 11.00 -30.10
N ALA D 24 -2.04 12.15 -30.77
CA ALA D 24 -3.19 13.01 -31.05
C ALA D 24 -4.18 12.36 -32.02
N MET D 25 -3.78 11.30 -32.73
CA MET D 25 -4.67 10.59 -33.63
C MET D 25 -5.34 9.39 -32.95
N GLY D 26 -5.24 9.27 -31.64
CA GLY D 26 -5.88 8.19 -30.91
C GLY D 26 -5.14 6.89 -30.86
N LYS D 27 -3.87 6.86 -31.26
CA LYS D 27 -3.04 5.67 -31.15
C LYS D 27 -1.89 5.92 -30.19
N LYS D 28 -1.14 4.85 -29.90
CA LYS D 28 -0.02 4.91 -28.97
C LYS D 28 1.25 4.46 -29.67
N ALA D 29 2.39 4.89 -29.10
CA ALA D 29 3.69 4.61 -29.67
C ALA D 29 4.68 4.30 -28.56
N PHE D 30 5.65 3.44 -28.88
CA PHE D 30 6.73 3.06 -27.96
C PHE D 30 8.05 3.51 -28.57
N ARG D 31 8.84 4.25 -27.81
CA ARG D 31 10.14 4.72 -28.27
C ARG D 31 11.21 3.74 -27.82
N PHE D 32 11.94 3.16 -28.77
CA PHE D 32 12.99 2.19 -28.49
C PHE D 32 14.32 2.83 -28.84
N ASP D 33 15.08 3.21 -27.81
CA ASP D 33 16.39 3.84 -28.01
C ASP D 33 17.42 2.73 -28.20
N THR D 34 17.88 2.58 -29.44
CA THR D 34 18.77 1.46 -29.76
C THR D 34 20.11 1.56 -29.04
N ASP D 35 20.53 2.77 -28.70
CA ASP D 35 21.82 2.93 -28.04
C ASP D 35 21.77 2.53 -26.57
N ARG D 36 20.60 2.55 -25.96
CA ARG D 36 20.43 2.20 -24.55
C ARG D 36 20.19 0.71 -24.34
N PHE D 37 20.27 -0.08 -25.40
CA PHE D 37 20.34 -1.54 -25.31
C PHE D 37 21.79 -1.94 -25.55
N PRO D 38 22.32 -2.89 -24.78
CA PRO D 38 21.67 -3.67 -23.72
C PRO D 38 21.91 -3.15 -22.30
N THR D 39 22.54 -1.98 -22.18
CA THR D 39 22.92 -1.49 -20.86
C THR D 39 21.72 -1.10 -20.01
N GLU D 40 20.64 -0.64 -20.64
CA GLU D 40 19.49 -0.15 -19.89
C GLU D 40 18.18 -0.82 -20.29
N VAL D 41 17.95 -1.02 -21.58
CA VAL D 41 16.69 -1.56 -22.07
C VAL D 41 16.77 -3.08 -22.10
N LYS D 42 15.71 -3.74 -21.65
CA LYS D 42 15.61 -5.20 -21.68
C LYS D 42 14.80 -5.63 -22.90
N VAL D 43 15.37 -6.54 -23.69
CA VAL D 43 14.72 -7.07 -24.88
C VAL D 43 14.72 -8.59 -24.81
N ASP D 44 13.53 -9.19 -24.92
CA ASP D 44 13.37 -10.63 -24.85
C ASP D 44 12.65 -11.09 -26.12
N LEU D 45 13.31 -11.93 -26.91
CA LEU D 45 12.81 -12.38 -28.19
C LEU D 45 12.64 -13.89 -28.17
N TYR D 46 11.40 -14.35 -28.30
CA TYR D 46 11.05 -15.76 -28.20
C TYR D 46 10.66 -16.28 -29.58
N SER D 47 11.26 -17.40 -29.98
CA SER D 47 10.95 -18.04 -31.25
C SER D 47 10.53 -19.47 -30.95
N GLY D 48 9.38 -19.89 -31.49
CA GLY D 48 8.87 -21.22 -31.20
C GLY D 48 7.42 -21.25 -30.77
N GLY D 49 7.05 -22.26 -29.97
CA GLY D 49 5.69 -22.33 -29.46
C GLY D 49 5.30 -21.13 -28.63
N GLN D 50 6.27 -20.54 -27.94
CA GLN D 50 6.02 -19.29 -27.23
C GLN D 50 5.62 -18.21 -28.22
N LYS D 51 6.58 -17.79 -29.06
CA LYS D 51 6.34 -16.82 -30.13
C LYS D 51 5.98 -15.43 -29.62
N GLY D 52 6.75 -14.41 -30.02
CA GLY D 52 6.52 -13.05 -29.59
C GLY D 52 7.76 -12.45 -28.94
N GLY D 53 7.52 -11.55 -28.01
CA GLY D 53 8.61 -10.91 -27.30
C GLY D 53 8.14 -9.67 -26.58
N ILE D 54 9.04 -9.12 -25.77
CA ILE D 54 8.74 -7.96 -24.95
C ILE D 54 9.97 -7.06 -24.87
N ILE D 55 9.74 -5.75 -24.90
CA ILE D 55 10.76 -4.74 -24.67
C ILE D 55 10.41 -4.01 -23.39
N THR D 56 11.35 -3.94 -22.45
CA THR D 56 11.15 -3.29 -21.17
C THR D 56 12.16 -2.17 -21.00
N ASP D 57 11.66 -0.97 -20.70
CA ASP D 57 12.47 0.23 -20.48
C ASP D 57 11.96 0.90 -19.20
N GLY D 58 12.50 0.48 -18.06
CA GLY D 58 12.07 1.05 -16.80
C GLY D 58 10.62 0.72 -16.52
N ASP D 59 9.79 1.75 -16.36
CA ASP D 59 8.38 1.52 -16.09
C ASP D 59 7.59 1.16 -17.35
N GLN D 60 8.16 1.42 -18.52
CA GLN D 60 7.50 1.20 -19.80
C GLN D 60 7.85 -0.17 -20.36
N LYS D 61 6.81 -0.94 -20.70
CA LYS D 61 6.97 -2.21 -21.37
C LYS D 61 6.21 -2.19 -22.69
N LEU D 62 6.60 -3.08 -23.60
CA LEU D 62 5.99 -3.17 -24.91
C LEU D 62 5.99 -4.64 -25.33
N GLU D 63 4.80 -5.21 -25.50
CA GLU D 63 4.68 -6.58 -25.98
C GLU D 63 4.65 -6.56 -27.50
N LEU D 64 5.60 -7.29 -28.11
CA LEU D 64 5.80 -7.20 -29.56
C LEU D 64 4.62 -7.71 -30.37
N LYS D 65 3.64 -8.37 -29.74
CA LYS D 65 2.45 -8.78 -30.47
C LYS D 65 1.48 -7.63 -30.70
N GLU D 66 1.59 -6.55 -29.91
CA GLU D 66 0.76 -5.37 -30.10
C GLU D 66 1.37 -4.36 -31.05
N VAL D 67 2.50 -4.68 -31.67
CA VAL D 67 3.17 -3.77 -32.59
C VAL D 67 2.44 -3.81 -33.93
N SER D 68 1.85 -2.67 -34.32
CA SER D 68 1.14 -2.56 -35.58
C SER D 68 1.95 -1.91 -36.68
N ALA D 69 2.90 -1.05 -36.33
CA ALA D 69 3.72 -0.35 -37.32
C ALA D 69 5.09 -0.07 -36.74
N VAL D 70 6.10 -0.03 -37.61
CA VAL D 70 7.49 0.21 -37.23
C VAL D 70 7.99 1.42 -38.00
N TRP D 71 8.57 2.38 -37.29
CA TRP D 71 9.25 3.52 -37.92
C TRP D 71 10.75 3.27 -37.81
N TYR D 72 11.33 2.76 -38.89
CA TYR D 72 12.75 2.44 -38.97
C TYR D 72 13.52 3.74 -39.14
N ARG D 73 13.83 4.39 -38.00
CA ARG D 73 14.33 5.76 -37.99
C ARG D 73 15.85 5.84 -37.80
N ARG D 74 16.35 5.42 -36.63
CA ARG D 74 17.77 5.55 -36.31
C ARG D 74 18.26 4.30 -35.61
N MET D 75 19.40 3.77 -36.08
CA MET D 75 19.98 2.53 -35.58
C MET D 75 21.37 2.82 -35.02
N ARG D 76 21.46 2.86 -33.70
CA ARG D 76 22.71 3.12 -32.99
C ARG D 76 22.92 2.04 -31.93
N TYR D 77 22.91 0.78 -32.37
CA TYR D 77 22.86 -0.38 -31.49
C TYR D 77 24.02 -0.43 -30.50
N GLY D 78 23.74 -0.13 -29.25
CA GLY D 78 24.68 -0.40 -28.19
C GLY D 78 25.85 0.56 -28.05
N LEU D 79 25.70 1.80 -28.54
CA LEU D 79 26.81 2.75 -28.41
C LEU D 79 26.95 3.30 -27.00
N LYS D 80 25.93 3.18 -26.15
CA LYS D 80 26.06 3.56 -24.75
C LYS D 80 26.78 2.50 -23.92
N LEU D 81 27.40 1.51 -24.56
CA LEU D 81 28.28 0.61 -23.85
C LEU D 81 29.42 1.42 -23.24
N PRO D 82 29.87 1.08 -22.04
CA PRO D 82 30.96 1.84 -21.41
C PRO D 82 32.24 1.76 -22.23
N ASP D 83 32.88 2.92 -22.42
CA ASP D 83 34.14 2.96 -23.16
C ASP D 83 35.29 2.33 -22.39
N GLY D 84 35.18 2.22 -21.07
CA GLY D 84 36.12 1.44 -20.29
C GLY D 84 36.10 -0.04 -20.56
N MET D 85 35.24 -0.52 -21.45
CA MET D 85 35.18 -1.93 -21.81
C MET D 85 36.30 -2.27 -22.79
N ASP D 86 36.78 -3.52 -22.71
CA ASP D 86 37.80 -4.01 -23.63
C ASP D 86 37.34 -3.83 -25.07
N SER D 87 38.23 -3.28 -25.91
CA SER D 87 37.83 -2.94 -27.28
C SER D 87 37.44 -4.18 -28.08
N GLN D 88 38.13 -5.30 -27.83
CA GLN D 88 37.79 -6.54 -28.53
C GLN D 88 36.39 -7.02 -28.14
N PHE D 89 36.10 -7.01 -26.83
CA PHE D 89 34.78 -7.42 -26.38
C PHE D 89 33.71 -6.43 -26.85
N ARG D 90 34.03 -5.14 -26.84
CA ARG D 90 33.03 -4.13 -27.19
C ARG D 90 32.62 -4.24 -28.65
N GLU D 91 33.59 -4.41 -29.55
CA GLU D 91 33.27 -4.53 -30.97
C GLU D 91 32.51 -5.82 -31.27
N ALA D 92 32.74 -6.87 -30.47
CA ALA D 92 31.97 -8.09 -30.60
C ALA D 92 30.57 -7.93 -30.04
N SER D 93 30.43 -7.16 -28.94
CA SER D 93 29.10 -6.90 -28.40
C SER D 93 28.26 -6.08 -29.35
N LEU D 94 28.88 -5.10 -30.03
CA LEU D 94 28.15 -4.26 -30.97
C LEU D 94 27.61 -5.07 -32.13
N LYS D 95 28.39 -6.03 -32.62
CA LYS D 95 27.95 -6.86 -33.73
C LYS D 95 26.84 -7.81 -33.31
N GLU D 96 26.80 -8.19 -32.04
CA GLU D 96 25.75 -9.08 -31.55
C GLU D 96 24.45 -8.32 -31.27
N CYS D 97 24.57 -7.12 -30.69
CA CYS D 97 23.39 -6.29 -30.48
C CYS D 97 22.72 -5.94 -31.81
N ARG D 98 23.52 -5.72 -32.85
CA ARG D 98 22.99 -5.33 -34.15
C ARG D 98 22.18 -6.46 -34.76
N LEU D 99 22.77 -7.65 -34.86
CA LEU D 99 22.08 -8.78 -35.47
C LEU D 99 20.84 -9.19 -34.68
N SER D 100 20.83 -8.94 -33.37
CA SER D 100 19.68 -9.31 -32.55
C SER D 100 18.48 -8.42 -32.85
N ILE D 101 18.68 -7.10 -32.85
CA ILE D 101 17.57 -6.18 -33.05
C ILE D 101 17.15 -6.16 -34.51
N ARG D 102 18.12 -6.23 -35.43
CA ARG D 102 17.80 -6.37 -36.85
C ARG D 102 16.95 -7.60 -37.10
N GLY D 103 17.26 -8.71 -36.44
CA GLY D 103 16.42 -9.90 -36.55
C GLY D 103 15.03 -9.67 -35.97
N MET D 104 14.97 -8.92 -34.86
CA MET D 104 13.68 -8.60 -34.26
C MET D 104 12.81 -7.81 -35.23
N ILE D 105 13.37 -6.74 -35.80
CA ILE D 105 12.62 -5.88 -36.70
C ILE D 105 12.16 -6.66 -37.93
N ALA D 106 13.05 -7.46 -38.51
CA ALA D 106 12.70 -8.19 -39.71
C ALA D 106 11.58 -9.21 -39.47
N SER D 107 11.45 -9.68 -38.23
CA SER D 107 10.43 -10.68 -37.90
C SER D 107 9.07 -10.07 -37.61
N LEU D 108 9.03 -8.84 -37.11
CA LEU D 108 7.76 -8.17 -36.85
C LEU D 108 6.97 -8.03 -38.13
N SER D 109 5.66 -8.29 -38.04
CA SER D 109 4.76 -8.08 -39.16
C SER D 109 4.24 -6.64 -39.10
N GLY D 110 3.16 -6.35 -39.81
CA GLY D 110 2.63 -5.01 -39.84
C GLY D 110 3.36 -4.11 -40.83
N PHE D 111 3.01 -2.83 -40.76
CA PHE D 111 3.51 -1.83 -41.71
C PHE D 111 4.87 -1.30 -41.23
N HIS D 112 5.89 -1.42 -42.08
CA HIS D 112 7.22 -0.92 -41.79
C HIS D 112 7.52 0.31 -42.62
N LEU D 113 8.14 1.31 -42.00
CA LEU D 113 8.55 2.52 -42.70
C LEU D 113 10.02 2.82 -42.42
N ASP D 114 10.93 2.21 -43.17
CA ASP D 114 10.59 1.21 -44.17
C ASP D 114 11.10 -0.15 -43.71
N PRO D 115 10.76 -1.23 -44.44
CA PRO D 115 11.36 -2.53 -44.13
C PRO D 115 12.88 -2.46 -44.22
N ILE D 116 13.53 -3.28 -43.39
CA ILE D 116 14.99 -3.35 -43.40
C ILE D 116 15.49 -3.77 -44.77
N ALA D 117 14.87 -4.81 -45.36
CA ALA D 117 15.34 -5.34 -46.63
C ALA D 117 15.31 -4.28 -47.73
N LYS D 118 14.31 -3.39 -47.69
CA LYS D 118 14.23 -2.32 -48.68
C LYS D 118 15.32 -1.27 -48.46
N VAL D 119 15.55 -0.90 -47.21
CA VAL D 119 16.55 0.11 -46.90
C VAL D 119 17.95 -0.40 -47.21
N ASP D 120 18.21 -1.68 -46.95
CA ASP D 120 19.52 -2.25 -47.28
C ASP D 120 19.75 -2.25 -48.78
N HIS D 121 18.70 -2.50 -49.56
CA HIS D 121 18.82 -2.55 -51.02
C HIS D 121 18.97 -1.16 -51.61
N ALA D 122 18.26 -0.18 -51.07
CA ALA D 122 18.37 1.19 -51.54
C ALA D 122 19.60 1.91 -51.01
N ASN D 123 20.39 1.26 -50.15
CA ASN D 123 21.62 1.87 -49.64
C ASN D 123 22.80 1.71 -50.58
N HIS D 124 22.60 1.10 -51.74
CA HIS D 124 23.66 0.98 -52.75
C HIS D 124 23.58 2.20 -53.65
N LYS D 125 24.45 3.17 -53.40
CA LYS D 125 24.37 4.42 -54.16
C LYS D 125 24.67 4.20 -55.63
N GLN D 126 25.46 3.19 -55.97
CA GLN D 126 25.70 2.94 -57.39
C GLN D 126 24.43 2.43 -58.07
N LEU D 127 23.66 1.61 -57.36
CA LEU D 127 22.39 1.13 -57.90
C LEU D 127 21.36 2.26 -57.99
N GLN D 128 21.39 3.19 -57.04
CA GLN D 128 20.47 4.32 -57.09
C GLN D 128 20.65 5.10 -58.38
N LEU D 129 21.90 5.45 -58.70
CA LEU D 129 22.18 6.23 -59.91
C LEU D 129 21.85 5.42 -61.16
N GLN D 130 22.12 4.12 -61.13
CA GLN D 130 21.82 3.28 -62.29
C GLN D 130 20.32 3.19 -62.54
N VAL D 131 19.53 3.03 -61.48
CA VAL D 131 18.08 2.91 -61.62
C VAL D 131 17.48 4.25 -62.00
N ALA D 132 17.96 5.34 -61.38
CA ALA D 132 17.46 6.66 -61.74
C ALA D 132 17.72 6.95 -63.21
N ARG D 133 18.86 6.51 -63.74
CA ARG D 133 19.15 6.71 -65.16
C ARG D 133 18.25 5.83 -66.03
N GLN D 134 17.95 4.60 -65.56
CA GLN D 134 17.05 3.72 -66.29
C GLN D 134 15.62 4.23 -66.33
N LEU D 135 15.30 5.24 -65.51
CA LEU D 135 13.96 5.83 -65.46
C LEU D 135 13.88 7.17 -66.16
N GLY D 136 14.99 7.67 -66.69
CA GLY D 136 15.01 8.92 -67.43
C GLY D 136 15.59 10.11 -66.69
N LEU D 137 16.12 9.91 -65.49
CA LEU D 137 16.70 10.99 -64.71
C LEU D 137 18.17 11.16 -65.05
N LEU D 138 18.62 12.40 -65.13
CA LEU D 138 20.03 12.68 -65.40
C LEU D 138 20.85 12.46 -64.13
N ILE D 139 22.00 11.82 -64.28
CA ILE D 139 22.88 11.56 -63.15
C ILE D 139 24.27 12.09 -63.48
N PRO D 140 25.07 12.42 -62.47
CA PRO D 140 26.44 12.86 -62.74
C PRO D 140 27.36 11.68 -63.04
N GLY D 141 28.27 11.90 -63.97
CA GLY D 141 29.28 10.91 -64.32
C GLY D 141 30.08 10.51 -63.10
N THR D 142 30.01 9.23 -62.73
CA THR D 142 30.53 8.73 -61.48
C THR D 142 31.54 7.63 -61.73
N LEU D 143 32.63 7.65 -60.96
CA LEU D 143 33.64 6.60 -61.00
C LEU D 143 34.05 6.25 -59.58
N THR D 144 33.77 5.02 -59.17
CA THR D 144 34.30 4.44 -57.94
C THR D 144 35.51 3.59 -58.32
N SER D 145 36.68 3.93 -57.78
CA SER D 145 37.89 3.31 -58.27
C SER D 145 38.99 3.34 -57.22
N ASN D 146 39.81 2.29 -57.22
CA ASN D 146 41.10 2.28 -56.53
C ASN D 146 42.26 2.35 -57.52
N ASN D 147 41.99 2.81 -58.74
CA ASN D 147 42.96 2.78 -59.83
C ASN D 147 43.35 4.20 -60.22
N PRO D 148 44.62 4.61 -60.01
CA PRO D 148 45.00 5.99 -60.35
C PRO D 148 44.82 6.34 -61.81
N GLU D 149 45.21 5.45 -62.74
CA GLU D 149 45.13 5.80 -64.15
C GLU D 149 43.70 6.00 -64.62
N ALA D 150 42.75 5.27 -64.04
CA ALA D 150 41.36 5.51 -64.40
C ALA D 150 40.85 6.82 -63.83
N VAL D 151 41.40 7.23 -62.67
CA VAL D 151 40.98 8.47 -62.03
C VAL D 151 41.53 9.67 -62.77
N LYS D 152 42.82 9.62 -63.13
CA LYS D 152 43.40 10.68 -63.95
C LYS D 152 42.66 10.81 -65.28
N GLN D 153 42.38 9.68 -65.92
CA GLN D 153 41.60 9.70 -67.15
C GLN D 153 40.21 10.26 -66.91
N PHE D 154 39.62 9.98 -65.75
CA PHE D 154 38.32 10.53 -65.42
C PHE D 154 38.38 12.03 -65.18
N ALA D 155 39.43 12.50 -64.49
CA ALA D 155 39.56 13.94 -64.25
C ALA D 155 39.78 14.71 -65.53
N GLN D 156 40.45 14.10 -66.52
CA GLN D 156 40.69 14.78 -67.78
C GLN D 156 39.41 14.89 -68.59
N GLU D 157 38.50 13.92 -68.48
CA GLU D 157 37.20 14.00 -69.13
C GLU D 157 36.48 15.29 -68.79
N PHE D 158 36.39 15.59 -67.49
CA PHE D 158 35.66 16.74 -66.99
C PHE D 158 36.63 17.83 -66.51
N GLU D 159 37.66 18.11 -67.30
CA GLU D 159 38.67 19.08 -66.90
C GLU D 159 38.11 20.50 -66.86
N ALA D 160 37.09 20.79 -67.67
CA ALA D 160 36.54 22.14 -67.71
C ALA D 160 35.83 22.48 -66.40
N THR D 161 34.94 21.61 -65.94
CA THR D 161 34.18 21.82 -64.71
C THR D 161 34.83 21.20 -63.49
N GLY D 162 35.82 20.33 -63.68
CA GLY D 162 36.48 19.66 -62.57
C GLY D 162 35.64 18.50 -62.04
N ILE D 163 36.24 17.75 -61.12
CA ILE D 163 35.56 16.64 -60.48
C ILE D 163 35.65 16.82 -58.96
N VAL D 164 34.70 16.22 -58.27
CA VAL D 164 34.71 16.17 -56.81
C VAL D 164 34.89 14.72 -56.40
N THR D 165 35.28 14.52 -55.15
CA THR D 165 35.39 13.19 -54.57
C THR D 165 34.59 13.12 -53.28
N LYS D 166 34.12 11.92 -52.97
CA LYS D 166 33.36 11.69 -51.75
C LYS D 166 33.55 10.26 -51.32
N MET D 167 33.20 10.00 -50.06
CA MET D 167 33.19 8.65 -49.52
C MET D 167 31.76 8.11 -49.53
N LEU D 168 31.63 6.81 -49.85
CA LEU D 168 30.33 6.17 -49.76
C LEU D 168 29.89 6.01 -48.31
N SER D 169 30.85 5.79 -47.41
CA SER D 169 30.55 5.48 -46.02
C SER D 169 30.47 6.73 -45.17
N GLN D 170 29.88 6.58 -44.00
CA GLN D 170 29.78 7.62 -42.99
C GLN D 170 30.66 7.24 -41.81
N PHE D 171 31.60 8.11 -41.44
CA PHE D 171 32.52 7.83 -40.36
C PHE D 171 33.13 9.14 -39.87
N ALA D 172 34.14 9.02 -39.03
CA ALA D 172 34.92 10.15 -38.56
C ALA D 172 36.22 9.62 -37.97
N ILE D 173 37.29 10.40 -38.12
CA ILE D 173 38.59 10.07 -37.58
C ILE D 173 38.91 11.04 -36.45
N TYR D 174 39.24 10.50 -35.28
CA TYR D 174 39.57 11.32 -34.12
C TYR D 174 41.07 11.25 -33.84
N GLY D 175 41.89 11.64 -34.80
CA GLY D 175 43.34 11.48 -34.67
C GLY D 175 44.11 12.79 -34.64
N ASP D 176 44.35 13.31 -33.43
CA ASP D 176 45.17 14.49 -33.20
C ASP D 176 45.26 14.77 -31.71
N LYS D 177 44.43 15.69 -31.22
CA LYS D 177 44.32 15.99 -29.80
C LYS D 177 42.90 15.72 -29.29
N GLN D 178 42.12 14.94 -30.06
CA GLN D 178 40.79 14.36 -29.84
C GLN D 178 39.72 15.07 -30.68
N GLU D 179 40.15 15.81 -31.70
CA GLU D 179 39.21 16.51 -32.57
C GLU D 179 38.59 15.56 -33.60
N GLU D 180 37.36 15.88 -33.99
CA GLU D 180 36.59 15.07 -34.94
C GLU D 180 36.81 15.57 -36.36
N MET D 181 37.12 14.65 -37.26
CA MET D 181 37.44 14.99 -38.65
C MET D 181 36.58 14.16 -39.60
N VAL D 182 36.15 14.79 -40.69
CA VAL D 182 35.13 14.21 -41.57
C VAL D 182 35.47 14.58 -43.02
N VAL D 183 35.14 13.68 -43.94
CA VAL D 183 35.33 13.90 -45.37
C VAL D 183 33.98 14.26 -45.97
N PHE D 184 33.76 15.55 -46.21
CA PHE D 184 32.65 16.02 -47.02
C PHE D 184 33.07 16.09 -48.49
N THR D 185 32.08 16.18 -49.37
CA THR D 185 32.35 16.29 -50.80
C THR D 185 33.30 17.45 -51.08
N SER D 186 34.44 17.12 -51.70
CA SER D 186 35.52 18.07 -51.85
C SER D 186 36.03 18.09 -53.28
N PRO D 187 36.47 19.25 -53.77
CA PRO D 187 37.05 19.32 -55.11
C PRO D 187 38.40 18.61 -55.16
N VAL D 188 38.71 18.04 -56.32
CA VAL D 188 39.95 17.32 -56.56
C VAL D 188 40.90 18.23 -57.32
N THR D 189 41.96 18.68 -56.67
CA THR D 189 42.91 19.60 -57.28
C THR D 189 43.93 18.84 -58.13
N LYS D 190 44.79 19.59 -58.81
CA LYS D 190 45.83 18.96 -59.63
C LYS D 190 46.94 18.36 -58.78
N GLU D 191 47.19 18.92 -57.59
CA GLU D 191 48.15 18.32 -56.69
C GLU D 191 47.60 17.03 -56.08
N ASP D 192 46.29 16.96 -55.86
CA ASP D 192 45.67 15.71 -55.46
C ASP D 192 45.91 14.63 -56.50
N LEU D 193 45.84 14.99 -57.78
CA LEU D 193 46.05 14.03 -58.85
C LEU D 193 47.50 13.54 -58.90
N ASP D 194 48.43 14.24 -58.25
CA ASP D 194 49.82 13.82 -58.17
C ASP D 194 50.12 12.95 -56.96
N ASN D 195 49.13 12.77 -56.08
CA ASN D 195 49.26 11.97 -54.88
C ASN D 195 48.15 10.92 -54.82
N LEU D 196 47.96 10.19 -55.92
CA LEU D 196 46.91 9.18 -56.01
C LEU D 196 47.35 7.81 -55.51
N GLU D 197 48.59 7.67 -55.03
CA GLU D 197 49.09 6.36 -54.65
C GLU D 197 48.34 5.77 -53.46
N GLY D 198 47.68 6.60 -52.66
CA GLY D 198 46.92 6.12 -51.53
C GLY D 198 45.63 5.40 -51.88
N LEU D 199 45.28 5.33 -53.16
CA LEU D 199 44.07 4.62 -53.56
C LEU D 199 44.18 3.12 -53.37
N GLN D 200 45.40 2.59 -53.29
CA GLN D 200 45.56 1.16 -53.06
C GLN D 200 45.23 0.74 -51.64
N PHE D 201 44.96 1.69 -50.74
CA PHE D 201 44.56 1.38 -49.38
C PHE D 201 43.10 1.73 -49.09
N CYS D 202 42.45 2.49 -49.97
CA CYS D 202 41.03 2.80 -49.89
C CYS D 202 40.56 3.50 -51.16
N PRO D 203 39.57 2.97 -51.85
CA PRO D 203 39.02 3.66 -53.02
C PRO D 203 38.16 4.83 -52.60
N MET D 204 37.83 5.69 -53.58
CA MET D 204 36.92 6.79 -53.38
C MET D 204 35.95 6.85 -54.55
N THR D 205 34.90 7.64 -54.38
CA THR D 205 33.89 7.84 -55.42
C THR D 205 34.06 9.25 -55.98
N PHE D 206 34.37 9.34 -57.27
CA PHE D 206 34.58 10.62 -57.94
C PHE D 206 33.38 10.94 -58.82
N GLN D 207 33.07 12.23 -58.93
CA GLN D 207 31.89 12.65 -59.68
C GLN D 207 32.16 13.94 -60.44
N GLU D 208 31.59 14.01 -61.64
CA GLU D 208 31.60 15.23 -62.45
C GLU D 208 30.99 16.39 -61.68
N ASN D 209 31.74 17.48 -61.57
CA ASN D 209 31.28 18.67 -60.86
C ASN D 209 30.37 19.45 -61.81
N ILE D 210 29.07 19.35 -61.61
CA ILE D 210 28.09 20.02 -62.48
C ILE D 210 27.77 21.38 -61.87
N PRO D 211 28.01 22.48 -62.57
CA PRO D 211 27.65 23.79 -62.04
C PRO D 211 26.14 23.91 -61.89
N LYS D 212 25.73 24.45 -60.75
CA LYS D 212 24.34 24.44 -60.34
C LYS D 212 23.89 25.83 -59.94
N ALA D 213 22.62 26.12 -60.20
CA ALA D 213 21.94 27.30 -59.70
C ALA D 213 21.25 27.03 -58.36
N LEU D 214 20.63 25.87 -58.21
CA LEU D 214 19.91 25.52 -57.00
C LEU D 214 20.25 24.11 -56.55
N GLU D 215 20.14 23.88 -55.26
CA GLU D 215 20.17 22.55 -54.67
C GLU D 215 18.78 22.21 -54.17
N LEU D 216 18.27 21.04 -54.55
CA LEU D 216 16.94 20.60 -54.18
C LEU D 216 17.02 19.57 -53.07
N ARG D 217 16.21 19.75 -52.03
CA ARG D 217 16.00 18.77 -50.99
C ARG D 217 14.56 18.31 -51.09
N ILE D 218 14.36 17.05 -51.50
CA ILE D 218 13.04 16.52 -51.80
C ILE D 218 12.73 15.43 -50.78
N THR D 219 11.64 15.61 -50.04
CA THR D 219 11.18 14.64 -49.06
C THR D 219 9.89 14.01 -49.55
N ILE D 220 9.86 12.68 -49.60
CA ILE D 220 8.72 11.94 -50.10
C ILE D 220 8.16 11.08 -48.97
N VAL D 221 6.88 11.27 -48.66
CA VAL D 221 6.16 10.46 -47.69
C VAL D 221 5.00 9.81 -48.42
N GLY D 222 5.10 8.50 -48.65
CA GLY D 222 4.13 7.80 -49.46
C GLY D 222 4.20 8.27 -50.90
N GLU D 223 3.20 9.01 -51.35
CA GLU D 223 3.21 9.65 -52.66
C GLU D 223 3.19 11.16 -52.55
N GLN D 224 3.28 11.69 -51.33
CA GLN D 224 3.37 13.12 -51.10
C GLN D 224 4.81 13.57 -51.29
N ILE D 225 4.99 14.70 -51.98
CA ILE D 225 6.31 15.20 -52.33
C ILE D 225 6.46 16.59 -51.76
N PHE D 226 7.49 16.78 -50.95
CA PHE D 226 7.81 18.07 -50.34
C PHE D 226 9.16 18.51 -50.91
N THR D 227 9.12 19.42 -51.88
CA THR D 227 10.32 19.88 -52.56
C THR D 227 10.71 21.26 -52.03
N ALA D 228 12.01 21.43 -51.75
CA ALA D 228 12.55 22.71 -51.35
C ALA D 228 13.77 23.01 -52.21
N ALA D 229 14.09 24.31 -52.31
CA ALA D 229 15.21 24.76 -53.11
C ALA D 229 15.97 25.84 -52.37
N ILE D 230 17.29 25.90 -52.63
CA ILE D 230 18.13 26.94 -52.06
C ILE D 230 19.22 27.27 -53.06
N ASN D 231 19.54 28.56 -53.18
CA ASN D 231 20.65 29.01 -54.00
C ASN D 231 21.94 28.88 -53.21
N SER D 232 22.96 28.27 -53.81
CA SER D 232 24.21 28.03 -53.09
C SER D 232 25.43 28.27 -53.97
N GLN D 233 26.48 27.48 -53.76
CA GLN D 233 27.76 27.65 -54.46
C GLN D 233 27.60 27.58 -55.98
N GLN D 252 18.31 30.25 -46.66
CA GLN D 252 16.92 29.98 -46.34
C GLN D 252 16.25 29.18 -47.46
N TRP D 253 15.78 27.99 -47.14
CA TRP D 253 15.11 27.15 -48.12
C TRP D 253 13.72 27.69 -48.45
N GLN D 254 13.27 27.42 -49.67
CA GLN D 254 12.01 27.92 -50.17
C GLN D 254 11.24 26.77 -50.81
N PRO D 255 9.92 26.89 -50.91
CA PRO D 255 9.16 25.90 -51.68
C PRO D 255 9.56 25.93 -53.15
N TYR D 256 9.45 24.77 -53.79
CA TYR D 256 9.80 24.63 -55.19
C TYR D 256 8.89 23.60 -55.84
N ASP D 257 8.44 23.89 -57.06
CA ASP D 257 7.53 23.01 -57.78
C ASP D 257 8.33 22.24 -58.83
N LEU D 258 8.54 20.95 -58.59
CA LEU D 258 9.18 20.12 -59.58
C LEU D 258 8.30 20.00 -60.81
N PRO D 259 8.88 19.87 -61.99
CA PRO D 259 8.09 19.46 -63.16
C PRO D 259 7.43 18.10 -62.89
N LYS D 260 6.21 17.94 -63.39
CA LYS D 260 5.47 16.71 -63.14
C LYS D 260 6.23 15.48 -63.64
N THR D 261 7.00 15.63 -64.72
CA THR D 261 7.81 14.52 -65.20
C THR D 261 8.83 14.09 -64.17
N ILE D 262 9.45 15.05 -63.49
CA ILE D 262 10.41 14.73 -62.44
C ILE D 262 9.72 14.07 -61.25
N GLU D 263 8.52 14.55 -60.90
CA GLU D 263 7.80 13.95 -59.78
C GLU D 263 7.43 12.50 -60.08
N LYS D 264 6.92 12.25 -61.29
CA LYS D 264 6.59 10.88 -61.67
C LYS D 264 7.81 9.98 -61.63
N GLN D 265 8.95 10.47 -62.13
CA GLN D 265 10.16 9.65 -62.16
C GLN D 265 10.64 9.32 -60.75
N LEU D 266 10.51 10.27 -59.82
CA LEU D 266 10.94 10.01 -58.45
C LEU D 266 10.05 8.99 -57.76
N LEU D 267 8.74 9.03 -58.04
CA LEU D 267 7.83 8.05 -57.47
C LEU D 267 8.07 6.66 -58.04
N GLU D 268 8.45 6.57 -59.31
CA GLU D 268 8.85 5.27 -59.85
C GLU D 268 10.14 4.79 -59.21
N LEU D 269 11.05 5.72 -58.88
CA LEU D 269 12.27 5.35 -58.19
C LEU D 269 11.96 4.79 -56.81
N MET D 270 11.02 5.41 -56.09
CA MET D 270 10.60 4.89 -54.80
C MET D 270 9.93 3.53 -54.94
N LYS D 271 9.00 3.41 -55.90
CA LYS D 271 8.28 2.14 -56.07
C LYS D 271 9.21 1.00 -56.43
N TYR D 272 10.31 1.29 -57.15
CA TYR D 272 11.28 0.26 -57.46
C TYR D 272 11.91 -0.29 -56.18
N PHE D 273 12.46 0.60 -55.35
CA PHE D 273 13.10 0.20 -54.10
C PHE D 273 12.10 -0.18 -53.01
N GLY D 274 10.82 0.16 -53.17
CA GLY D 274 9.82 -0.22 -52.21
C GLY D 274 9.75 0.66 -50.99
N LEU D 275 10.07 1.94 -51.15
CA LEU D 275 10.14 2.88 -50.04
C LEU D 275 8.91 3.77 -50.01
N ASN D 276 8.45 4.09 -48.80
CA ASN D 276 7.44 5.11 -48.60
C ASN D 276 7.99 6.36 -47.95
N TYR D 277 9.25 6.34 -47.49
CA TYR D 277 9.93 7.54 -47.07
C TYR D 277 11.28 7.63 -47.76
N GLY D 278 11.70 8.85 -48.07
CA GLY D 278 13.00 9.09 -48.66
C GLY D 278 13.39 10.55 -48.70
N ALA D 279 14.68 10.82 -48.50
CA ALA D 279 15.25 12.15 -48.67
C ALA D 279 16.09 12.14 -49.94
N ILE D 280 15.66 12.89 -50.94
CA ILE D 280 16.30 12.91 -52.25
C ILE D 280 17.04 14.23 -52.41
N ASP D 281 18.28 14.13 -52.91
CA ASP D 281 19.11 15.29 -53.24
C ASP D 281 19.18 15.45 -54.75
N MET D 282 18.86 16.67 -55.23
CA MET D 282 18.96 17.00 -56.64
C MET D 282 19.60 18.37 -56.77
N ILE D 283 19.98 18.72 -58.01
CA ILE D 283 20.46 20.05 -58.33
C ILE D 283 19.78 20.50 -59.62
N VAL D 284 19.81 21.80 -59.86
CA VAL D 284 19.26 22.39 -61.07
C VAL D 284 20.33 23.30 -61.67
N THR D 285 20.63 23.09 -62.95
CA THR D 285 21.62 23.90 -63.65
C THR D 285 21.03 25.25 -64.03
N PRO D 286 21.85 26.22 -64.40
CA PRO D 286 21.31 27.50 -64.89
C PRO D 286 20.40 27.37 -66.09
N ASP D 287 20.59 26.35 -66.93
CA ASP D 287 19.70 26.07 -68.03
C ASP D 287 18.61 25.08 -67.67
N GLU D 288 18.30 24.95 -66.38
CA GLU D 288 17.15 24.17 -65.88
C GLU D 288 17.22 22.69 -66.27
N ARG D 289 18.37 22.08 -66.04
CA ARG D 289 18.50 20.63 -66.15
C ARG D 289 18.50 20.04 -64.73
N TYR D 290 17.65 19.05 -64.51
CA TYR D 290 17.50 18.43 -63.20
C TYR D 290 18.35 17.17 -63.13
N ILE D 291 19.31 17.16 -62.21
CA ILE D 291 20.23 16.04 -62.03
C ILE D 291 19.90 15.35 -60.71
N PHE D 292 19.67 14.04 -60.76
CA PHE D 292 19.49 13.25 -59.56
C PHE D 292 20.85 12.93 -58.95
N LEU D 293 20.97 13.15 -57.64
CA LEU D 293 22.22 12.92 -56.94
C LEU D 293 22.17 11.71 -56.01
N GLU D 294 21.16 11.63 -55.17
CA GLU D 294 21.16 10.63 -54.10
C GLU D 294 19.77 10.54 -53.48
N ILE D 295 19.43 9.35 -53.01
CA ILE D 295 18.26 9.12 -52.16
C ILE D 295 18.74 8.46 -50.87
N ASN D 296 18.39 9.07 -49.74
CA ASN D 296 18.72 8.51 -48.43
C ASN D 296 17.43 8.02 -47.77
N PRO D 297 17.25 6.71 -47.62
CA PRO D 297 15.98 6.19 -47.07
C PRO D 297 15.73 6.58 -45.62
N VAL D 298 16.73 7.11 -44.92
CA VAL D 298 16.58 7.49 -43.51
C VAL D 298 17.06 8.92 -43.32
N GLY D 299 17.00 9.73 -44.38
CA GLY D 299 17.49 11.08 -44.31
C GLY D 299 16.68 11.96 -43.37
N GLU D 300 17.31 13.04 -42.93
CA GLU D 300 16.67 13.98 -42.03
C GLU D 300 15.57 14.75 -42.73
N PHE D 301 14.75 15.42 -41.93
CA PHE D 301 13.64 16.21 -42.47
C PHE D 301 13.26 17.35 -41.53
N PHE D 302 13.72 17.27 -40.27
CA PHE D 302 13.21 18.18 -39.25
C PHE D 302 13.57 19.63 -39.55
N TRP D 303 14.76 19.88 -40.09
CA TRP D 303 15.16 21.25 -40.37
C TRP D 303 14.32 21.88 -41.47
N LEU D 304 13.53 21.09 -42.18
CA LEU D 304 12.57 21.60 -43.16
C LEU D 304 11.18 21.83 -42.57
N GLU D 305 10.93 21.34 -41.36
CA GLU D 305 9.66 21.51 -40.66
C GLU D 305 9.71 22.58 -39.58
N LEU D 306 10.80 22.65 -38.81
CA LEU D 306 10.95 23.69 -37.80
C LEU D 306 11.50 24.99 -38.36
N TYR D 307 11.93 24.99 -39.61
CA TYR D 307 12.49 26.15 -40.28
C TYR D 307 11.86 26.24 -41.66
N PRO D 308 12.01 27.38 -42.35
CA PRO D 308 11.40 27.47 -43.69
C PRO D 308 11.86 26.35 -44.61
N PRO D 309 10.95 25.84 -45.47
CA PRO D 309 9.57 26.33 -45.69
C PRO D 309 8.49 25.69 -44.80
N TYR D 310 8.85 25.18 -43.62
CA TYR D 310 7.88 24.66 -42.65
C TYR D 310 6.99 23.56 -43.25
N PHE D 311 7.62 22.52 -43.79
CA PHE D 311 6.85 21.43 -44.38
C PHE D 311 6.25 20.56 -43.27
N PRO D 312 4.84 20.27 -43.32
CA PRO D 312 4.22 19.40 -42.30
C PRO D 312 4.53 17.93 -42.55
N ILE D 313 5.79 17.57 -42.33
CA ILE D 313 6.25 16.22 -42.65
C ILE D 313 5.96 15.26 -41.50
N SER D 314 6.12 15.72 -40.27
CA SER D 314 5.86 14.86 -39.11
C SER D 314 4.42 14.39 -39.10
N GLN D 315 3.49 15.24 -39.53
CA GLN D 315 2.10 14.82 -39.63
C GLN D 315 1.94 13.73 -40.69
N ALA D 316 2.58 13.90 -41.85
CA ALA D 316 2.47 12.89 -42.90
C ALA D 316 3.11 11.57 -42.50
N ILE D 317 4.19 11.62 -41.72
CA ILE D 317 4.83 10.40 -41.25
C ILE D 317 3.94 9.67 -40.27
N ALA D 318 3.35 10.40 -39.32
CA ALA D 318 2.46 9.77 -38.35
C ALA D 318 1.21 9.20 -39.03
N GLU D 319 0.69 9.91 -40.03
CA GLU D 319 -0.53 9.44 -40.68
C GLU D 319 -0.30 8.13 -41.42
N ILE D 320 0.82 8.02 -42.13
CA ILE D 320 1.07 6.78 -42.88
C ILE D 320 1.40 5.63 -41.93
N LEU D 321 1.99 5.93 -40.78
CA LEU D 321 2.25 4.89 -39.79
C LEU D 321 0.97 4.38 -39.16
N VAL D 322 0.02 5.29 -38.91
CA VAL D 322 -1.22 4.93 -38.22
C VAL D 322 -2.23 4.35 -39.20
N ASN D 323 -2.32 4.91 -40.41
CA ASN D 323 -3.29 4.47 -41.41
C ASN D 323 -2.74 3.41 -42.35
N SER D 324 -1.63 2.78 -41.98
CA SER D 324 -1.04 1.68 -42.76
C SER D 324 -0.81 2.05 -44.22
N MET E 1 4.05 13.66 -1.52
CA MET E 1 4.39 15.04 -1.84
C MET E 1 3.44 15.57 -2.92
N THR E 2 2.61 16.54 -2.54
CA THR E 2 1.55 17.06 -3.39
C THR E 2 1.90 18.46 -3.89
N VAL E 3 1.64 18.71 -5.17
CA VAL E 3 1.87 20.01 -5.78
C VAL E 3 0.56 20.77 -5.79
N LEU E 4 0.54 21.94 -5.16
CA LEU E 4 -0.63 22.82 -5.20
C LEU E 4 -0.53 23.73 -6.42
N ILE E 5 -1.57 23.73 -7.23
CA ILE E 5 -1.59 24.47 -8.48
C ILE E 5 -2.63 25.58 -8.35
N VAL E 6 -2.15 26.82 -8.24
CA VAL E 6 -3.01 27.97 -8.03
C VAL E 6 -3.45 28.50 -9.39
N THR E 7 -4.73 28.38 -9.69
CA THR E 7 -5.26 28.61 -11.03
C THR E 7 -6.68 29.16 -10.90
N PHE E 8 -7.39 29.19 -12.03
CA PHE E 8 -8.82 29.48 -12.05
C PHE E 8 -9.47 28.53 -13.03
N SER E 9 -10.82 28.52 -13.00
CA SER E 9 -11.56 27.48 -13.71
C SER E 9 -11.49 27.61 -15.22
N ARG E 10 -11.21 28.82 -15.74
CA ARG E 10 -11.18 29.07 -17.17
C ARG E 10 -9.76 29.16 -17.73
N ASP E 11 -8.79 28.55 -17.06
CA ASP E 11 -7.43 28.54 -17.58
C ASP E 11 -7.34 27.59 -18.77
N ASN E 12 -6.24 27.72 -19.51
CA ASN E 12 -6.09 27.03 -20.79
C ASN E 12 -5.43 25.66 -20.56
N GLU E 13 -4.86 25.08 -21.62
CA GLU E 13 -4.37 23.71 -21.61
C GLU E 13 -3.05 23.56 -20.87
N SER E 14 -2.50 24.65 -20.35
CA SER E 14 -1.23 24.57 -19.61
C SER E 14 -1.35 23.86 -18.26
N ILE E 15 -2.56 23.77 -17.74
CA ILE E 15 -2.82 23.12 -16.45
C ILE E 15 -2.85 21.60 -16.61
N PRO E 16 -3.69 21.01 -17.47
CA PRO E 16 -3.66 19.56 -17.59
C PRO E 16 -2.36 19.03 -18.15
N LEU E 17 -1.62 19.84 -18.91
CA LEU E 17 -0.32 19.41 -19.39
C LEU E 17 0.67 19.24 -18.24
N VAL E 18 0.67 20.18 -17.30
CA VAL E 18 1.57 20.09 -16.15
C VAL E 18 1.12 18.99 -15.20
N ILE E 19 -0.19 18.92 -14.95
CA ILE E 19 -0.71 17.90 -14.03
C ILE E 19 -0.37 16.51 -14.52
N LYS E 20 -0.64 16.23 -15.80
CA LYS E 20 -0.34 14.91 -16.35
C LYS E 20 1.15 14.64 -16.37
N ALA E 21 1.97 15.67 -16.54
CA ALA E 21 3.42 15.47 -16.45
C ALA E 21 3.86 15.24 -15.01
N ILE E 22 3.17 15.86 -14.05
CA ILE E 22 3.45 15.59 -12.64
C ILE E 22 2.97 14.20 -12.26
N GLU E 23 1.75 13.84 -12.70
CA GLU E 23 1.21 12.52 -12.38
C GLU E 23 2.04 11.41 -13.01
N ALA E 24 2.56 11.63 -14.22
CA ALA E 24 3.37 10.63 -14.88
C ALA E 24 4.73 10.44 -14.20
N MET E 25 5.11 11.32 -13.29
CA MET E 25 6.36 11.17 -12.54
C MET E 25 6.15 10.53 -11.18
N GLY E 26 4.97 9.97 -10.92
CA GLY E 26 4.72 9.32 -9.66
C GLY E 26 4.29 10.22 -8.53
N LYS E 27 3.95 11.47 -8.81
CA LYS E 27 3.51 12.41 -7.79
C LYS E 27 2.12 12.94 -8.13
N LYS E 28 1.46 13.50 -7.12
CA LYS E 28 0.09 13.97 -7.23
C LYS E 28 0.05 15.50 -7.22
N ALA E 29 -1.02 16.05 -7.79
CA ALA E 29 -1.23 17.48 -7.85
C ALA E 29 -2.70 17.81 -7.59
N PHE E 30 -2.93 18.90 -6.88
CA PHE E 30 -4.26 19.40 -6.59
C PHE E 30 -4.46 20.72 -7.33
N ARG E 31 -5.55 20.82 -8.07
CA ARG E 31 -5.88 22.03 -8.82
C ARG E 31 -6.78 22.93 -7.97
N PHE E 32 -6.32 24.14 -7.69
CA PHE E 32 -7.05 25.12 -6.89
C PHE E 32 -7.55 26.21 -7.83
N ASP E 33 -8.87 26.28 -8.01
CA ASP E 33 -9.48 27.31 -8.85
C ASP E 33 -9.79 28.52 -7.98
N THR E 34 -8.96 29.56 -8.10
CA THR E 34 -9.12 30.73 -7.25
C THR E 34 -10.43 31.46 -7.49
N ASP E 35 -10.98 31.38 -8.71
CA ASP E 35 -12.22 32.09 -8.99
C ASP E 35 -13.43 31.40 -8.40
N ARG E 36 -13.36 30.09 -8.17
CA ARG E 36 -14.45 29.32 -7.58
C ARG E 36 -14.43 29.34 -6.06
N PHE E 37 -13.63 30.21 -5.46
CA PHE E 37 -13.64 30.48 -4.03
C PHE E 37 -14.15 31.90 -3.86
N PRO E 38 -15.05 32.14 -2.89
CA PRO E 38 -15.57 31.24 -1.85
C PRO E 38 -16.90 30.57 -2.18
N THR E 39 -17.42 30.81 -3.39
CA THR E 39 -18.77 30.35 -3.73
C THR E 39 -18.87 28.83 -3.83
N GLU E 40 -17.77 28.15 -4.14
CA GLU E 40 -17.81 26.69 -4.28
C GLU E 40 -16.71 25.99 -3.50
N VAL E 41 -15.50 26.51 -3.52
CA VAL E 41 -14.36 25.84 -2.87
C VAL E 41 -14.30 26.28 -1.41
N LYS E 42 -14.22 25.30 -0.51
CA LYS E 42 -14.03 25.58 0.91
C LYS E 42 -12.54 25.64 1.22
N VAL E 43 -12.13 26.68 1.93
CA VAL E 43 -10.76 26.85 2.37
C VAL E 43 -10.77 27.14 3.87
N ASP E 44 -9.97 26.37 4.61
CA ASP E 44 -9.84 26.55 6.05
C ASP E 44 -8.37 26.76 6.38
N LEU E 45 -8.06 27.89 6.99
CA LEU E 45 -6.68 28.28 7.31
C LEU E 45 -6.59 28.48 8.82
N TYR E 46 -5.85 27.59 9.48
CA TYR E 46 -5.67 27.64 10.92
C TYR E 46 -4.26 28.16 11.23
N SER E 47 -4.19 29.12 12.15
CA SER E 47 -2.93 29.69 12.61
C SER E 47 -2.73 29.35 14.09
N GLY E 48 -1.58 28.75 14.40
CA GLY E 48 -1.32 28.24 15.73
C GLY E 48 -1.08 26.74 15.72
N GLY E 49 -1.30 26.08 16.86
CA GLY E 49 -1.23 24.63 16.91
C GLY E 49 -2.62 24.03 16.75
N GLN E 50 -3.37 24.51 15.76
CA GLN E 50 -4.77 24.17 15.61
C GLN E 50 -4.91 22.97 14.67
N LYS E 51 -6.09 22.80 14.08
CA LYS E 51 -6.30 21.80 13.05
C LYS E 51 -5.48 22.14 11.81
N GLY E 52 -5.33 21.16 10.93
CA GLY E 52 -4.59 21.39 9.70
C GLY E 52 -5.41 22.19 8.70
N GLY E 53 -4.73 23.09 7.99
CA GLY E 53 -5.37 23.81 6.91
C GLY E 53 -5.79 22.86 5.79
N ILE E 54 -6.98 23.09 5.26
CA ILE E 54 -7.57 22.17 4.30
C ILE E 54 -8.33 22.95 3.23
N ILE E 55 -8.16 22.54 1.98
CA ILE E 55 -8.94 23.03 0.86
C ILE E 55 -9.85 21.90 0.40
N THR E 56 -11.14 22.20 0.25
CA THR E 56 -12.13 21.21 -0.14
C THR E 56 -12.86 21.68 -1.39
N ASP E 57 -12.86 20.83 -2.42
CA ASP E 57 -13.55 21.11 -3.69
C ASP E 57 -14.44 19.90 -4.00
N GLY E 58 -15.56 19.80 -3.30
CA GLY E 58 -16.47 18.68 -3.52
C GLY E 58 -15.81 17.37 -3.18
N ASP E 59 -15.63 16.51 -4.19
CA ASP E 59 -15.00 15.21 -3.97
C ASP E 59 -13.60 15.38 -3.41
N GLN E 60 -12.79 16.25 -4.02
CA GLN E 60 -11.38 16.35 -3.68
C GLN E 60 -11.17 17.17 -2.42
N LYS E 61 -10.19 16.76 -1.63
CA LYS E 61 -9.71 17.52 -0.48
C LYS E 61 -8.20 17.55 -0.51
N LEU E 62 -7.63 18.63 0.03
CA LEU E 62 -6.19 18.83 0.05
C LEU E 62 -5.82 19.37 1.41
N GLU E 63 -5.06 18.59 2.17
CA GLU E 63 -4.53 19.04 3.45
C GLU E 63 -3.23 19.79 3.20
N LEU E 64 -3.16 21.03 3.70
CA LEU E 64 -2.03 21.91 3.45
C LEU E 64 -0.73 21.42 4.08
N LYS E 65 -0.78 20.39 4.92
CA LYS E 65 0.46 19.84 5.47
C LYS E 65 1.20 19.00 4.42
N GLU E 66 0.47 18.39 3.49
CA GLU E 66 1.06 17.52 2.49
C GLU E 66 1.40 18.24 1.20
N VAL E 67 1.36 19.57 1.20
CA VAL E 67 1.76 20.35 0.03
C VAL E 67 3.28 20.48 0.02
N SER E 68 3.90 19.96 -1.05
CA SER E 68 5.35 20.01 -1.19
C SER E 68 5.83 21.07 -2.17
N ALA E 69 4.96 21.51 -3.09
CA ALA E 69 5.33 22.52 -4.07
C ALA E 69 4.08 23.31 -4.44
N VAL E 70 4.30 24.56 -4.89
CA VAL E 70 3.22 25.47 -5.25
C VAL E 70 3.53 26.06 -6.63
N TRP E 71 2.60 25.86 -7.57
CA TRP E 71 2.68 26.54 -8.86
C TRP E 71 1.82 27.79 -8.78
N TYR E 72 2.48 28.94 -8.61
CA TYR E 72 1.81 30.24 -8.54
C TYR E 72 1.50 30.69 -9.96
N ARG E 73 0.41 30.13 -10.50
CA ARG E 73 0.09 30.25 -11.93
C ARG E 73 -0.89 31.39 -12.24
N ARG E 74 -2.14 31.27 -11.81
CA ARG E 74 -3.17 32.26 -12.14
C ARG E 74 -3.99 32.58 -10.90
N MET E 75 -4.16 33.88 -10.64
CA MET E 75 -4.83 34.39 -9.44
C MET E 75 -6.06 35.20 -9.86
N ARG E 76 -7.23 34.57 -9.85
CA ARG E 76 -8.48 35.27 -10.13
C ARG E 76 -9.43 35.14 -8.95
N TYR E 77 -9.01 35.62 -7.78
CA TYR E 77 -9.74 35.36 -6.54
C TYR E 77 -11.17 35.86 -6.61
N GLY E 78 -12.12 34.95 -6.46
CA GLY E 78 -13.51 35.32 -6.25
C GLY E 78 -14.23 35.92 -7.42
N LEU E 79 -13.70 35.81 -8.64
CA LEU E 79 -14.36 36.42 -9.78
C LEU E 79 -15.69 35.76 -10.12
N LYS E 80 -15.88 34.50 -9.71
CA LYS E 80 -17.17 33.83 -9.91
C LYS E 80 -18.19 34.21 -8.83
N LEU E 81 -17.93 35.28 -8.07
CA LEU E 81 -18.97 35.83 -7.23
C LEU E 81 -20.14 36.26 -8.10
N PRO E 82 -21.36 36.06 -7.60
CA PRO E 82 -22.57 36.42 -8.35
C PRO E 82 -22.43 37.77 -9.05
N ASP E 83 -22.73 37.80 -10.34
CA ASP E 83 -22.65 39.04 -11.11
C ASP E 83 -23.28 40.19 -10.35
N GLY E 84 -24.50 39.96 -9.86
CA GLY E 84 -25.22 40.97 -9.11
C GLY E 84 -24.53 41.27 -7.80
N MET E 85 -25.29 41.25 -6.71
CA MET E 85 -24.74 41.52 -5.38
C MET E 85 -24.29 42.96 -5.27
N ASP E 86 -24.64 43.62 -4.17
CA ASP E 86 -24.26 45.01 -3.96
C ASP E 86 -22.80 45.24 -4.33
N SER E 87 -22.58 46.16 -5.28
CA SER E 87 -21.24 46.38 -5.80
C SER E 87 -20.27 46.78 -4.70
N GLN E 88 -20.75 47.46 -3.66
CA GLN E 88 -19.89 47.76 -2.52
C GLN E 88 -19.44 46.47 -1.83
N PHE E 89 -20.39 45.56 -1.58
CA PHE E 89 -20.06 44.32 -0.91
C PHE E 89 -19.18 43.43 -1.77
N ARG E 90 -19.44 43.39 -3.09
CA ARG E 90 -18.67 42.52 -3.97
C ARG E 90 -17.21 42.97 -4.02
N GLU E 91 -16.96 44.27 -4.14
CA GLU E 91 -15.59 44.75 -4.16
C GLU E 91 -14.89 44.47 -2.84
N ALA E 92 -15.60 44.68 -1.72
CA ALA E 92 -15.04 44.36 -0.42
C ALA E 92 -14.79 42.86 -0.26
N SER E 93 -15.65 42.02 -0.85
CA SER E 93 -15.43 40.58 -0.78
C SER E 93 -14.22 40.16 -1.61
N LEU E 94 -14.05 40.77 -2.80
CA LEU E 94 -12.91 40.42 -3.63
C LEU E 94 -11.60 40.75 -2.94
N LYS E 95 -11.55 41.88 -2.23
CA LYS E 95 -10.33 42.24 -1.52
C LYS E 95 -10.05 41.28 -0.38
N GLU E 96 -11.09 40.85 0.34
CA GLU E 96 -10.90 39.91 1.44
C GLU E 96 -10.49 38.54 0.93
N CYS E 97 -11.11 38.07 -0.15
CA CYS E 97 -10.71 36.79 -0.73
C CYS E 97 -9.27 36.82 -1.21
N ARG E 98 -8.83 37.95 -1.75
CA ARG E 98 -7.47 38.06 -2.25
C ARG E 98 -6.46 37.96 -1.13
N LEU E 99 -6.63 38.77 -0.07
CA LEU E 99 -5.69 38.73 1.04
C LEU E 99 -5.71 37.39 1.76
N SER E 100 -6.85 36.69 1.76
CA SER E 100 -6.93 35.39 2.41
C SER E 100 -6.07 34.37 1.71
N ILE E 101 -6.23 34.25 0.38
CA ILE E 101 -5.51 33.22 -0.36
C ILE E 101 -4.02 33.58 -0.47
N ARG E 102 -3.73 34.87 -0.64
CA ARG E 102 -2.33 35.30 -0.66
C ARG E 102 -1.61 34.94 0.63
N GLY E 103 -2.30 35.12 1.77
CA GLY E 103 -1.71 34.76 3.05
C GLY E 103 -1.51 33.26 3.16
N MET E 104 -2.45 32.48 2.61
CA MET E 104 -2.29 31.02 2.61
C MET E 104 -1.05 30.62 1.83
N ILE E 105 -0.84 31.20 0.66
CA ILE E 105 0.29 30.83 -0.18
C ILE E 105 1.60 31.27 0.45
N ALA E 106 1.64 32.49 0.99
CA ALA E 106 2.89 32.97 1.58
C ALA E 106 3.26 32.19 2.83
N SER E 107 2.28 31.60 3.52
CA SER E 107 2.55 30.80 4.71
C SER E 107 2.98 29.37 4.39
N LEU E 108 2.71 28.89 3.18
CA LEU E 108 3.09 27.54 2.79
C LEU E 108 4.59 27.43 2.63
N SER E 109 5.18 26.42 3.26
CA SER E 109 6.59 26.11 3.06
C SER E 109 6.72 25.30 1.77
N GLY E 110 7.90 24.72 1.55
CA GLY E 110 8.15 24.00 0.31
C GLY E 110 8.64 24.91 -0.79
N PHE E 111 8.70 24.34 -1.99
CA PHE E 111 9.20 25.06 -3.16
C PHE E 111 8.07 25.82 -3.84
N HIS E 112 8.30 27.10 -4.11
CA HIS E 112 7.32 27.95 -4.77
C HIS E 112 7.82 28.34 -6.16
N LEU E 113 6.92 28.26 -7.15
CA LEU E 113 7.26 28.66 -8.51
C LEU E 113 6.23 29.65 -9.06
N ASP E 114 6.36 30.93 -8.73
CA ASP E 114 7.42 31.43 -7.87
C ASP E 114 6.84 31.95 -6.55
N PRO E 115 7.69 32.31 -5.58
CA PRO E 115 7.17 32.96 -4.37
C PRO E 115 6.47 34.28 -4.70
N ILE E 116 5.46 34.60 -3.90
CA ILE E 116 4.68 35.81 -4.14
C ILE E 116 5.56 37.05 -4.03
N ALA E 117 6.44 37.08 -3.03
CA ALA E 117 7.27 38.27 -2.82
C ALA E 117 8.20 38.52 -4.00
N LYS E 118 8.61 37.46 -4.70
CA LYS E 118 9.46 37.62 -5.87
C LYS E 118 8.66 38.10 -7.08
N VAL E 119 7.47 37.54 -7.28
CA VAL E 119 6.61 37.99 -8.39
C VAL E 119 6.19 39.44 -8.18
N ASP E 120 5.80 39.79 -6.94
CA ASP E 120 5.39 41.16 -6.68
C ASP E 120 6.53 42.15 -6.92
N HIS E 121 7.76 41.74 -6.62
CA HIS E 121 8.90 42.62 -6.81
C HIS E 121 9.33 42.70 -8.27
N ALA E 122 9.14 41.63 -9.04
CA ALA E 122 9.47 41.65 -10.45
C ALA E 122 8.38 42.28 -11.31
N ASN E 123 7.19 42.54 -10.74
CA ASN E 123 6.10 43.11 -11.52
C ASN E 123 6.27 44.60 -11.81
N HIS E 124 7.22 45.27 -11.18
CA HIS E 124 7.51 46.67 -11.47
C HIS E 124 8.29 46.72 -12.76
N LYS E 125 7.60 47.10 -13.85
CA LYS E 125 8.24 47.11 -15.16
C LYS E 125 9.33 48.17 -15.25
N GLN E 126 9.21 49.26 -14.49
CA GLN E 126 10.30 50.22 -14.43
C GLN E 126 11.54 49.64 -13.79
N LEU E 127 11.37 48.75 -12.81
CA LEU E 127 12.51 48.10 -12.18
C LEU E 127 13.10 47.01 -13.07
N GLN E 128 12.27 46.33 -13.86
CA GLN E 128 12.78 45.35 -14.81
C GLN E 128 13.77 46.01 -15.77
N LEU E 129 13.35 47.10 -16.41
CA LEU E 129 14.21 47.77 -17.38
C LEU E 129 15.47 48.32 -16.73
N GLN E 130 15.35 48.84 -15.50
CA GLN E 130 16.50 49.41 -14.82
C GLN E 130 17.52 48.34 -14.46
N VAL E 131 17.06 47.18 -13.99
CA VAL E 131 17.98 46.12 -13.62
C VAL E 131 18.60 45.49 -14.88
N ALA E 132 17.82 45.37 -15.95
CA ALA E 132 18.35 44.83 -17.20
C ALA E 132 19.47 45.70 -17.73
N ARG E 133 19.25 47.02 -17.75
CA ARG E 133 20.30 47.95 -18.21
C ARG E 133 21.51 47.93 -17.30
N GLN E 134 21.31 47.75 -15.99
CA GLN E 134 22.46 47.64 -15.10
C GLN E 134 23.25 46.37 -15.36
N LEU E 135 22.60 45.35 -15.93
CA LEU E 135 23.25 44.10 -16.28
C LEU E 135 23.86 44.13 -17.68
N GLY E 136 23.71 45.23 -18.41
CA GLY E 136 24.29 45.38 -19.73
C GLY E 136 23.35 45.18 -20.90
N LEU E 137 22.07 44.94 -20.64
CA LEU E 137 21.12 44.73 -21.72
C LEU E 137 20.59 46.07 -22.23
N LEU E 138 20.44 46.17 -23.54
CA LEU E 138 19.89 47.38 -24.14
C LEU E 138 18.37 47.42 -23.97
N ILE E 139 17.86 48.55 -23.52
CA ILE E 139 16.43 48.72 -23.31
C ILE E 139 15.93 49.93 -24.10
N PRO E 140 14.67 49.94 -24.53
CA PRO E 140 14.16 51.10 -25.26
C PRO E 140 13.91 52.27 -24.32
N GLY E 141 14.15 53.48 -24.84
CA GLY E 141 13.89 54.69 -24.08
C GLY E 141 12.44 54.76 -23.63
N THR E 142 12.22 54.93 -22.33
CA THR E 142 10.90 54.82 -21.74
C THR E 142 10.61 56.03 -20.85
N LEU E 143 9.38 56.54 -20.96
CA LEU E 143 8.94 57.65 -20.11
C LEU E 143 7.53 57.36 -19.61
N THR E 144 7.39 57.22 -18.29
CA THR E 144 6.09 57.18 -17.65
C THR E 144 5.79 58.56 -17.09
N SER E 145 4.70 59.17 -17.53
CA SER E 145 4.49 60.57 -17.22
C SER E 145 3.01 60.94 -17.26
N ASN E 146 2.65 61.93 -16.42
CA ASN E 146 1.39 62.63 -16.49
C ASN E 146 1.58 64.07 -17.00
N ASN E 147 2.71 64.34 -17.64
CA ASN E 147 3.17 65.69 -17.94
C ASN E 147 3.27 65.88 -19.45
N PRO E 148 2.34 66.60 -20.08
CA PRO E 148 2.36 66.72 -21.55
C PRO E 148 3.64 67.32 -22.11
N GLU E 149 4.28 68.27 -21.42
CA GLU E 149 5.48 68.89 -21.96
C GLU E 149 6.62 67.89 -22.06
N ALA E 150 6.75 67.01 -21.06
CA ALA E 150 7.78 65.98 -21.14
C ALA E 150 7.44 64.92 -22.18
N VAL E 151 6.15 64.68 -22.42
CA VAL E 151 5.74 63.69 -23.40
C VAL E 151 5.98 64.19 -24.82
N LYS E 152 5.56 65.43 -25.11
CA LYS E 152 5.81 66.00 -26.43
C LYS E 152 7.31 66.15 -26.68
N GLN E 153 8.08 66.41 -25.63
CA GLN E 153 9.53 66.50 -25.78
C GLN E 153 10.13 65.12 -26.00
N PHE E 154 9.55 64.09 -25.38
CA PHE E 154 9.98 62.72 -25.61
C PHE E 154 9.59 62.24 -27.00
N ALA E 155 8.40 62.63 -27.48
CA ALA E 155 7.92 62.13 -28.76
C ALA E 155 8.65 62.76 -29.94
N GLN E 156 9.06 64.03 -29.83
CA GLN E 156 9.73 64.68 -30.95
C GLN E 156 11.23 64.37 -30.98
N GLU E 157 11.79 63.85 -29.89
CA GLU E 157 13.19 63.41 -29.94
C GLU E 157 13.32 62.02 -30.53
N PHE E 158 12.27 61.20 -30.49
CA PHE E 158 12.21 59.93 -31.20
C PHE E 158 11.26 60.02 -32.39
N GLU E 159 11.27 61.16 -33.09
CA GLU E 159 10.34 61.38 -34.19
C GLU E 159 10.66 60.48 -35.38
N ALA E 160 11.94 60.19 -35.61
CA ALA E 160 12.32 59.46 -36.81
C ALA E 160 11.69 58.08 -36.86
N THR E 161 11.76 57.33 -35.76
CA THR E 161 11.15 56.01 -35.68
C THR E 161 9.79 56.01 -34.99
N GLY E 162 9.46 57.07 -34.26
CA GLY E 162 8.19 57.15 -33.56
C GLY E 162 8.27 56.63 -32.14
N ILE E 163 7.18 56.84 -31.41
CA ILE E 163 7.04 56.27 -30.08
C ILE E 163 5.67 55.61 -29.98
N VAL E 164 5.58 54.62 -29.11
CA VAL E 164 4.31 53.97 -28.79
C VAL E 164 3.93 54.31 -27.37
N THR E 165 2.72 53.93 -26.98
CA THR E 165 2.24 54.12 -25.63
C THR E 165 1.55 52.85 -25.16
N LYS E 166 1.60 52.62 -23.85
CA LYS E 166 0.99 51.45 -23.26
C LYS E 166 0.66 51.73 -21.80
N MET E 167 -0.16 50.86 -21.23
CA MET E 167 -0.56 50.95 -19.83
C MET E 167 0.17 49.90 -19.03
N LEU E 168 0.71 50.29 -17.88
CA LEU E 168 1.33 49.32 -16.97
C LEU E 168 0.31 48.35 -16.39
N SER E 169 -0.96 48.72 -16.31
CA SER E 169 -1.97 47.92 -15.66
C SER E 169 -2.80 47.14 -16.68
N GLN E 170 -3.36 46.02 -16.22
CA GLN E 170 -4.27 45.20 -17.02
C GLN E 170 -5.70 45.49 -16.58
N PHE E 171 -6.55 45.85 -17.54
CA PHE E 171 -7.94 46.14 -17.26
C PHE E 171 -8.73 46.05 -18.57
N ALA E 172 -10.03 46.34 -18.47
CA ALA E 172 -10.90 46.37 -19.64
C ALA E 172 -12.06 47.32 -19.33
N ILE E 173 -12.45 48.09 -20.34
CA ILE E 173 -13.54 49.05 -20.17
C ILE E 173 -14.81 48.55 -20.84
N GLU E 180 -16.06 44.82 -24.22
CA GLU E 180 -14.70 44.66 -23.72
C GLU E 180 -13.70 45.47 -24.54
N MET E 181 -13.32 46.63 -24.00
CA MET E 181 -12.38 47.53 -24.65
C MET E 181 -11.08 47.56 -23.85
N VAL E 182 -9.95 47.42 -24.55
CA VAL E 182 -8.64 47.33 -23.93
C VAL E 182 -7.69 48.30 -24.65
N VAL E 183 -6.55 48.54 -24.02
CA VAL E 183 -5.51 49.41 -24.57
C VAL E 183 -4.34 48.54 -24.96
N PHE E 184 -4.23 48.23 -26.25
CA PHE E 184 -3.03 47.60 -26.77
C PHE E 184 -1.93 48.64 -26.94
N THR E 185 -0.70 48.16 -27.10
CA THR E 185 0.42 49.04 -27.40
C THR E 185 0.18 49.75 -28.73
N SER E 186 -0.06 51.06 -28.68
CA SER E 186 -0.51 51.79 -29.84
C SER E 186 0.47 52.89 -30.23
N PRO E 187 0.57 53.21 -31.52
CA PRO E 187 1.36 54.37 -31.93
C PRO E 187 0.62 55.66 -31.64
N VAL E 188 1.35 56.61 -31.08
CA VAL E 188 0.81 57.93 -30.81
C VAL E 188 1.15 58.83 -31.98
N THR E 189 0.14 59.51 -32.52
CA THR E 189 0.26 60.30 -33.72
C THR E 189 0.42 61.78 -33.36
N LYS E 190 0.57 62.62 -34.39
CA LYS E 190 0.64 64.06 -34.17
C LYS E 190 -0.67 64.60 -33.62
N GLU E 191 -1.80 64.00 -34.01
CA GLU E 191 -3.08 64.42 -33.45
C GLU E 191 -3.19 64.05 -31.98
N ASP E 192 -2.66 62.88 -31.60
CA ASP E 192 -2.62 62.50 -30.19
C ASP E 192 -1.77 63.47 -29.38
N LEU E 193 -0.71 64.01 -29.98
CA LEU E 193 0.16 64.94 -29.27
C LEU E 193 -0.51 66.29 -29.06
N ASP E 194 -1.54 66.63 -29.84
CA ASP E 194 -2.29 67.86 -29.66
C ASP E 194 -3.44 67.71 -28.66
N ASN E 195 -3.64 66.53 -28.10
CA ASN E 195 -4.70 66.25 -27.15
C ASN E 195 -4.15 65.53 -25.92
N LEU E 196 -3.09 66.08 -25.35
CA LEU E 196 -2.43 65.48 -24.20
C LEU E 196 -3.04 65.91 -22.87
N GLU E 197 -4.10 66.72 -22.88
CA GLU E 197 -4.62 67.27 -21.63
C GLU E 197 -5.19 66.22 -20.69
N GLY E 198 -5.53 65.04 -21.20
CA GLY E 198 -6.07 64.00 -20.34
C GLY E 198 -5.04 63.38 -19.40
N LEU E 199 -3.76 63.67 -19.60
CA LEU E 199 -2.72 63.08 -18.77
C LEU E 199 -2.83 63.50 -17.30
N GLN E 200 -3.50 64.62 -17.02
CA GLN E 200 -3.68 65.05 -15.64
C GLN E 200 -4.65 64.15 -14.88
N PHE E 201 -5.36 63.25 -15.56
CA PHE E 201 -6.25 62.32 -14.90
C PHE E 201 -5.73 60.89 -14.88
N CYS E 202 -4.72 60.58 -15.71
CA CYS E 202 -4.09 59.27 -15.73
C CYS E 202 -2.82 59.30 -16.56
N PRO E 203 -1.68 58.89 -16.01
CA PRO E 203 -0.45 58.84 -16.79
C PRO E 203 -0.48 57.66 -17.76
N MET E 204 0.56 57.64 -18.61
CA MET E 204 0.78 56.53 -19.53
C MET E 204 2.28 56.27 -19.60
N THR E 205 2.62 55.14 -20.21
CA THR E 205 4.00 54.76 -20.42
C THR E 205 4.29 54.82 -21.91
N PHE E 206 5.25 55.65 -22.29
CA PHE E 206 5.66 55.83 -23.68
C PHE E 206 7.04 55.24 -23.88
N GLN E 207 7.28 54.70 -25.08
CA GLN E 207 8.50 53.99 -25.38
C GLN E 207 8.98 54.30 -26.79
N GLU E 208 10.30 54.37 -26.94
CA GLU E 208 10.92 54.47 -28.26
C GLU E 208 10.54 53.29 -29.12
N ASN E 209 9.94 53.57 -30.27
CA ASN E 209 9.59 52.53 -31.24
C ASN E 209 10.86 52.15 -31.99
N ILE E 210 11.37 50.94 -31.74
CA ILE E 210 12.62 50.48 -32.33
C ILE E 210 12.28 49.56 -33.50
N PRO E 211 12.72 49.86 -34.71
CA PRO E 211 12.49 48.93 -35.83
C PRO E 211 13.23 47.62 -35.60
N LYS E 212 12.54 46.52 -35.85
CA LYS E 212 13.04 45.20 -35.49
C LYS E 212 12.98 44.26 -36.68
N ALA E 213 13.95 43.35 -36.73
CA ALA E 213 13.90 42.27 -37.69
C ALA E 213 13.21 41.05 -37.11
N LEU E 214 13.45 40.74 -35.84
CA LEU E 214 12.91 39.57 -35.20
C LEU E 214 12.34 39.95 -33.84
N GLU E 215 11.32 39.19 -33.42
CA GLU E 215 10.81 39.22 -32.07
C GLU E 215 11.18 37.92 -31.37
N LEU E 216 11.64 38.02 -30.13
CA LEU E 216 12.11 36.87 -29.37
C LEU E 216 11.18 36.62 -28.19
N ARG E 217 10.70 35.39 -28.06
CA ARG E 217 9.95 34.94 -26.90
C ARG E 217 10.83 33.94 -26.15
N ILE E 218 11.28 34.32 -24.96
CA ILE E 218 12.26 33.55 -24.20
C ILE E 218 11.60 33.09 -22.91
N THR E 219 11.42 31.77 -22.77
CA THR E 219 10.83 31.18 -21.59
C THR E 219 11.92 30.42 -20.83
N ILE E 220 12.15 30.82 -19.59
CA ILE E 220 13.19 30.22 -18.76
C ILE E 220 12.53 29.41 -17.66
N VAL E 221 13.01 28.17 -17.48
CA VAL E 221 12.60 27.32 -16.38
C VAL E 221 13.85 26.96 -15.60
N GLY E 222 14.00 27.53 -14.41
CA GLY E 222 15.20 27.34 -13.62
C GLY E 222 16.39 28.00 -14.29
N GLU E 223 17.24 27.20 -14.93
CA GLU E 223 18.32 27.72 -15.76
C GLU E 223 18.26 27.20 -17.18
N GLN E 224 17.16 26.56 -17.56
CA GLN E 224 16.94 26.08 -18.92
C GLN E 224 16.27 27.18 -19.73
N ILE E 225 16.83 27.48 -20.91
CA ILE E 225 16.36 28.60 -21.74
C ILE E 225 15.73 28.04 -23.00
N PHE E 226 14.48 28.42 -23.25
CA PHE E 226 13.76 28.09 -24.48
C PHE E 226 13.56 29.38 -25.25
N THR E 227 14.27 29.54 -26.37
CA THR E 227 14.25 30.76 -27.16
C THR E 227 13.53 30.50 -28.48
N ALA E 228 12.51 31.30 -28.77
CA ALA E 228 11.75 31.21 -30.00
C ALA E 228 11.74 32.57 -30.69
N ALA E 229 11.87 32.55 -32.03
CA ALA E 229 11.97 33.77 -32.81
C ALA E 229 10.97 33.73 -33.95
N ILE E 230 10.56 34.91 -34.38
CA ILE E 230 9.66 35.04 -35.53
C ILE E 230 10.01 36.31 -36.28
N ASN E 231 9.98 36.24 -37.61
CA ASN E 231 10.20 37.40 -38.45
C ASN E 231 8.91 38.20 -38.55
N SER E 232 8.93 39.43 -38.02
CA SER E 232 7.76 40.29 -38.01
C SER E 232 7.83 41.39 -39.05
N GLN E 233 8.89 41.44 -39.86
CA GLN E 233 9.08 42.53 -40.81
C GLN E 233 7.96 42.56 -41.84
N GLN E 234 7.23 43.68 -41.90
CA GLN E 234 6.29 43.89 -42.99
C GLN E 234 7.04 44.01 -44.32
N LEU E 235 8.21 44.64 -44.30
CA LEU E 235 9.10 44.72 -45.45
C LEU E 235 10.45 44.18 -45.00
N ASP E 236 10.85 43.02 -45.53
CA ASP E 236 12.02 42.32 -45.02
C ASP E 236 13.32 43.00 -45.44
N GLY E 237 13.53 43.11 -46.75
CA GLY E 237 14.79 43.63 -47.25
C GLY E 237 15.64 42.54 -47.86
N ALA E 238 16.14 41.62 -47.03
CA ALA E 238 16.91 40.49 -47.54
C ALA E 238 16.08 39.62 -48.46
N ILE E 239 14.76 39.64 -48.29
CA ILE E 239 13.85 38.89 -49.16
C ILE E 239 13.28 39.75 -50.27
N TYR E 240 13.41 41.08 -50.18
CA TYR E 240 12.79 41.99 -51.13
C TYR E 240 13.18 41.66 -52.56
N ASP E 241 12.22 41.78 -53.47
CA ASP E 241 12.47 41.58 -54.90
C ASP E 241 11.44 42.38 -55.68
N TRP E 242 11.90 43.20 -56.62
CA TRP E 242 11.00 43.94 -57.49
C TRP E 242 10.16 43.01 -58.35
N ARG E 243 10.66 41.81 -58.62
CA ARG E 243 9.89 40.78 -59.31
C ARG E 243 8.95 40.06 -58.37
N HIS E 250 4.10 32.59 -45.53
CA HIS E 250 3.74 32.11 -44.20
C HIS E 250 4.91 32.28 -43.23
N GLN E 251 4.59 32.48 -41.95
CA GLN E 251 5.59 32.69 -40.92
C GLN E 251 5.10 32.11 -39.60
N GLN E 252 6.06 31.61 -38.81
CA GLN E 252 5.76 31.03 -37.51
C GLN E 252 7.01 31.09 -36.64
N TRP E 253 6.82 30.80 -35.36
CA TRP E 253 7.92 30.85 -34.41
C TRP E 253 8.89 29.68 -34.63
N GLN E 254 10.19 29.96 -34.57
CA GLN E 254 11.18 28.91 -34.77
C GLN E 254 12.30 29.01 -33.75
N PRO E 255 12.91 27.88 -33.42
CA PRO E 255 14.01 27.90 -32.44
C PRO E 255 15.04 28.95 -32.81
N TYR E 256 15.73 29.46 -31.79
CA TYR E 256 16.73 30.51 -31.98
C TYR E 256 17.77 30.36 -30.89
N ASP E 257 19.04 30.52 -31.26
CA ASP E 257 20.16 30.40 -30.32
C ASP E 257 20.59 31.80 -29.90
N LEU E 258 20.29 32.16 -28.66
CA LEU E 258 20.74 33.43 -28.13
C LEU E 258 22.26 33.43 -27.98
N PRO E 259 22.91 34.58 -28.19
CA PRO E 259 24.33 34.68 -27.83
C PRO E 259 24.54 34.34 -26.36
N LYS E 260 25.63 33.61 -26.09
CA LYS E 260 25.88 33.15 -24.72
C LYS E 260 25.94 34.31 -23.73
N THR E 261 26.41 35.47 -24.18
CA THR E 261 26.44 36.63 -23.29
C THR E 261 25.03 37.14 -23.01
N ILE E 262 24.11 37.00 -23.96
CA ILE E 262 22.72 37.37 -23.70
C ILE E 262 22.07 36.37 -22.75
N GLU E 263 22.30 35.08 -22.97
CA GLU E 263 21.75 34.06 -22.07
C GLU E 263 22.24 34.27 -20.65
N LYS E 264 23.50 34.65 -20.48
CA LYS E 264 24.04 34.86 -19.14
C LYS E 264 23.41 36.07 -18.47
N GLN E 265 23.23 37.16 -19.21
CA GLN E 265 22.65 38.37 -18.62
C GLN E 265 21.21 38.14 -18.19
N LEU E 266 20.45 37.36 -18.97
CA LEU E 266 19.07 37.06 -18.61
C LEU E 266 19.01 36.20 -17.35
N LEU E 267 19.94 35.25 -17.21
CA LEU E 267 19.96 34.41 -16.02
C LEU E 267 20.31 35.23 -14.79
N GLU E 268 21.19 36.22 -14.93
CA GLU E 268 21.45 37.12 -13.80
C GLU E 268 20.25 38.00 -13.51
N LEU E 269 19.45 38.30 -14.53
CA LEU E 269 18.20 39.03 -14.30
C LEU E 269 17.20 38.17 -13.52
N MET E 270 17.12 36.89 -13.86
CA MET E 270 16.27 35.97 -13.11
C MET E 270 16.76 35.82 -11.67
N LYS E 271 18.07 35.75 -11.49
CA LYS E 271 18.63 35.54 -10.15
C LYS E 271 18.41 36.77 -9.27
N TYR E 272 18.46 37.97 -9.85
CA TYR E 272 18.23 39.18 -9.07
C TYR E 272 16.83 39.21 -8.49
N PHE E 273 15.83 38.85 -9.31
CA PHE E 273 14.44 38.81 -8.85
C PHE E 273 14.08 37.49 -8.18
N GLY E 274 14.99 36.51 -8.18
CA GLY E 274 14.73 35.26 -7.50
C GLY E 274 13.75 34.36 -8.21
N LEU E 275 13.66 34.46 -9.53
CA LEU E 275 12.66 33.74 -10.29
C LEU E 275 13.23 32.47 -10.87
N ASN E 276 12.42 31.41 -10.86
CA ASN E 276 12.74 30.18 -11.56
C ASN E 276 11.81 29.91 -12.72
N TYR E 277 10.87 30.81 -13.00
CA TYR E 277 10.12 30.80 -14.25
C TYR E 277 9.96 32.24 -14.72
N GLY E 278 10.03 32.43 -16.04
CA GLY E 278 9.83 33.74 -16.61
C GLY E 278 9.60 33.73 -18.11
N ALA E 279 8.70 34.59 -18.59
CA ALA E 279 8.47 34.80 -20.00
C ALA E 279 9.07 36.15 -20.38
N ILE E 280 10.11 36.13 -21.21
CA ILE E 280 10.90 37.32 -21.52
C ILE E 280 10.67 37.71 -22.97
N ASP E 281 10.49 39.00 -23.19
CA ASP E 281 10.31 39.56 -24.53
C ASP E 281 11.54 40.38 -24.93
N MET E 282 12.07 40.08 -26.11
CA MET E 282 13.17 40.84 -26.69
C MET E 282 12.92 41.02 -28.18
N ILE E 283 13.66 41.94 -28.78
CA ILE E 283 13.63 42.17 -30.21
C ILE E 283 15.06 42.27 -30.73
N VAL E 284 15.24 41.91 -32.00
CA VAL E 284 16.53 41.97 -32.67
C VAL E 284 16.42 42.90 -33.87
N THR E 285 17.34 43.83 -33.97
CA THR E 285 17.35 44.79 -35.07
C THR E 285 17.97 44.18 -36.31
N PRO E 286 17.79 44.81 -37.48
CA PRO E 286 18.48 44.32 -38.68
C PRO E 286 19.99 44.27 -38.53
N ASP E 287 20.60 45.15 -37.74
CA ASP E 287 22.02 45.09 -37.46
C ASP E 287 22.34 44.26 -36.21
N GLU E 288 21.45 43.33 -35.85
CA GLU E 288 21.69 42.33 -34.80
C GLU E 288 22.00 42.96 -33.45
N ARG E 289 21.19 43.93 -33.06
CA ARG E 289 21.22 44.44 -31.69
C ARG E 289 20.06 43.84 -30.91
N TYR E 290 20.33 43.42 -29.68
CA TYR E 290 19.35 42.74 -28.85
C TYR E 290 18.83 43.71 -27.80
N ILE E 291 17.54 43.99 -27.86
CA ILE E 291 16.89 44.94 -26.96
C ILE E 291 16.01 44.15 -25.99
N PHE E 292 16.16 44.42 -24.69
CA PHE E 292 15.29 43.83 -23.69
C PHE E 292 14.02 44.66 -23.57
N LEU E 293 12.88 43.98 -23.55
CA LEU E 293 11.58 44.65 -23.40
C LEU E 293 10.96 44.39 -22.03
N GLU E 294 10.71 43.13 -21.68
CA GLU E 294 9.89 42.82 -20.52
C GLU E 294 10.10 41.38 -20.11
N ILE E 295 9.97 41.13 -18.80
CA ILE E 295 9.87 39.78 -18.26
C ILE E 295 8.56 39.69 -17.50
N ASN E 296 7.74 38.71 -17.89
CA ASN E 296 6.48 38.45 -17.18
C ASN E 296 6.65 37.19 -16.35
N PRO E 297 6.66 37.29 -15.02
CA PRO E 297 6.88 36.09 -14.19
C PRO E 297 5.80 35.03 -14.33
N VAL E 298 4.62 35.38 -14.84
CA VAL E 298 3.54 34.42 -15.01
C VAL E 298 3.09 34.41 -16.47
N GLY E 299 4.00 34.73 -17.38
CA GLY E 299 3.64 34.78 -18.78
C GLY E 299 3.32 33.42 -19.34
N GLU E 300 2.54 33.42 -20.42
CA GLU E 300 2.07 32.20 -21.04
C GLU E 300 3.23 31.46 -21.71
N PHE E 301 2.97 30.21 -22.10
CA PHE E 301 3.96 29.40 -22.77
C PHE E 301 3.32 28.33 -23.63
N PHE E 302 2.03 28.08 -23.43
CA PHE E 302 1.37 26.95 -24.09
C PHE E 302 1.40 27.10 -25.61
N TRP E 303 1.36 28.33 -26.13
CA TRP E 303 1.36 28.53 -27.57
C TRP E 303 2.72 28.32 -28.20
N LEU E 304 3.76 28.13 -27.39
CA LEU E 304 5.05 27.68 -27.91
C LEU E 304 5.23 26.18 -27.83
N GLU E 305 4.37 25.49 -27.07
CA GLU E 305 4.45 24.05 -26.90
C GLU E 305 3.44 23.30 -27.76
N LEU E 306 2.19 23.75 -27.79
CA LEU E 306 1.18 23.10 -28.61
C LEU E 306 1.31 23.47 -30.08
N TYR E 307 2.09 24.49 -30.39
CA TYR E 307 2.35 24.98 -31.74
C TYR E 307 3.85 25.11 -31.90
N PRO E 308 4.34 25.28 -33.14
CA PRO E 308 5.78 25.44 -33.32
C PRO E 308 6.39 26.53 -32.43
N PRO E 309 7.59 26.29 -31.92
CA PRO E 309 8.51 25.17 -32.20
C PRO E 309 8.31 23.92 -31.35
N TYR E 310 7.19 23.82 -30.64
CA TYR E 310 6.91 22.66 -29.81
C TYR E 310 7.98 22.46 -28.75
N PHE E 311 8.01 23.36 -27.76
CA PHE E 311 8.98 23.28 -26.69
C PHE E 311 8.43 22.51 -25.50
N PRO E 312 9.17 21.40 -25.10
CA PRO E 312 8.60 20.68 -23.94
C PRO E 312 8.81 21.51 -22.68
N ILE E 313 8.04 22.57 -22.52
CA ILE E 313 8.16 23.44 -21.36
C ILE E 313 7.39 22.89 -20.18
N SER E 314 6.16 22.41 -20.41
CA SER E 314 5.35 21.87 -19.34
C SER E 314 6.06 20.73 -18.62
N GLN E 315 6.81 19.91 -19.36
CA GLN E 315 7.64 18.89 -18.74
C GLN E 315 8.69 19.52 -17.83
N ALA E 316 9.34 20.58 -18.30
CA ALA E 316 10.37 21.24 -17.49
C ALA E 316 9.77 21.91 -16.26
N ILE E 317 8.52 22.35 -16.35
CA ILE E 317 7.84 22.92 -15.20
C ILE E 317 7.48 21.84 -14.20
N ALA E 318 6.92 20.73 -14.68
CA ALA E 318 6.58 19.63 -13.77
C ALA E 318 7.82 19.07 -13.10
N GLU E 319 8.94 19.02 -13.81
CA GLU E 319 10.15 18.47 -13.22
C GLU E 319 10.69 19.35 -12.10
N ILE E 320 10.68 20.68 -12.27
CA ILE E 320 11.22 21.54 -11.22
C ILE E 320 10.25 21.64 -10.05
N LEU E 321 8.96 21.40 -10.29
CA LEU E 321 7.99 21.40 -9.20
C LEU E 321 8.14 20.16 -8.33
N VAL E 322 8.36 18.99 -8.94
CA VAL E 322 8.44 17.76 -8.17
C VAL E 322 9.87 17.46 -7.71
N ASN E 323 10.89 17.97 -8.39
CA ASN E 323 12.26 17.84 -7.93
C ASN E 323 12.65 19.07 -7.11
N SER E 324 13.94 19.38 -7.05
CA SER E 324 14.38 20.55 -6.29
C SER E 324 14.44 21.78 -7.18
N MET F 1 8.42 -67.76 13.65
CA MET F 1 8.26 -66.50 12.94
C MET F 1 7.67 -66.73 11.53
N THR F 2 6.48 -66.17 11.32
CA THR F 2 5.72 -66.36 10.09
C THR F 2 5.60 -65.05 9.33
N VAL F 3 5.67 -65.13 8.01
CA VAL F 3 5.53 -63.99 7.12
C VAL F 3 4.13 -63.98 6.53
N LEU F 4 3.38 -62.93 6.80
CA LEU F 4 2.06 -62.76 6.20
C LEU F 4 2.22 -62.17 4.81
N ILE F 5 1.61 -62.80 3.81
CA ILE F 5 1.73 -62.38 2.42
C ILE F 5 0.36 -61.91 1.95
N VAL F 6 0.23 -60.60 1.71
CA VAL F 6 -1.02 -59.96 1.36
C VAL F 6 -1.12 -59.92 -0.16
N THR F 7 -2.03 -60.72 -0.72
CA THR F 7 -2.09 -60.99 -2.16
C THR F 7 -3.54 -61.20 -2.56
N PHE F 8 -3.75 -61.63 -3.80
CA PHE F 8 -5.05 -62.08 -4.28
C PHE F 8 -4.85 -63.34 -5.11
N SER F 9 -5.95 -64.07 -5.31
CA SER F 9 -5.86 -65.43 -5.85
C SER F 9 -5.32 -65.46 -7.27
N ARG F 10 -5.57 -64.42 -8.06
CA ARG F 10 -5.13 -64.38 -9.45
C ARG F 10 -3.78 -63.71 -9.63
N ASP F 11 -2.98 -63.61 -8.57
CA ASP F 11 -1.64 -63.05 -8.70
C ASP F 11 -0.74 -64.04 -9.44
N ASN F 12 0.43 -63.54 -9.84
CA ASN F 12 1.30 -64.25 -10.75
C ASN F 12 2.34 -65.06 -9.97
N GLU F 13 3.43 -65.46 -10.65
CA GLU F 13 4.43 -66.39 -10.13
C GLU F 13 5.30 -65.78 -9.05
N SER F 14 5.22 -64.48 -8.81
CA SER F 14 6.03 -63.84 -7.78
C SER F 14 5.76 -64.42 -6.40
N ILE F 15 4.53 -64.87 -6.16
CA ILE F 15 4.12 -65.32 -4.82
C ILE F 15 4.76 -66.66 -4.49
N PRO F 16 4.58 -67.72 -5.29
CA PRO F 16 5.24 -68.98 -4.94
C PRO F 16 6.75 -68.90 -4.98
N LEU F 17 7.31 -68.04 -5.84
CA LEU F 17 8.76 -67.84 -5.87
C LEU F 17 9.26 -67.34 -4.53
N VAL F 18 8.55 -66.39 -3.93
CA VAL F 18 8.96 -65.85 -2.65
C VAL F 18 8.69 -66.84 -1.52
N ILE F 19 7.53 -67.51 -1.58
CA ILE F 19 7.16 -68.44 -0.51
C ILE F 19 8.18 -69.57 -0.37
N LYS F 20 8.52 -70.21 -1.49
CA LYS F 20 9.47 -71.32 -1.44
C LYS F 20 10.85 -70.86 -0.99
N ALA F 21 11.25 -69.65 -1.39
CA ALA F 21 12.52 -69.10 -0.91
C ALA F 21 12.46 -68.83 0.60
N ILE F 22 11.31 -68.38 1.10
CA ILE F 22 11.13 -68.23 2.54
C ILE F 22 11.16 -69.60 3.21
N GLU F 23 10.42 -70.55 2.66
CA GLU F 23 10.38 -71.90 3.25
C GLU F 23 11.74 -72.57 3.17
N ALA F 24 12.50 -72.31 2.10
CA ALA F 24 13.83 -72.89 1.99
C ALA F 24 14.80 -72.32 3.01
N MET F 25 14.54 -71.14 3.54
CA MET F 25 15.37 -70.52 4.56
C MET F 25 14.93 -70.92 5.97
N GLY F 26 14.04 -71.91 6.10
CA GLY F 26 13.68 -72.42 7.40
C GLY F 26 12.59 -71.66 8.12
N LYS F 27 11.83 -70.83 7.40
CA LYS F 27 10.75 -70.07 8.00
C LYS F 27 9.43 -70.41 7.32
N LYS F 28 8.36 -69.86 7.88
CA LYS F 28 6.99 -70.16 7.46
C LYS F 28 6.35 -68.93 6.83
N ALA F 29 5.40 -69.18 5.94
CA ALA F 29 4.73 -68.11 5.21
C ALA F 29 3.26 -68.47 5.00
N PHE F 30 2.38 -67.52 5.27
CA PHE F 30 0.94 -67.69 5.07
C PHE F 30 0.50 -66.77 3.94
N ARG F 31 -0.19 -67.35 2.95
CA ARG F 31 -0.70 -66.59 1.82
C ARG F 31 -2.13 -66.15 2.09
N PHE F 32 -2.37 -64.85 2.00
CA PHE F 32 -3.67 -64.25 2.25
C PHE F 32 -4.19 -63.63 0.96
N ASP F 33 -5.17 -64.27 0.34
CA ASP F 33 -5.76 -63.79 -0.90
C ASP F 33 -6.87 -62.80 -0.56
N THR F 34 -6.59 -61.51 -0.73
CA THR F 34 -7.52 -60.47 -0.31
C THR F 34 -8.82 -60.50 -1.11
N ASP F 35 -8.82 -61.10 -2.29
CA ASP F 35 -10.05 -61.15 -3.08
C ASP F 35 -10.99 -62.25 -2.60
N ARG F 36 -10.48 -63.27 -1.91
CA ARG F 36 -11.31 -64.35 -1.41
C ARG F 36 -11.88 -64.08 -0.02
N PHE F 37 -11.68 -62.87 0.49
CA PHE F 37 -12.36 -62.39 1.69
C PHE F 37 -13.43 -61.42 1.25
N PRO F 38 -14.63 -61.47 1.85
CA PRO F 38 -15.07 -62.32 2.96
C PRO F 38 -15.79 -63.59 2.54
N THR F 39 -15.83 -63.85 1.23
CA THR F 39 -16.63 -64.96 0.72
C THR F 39 -16.04 -66.32 1.06
N GLU F 40 -14.74 -66.40 1.32
CA GLU F 40 -14.12 -67.69 1.55
C GLU F 40 -13.22 -67.69 2.78
N VAL F 41 -12.40 -66.66 2.91
CA VAL F 41 -11.43 -66.57 4.01
C VAL F 41 -12.10 -65.94 5.22
N LYS F 42 -11.91 -66.55 6.39
CA LYS F 42 -12.44 -66.04 7.65
C LYS F 42 -11.37 -65.21 8.34
N VAL F 43 -11.73 -63.97 8.70
CA VAL F 43 -10.84 -63.06 9.40
C VAL F 43 -11.53 -62.59 10.68
N ASP F 44 -10.86 -62.76 11.82
CA ASP F 44 -11.39 -62.37 13.13
C ASP F 44 -10.38 -61.45 13.78
N LEU F 45 -10.72 -60.18 13.94
CA LEU F 45 -9.83 -59.15 14.46
C LEU F 45 -10.34 -58.72 15.83
N TYR F 46 -9.56 -59.01 16.87
CA TYR F 46 -9.94 -58.70 18.25
C TYR F 46 -9.14 -57.50 18.74
N SER F 47 -9.84 -56.54 19.33
CA SER F 47 -9.22 -55.39 19.95
C SER F 47 -9.69 -55.30 21.41
N GLY F 48 -8.77 -55.05 22.32
CA GLY F 48 -9.11 -55.02 23.73
C GLY F 48 -8.24 -55.92 24.57
N GLY F 49 -8.74 -56.29 25.76
CA GLY F 49 -7.99 -57.17 26.64
C GLY F 49 -7.75 -58.55 26.03
N GLN F 50 -8.60 -58.96 25.10
CA GLN F 50 -8.49 -60.30 24.55
C GLN F 50 -7.38 -60.38 23.50
N LYS F 51 -7.60 -61.21 22.48
CA LYS F 51 -6.55 -61.69 21.59
C LYS F 51 -6.02 -60.62 20.63
N GLY F 52 -5.44 -61.08 19.52
CA GLY F 52 -5.00 -60.21 18.46
C GLY F 52 -5.84 -60.43 17.20
N GLY F 53 -5.80 -61.63 16.66
CA GLY F 53 -6.61 -61.94 15.50
C GLY F 53 -6.30 -63.33 14.96
N ILE F 54 -7.19 -63.78 14.08
CA ILE F 54 -7.09 -65.11 13.47
C ILE F 54 -7.52 -65.00 12.01
N ILE F 55 -6.75 -65.64 11.12
CA ILE F 55 -7.10 -65.79 9.72
C ILE F 55 -7.25 -67.27 9.44
N THR F 56 -8.43 -67.68 8.96
CA THR F 56 -8.73 -69.09 8.72
C THR F 56 -9.10 -69.26 7.25
N ASP F 57 -8.31 -70.05 6.53
CA ASP F 57 -8.55 -70.36 5.12
C ASP F 57 -8.61 -71.87 4.97
N GLY F 58 -9.81 -72.42 5.07
CA GLY F 58 -9.98 -73.85 4.93
C GLY F 58 -9.25 -74.58 6.04
N ASP F 59 -8.29 -75.43 5.66
CA ASP F 59 -7.50 -76.13 6.66
C ASP F 59 -6.41 -75.24 7.25
N GLN F 60 -5.99 -74.21 6.52
CA GLN F 60 -4.91 -73.34 6.96
C GLN F 60 -5.45 -72.24 7.87
N LYS F 61 -4.73 -71.99 8.96
CA LYS F 61 -5.09 -70.94 9.90
C LYS F 61 -3.82 -70.21 10.30
N LEU F 62 -3.96 -68.92 10.62
CA LEU F 62 -2.85 -68.08 11.02
C LEU F 62 -3.24 -67.27 12.25
N GLU F 63 -2.47 -67.42 13.31
CA GLU F 63 -2.64 -66.60 14.51
C GLU F 63 -1.79 -65.35 14.35
N LEU F 64 -2.42 -64.18 14.33
CA LEU F 64 -1.73 -62.94 14.03
C LEU F 64 -0.62 -62.61 15.03
N LYS F 65 -0.56 -63.31 16.15
CA LYS F 65 0.53 -63.10 17.10
C LYS F 65 1.84 -63.73 16.62
N GLU F 66 1.77 -64.63 15.65
CA GLU F 66 2.95 -65.29 15.10
C GLU F 66 3.45 -64.62 13.83
N VAL F 67 2.85 -63.50 13.43
CA VAL F 67 3.24 -62.79 12.22
C VAL F 67 4.50 -61.98 12.52
N SER F 68 5.61 -62.34 11.90
CA SER F 68 6.86 -61.64 12.12
C SER F 68 7.17 -60.62 11.03
N ALA F 69 6.57 -60.76 9.86
CA ALA F 69 6.78 -59.82 8.76
C ALA F 69 5.57 -59.87 7.86
N VAL F 70 5.39 -58.79 7.09
CA VAL F 70 4.27 -58.62 6.18
C VAL F 70 4.80 -58.17 4.83
N TRP F 71 4.44 -58.89 3.77
CA TRP F 71 4.72 -58.49 2.40
C TRP F 71 3.45 -57.84 1.85
N TYR F 72 3.43 -56.50 1.84
CA TYR F 72 2.30 -55.71 1.37
C TYR F 72 2.34 -55.72 -0.16
N ARG F 73 1.87 -56.82 -0.75
CA ARG F 73 2.07 -57.11 -2.17
C ARG F 73 0.89 -56.68 -3.03
N ARG F 74 -0.26 -57.36 -2.91
CA ARG F 74 -1.41 -57.07 -3.75
C ARG F 74 -2.65 -56.95 -2.88
N MET F 75 -3.43 -55.90 -3.13
CA MET F 75 -4.59 -55.56 -2.31
C MET F 75 -5.82 -55.49 -3.22
N ARG F 76 -6.56 -56.59 -3.29
CA ARG F 76 -7.78 -56.68 -4.11
C ARG F 76 -8.96 -57.07 -3.22
N TYR F 77 -9.33 -56.18 -2.31
CA TYR F 77 -10.26 -56.51 -1.23
C TYR F 77 -11.65 -56.82 -1.76
N GLY F 78 -12.09 -58.07 -1.56
CA GLY F 78 -13.47 -58.43 -1.78
C GLY F 78 -13.92 -58.49 -3.22
N LEU F 79 -13.02 -58.72 -4.17
CA LEU F 79 -13.43 -58.68 -5.57
C LEU F 79 -14.02 -59.99 -6.05
N LYS F 80 -13.96 -61.07 -5.27
CA LYS F 80 -14.70 -62.28 -5.59
C LYS F 80 -16.11 -62.26 -5.03
N LEU F 81 -16.59 -61.10 -4.58
CA LEU F 81 -17.99 -60.95 -4.26
C LEU F 81 -18.83 -61.24 -5.50
N PRO F 82 -19.95 -61.94 -5.36
CA PRO F 82 -20.67 -62.41 -6.55
C PRO F 82 -21.35 -61.28 -7.31
N ASP F 83 -21.22 -61.32 -8.64
CA ASP F 83 -22.14 -60.59 -9.50
C ASP F 83 -23.27 -61.57 -9.78
N GLY F 84 -24.52 -61.11 -9.72
CA GLY F 84 -24.81 -59.70 -9.49
C GLY F 84 -25.47 -59.40 -8.17
N MET F 85 -24.68 -59.34 -7.10
CA MET F 85 -25.14 -58.73 -5.86
C MET F 85 -25.53 -57.29 -6.16
N ASP F 86 -26.49 -56.77 -5.39
CA ASP F 86 -26.96 -55.40 -5.58
C ASP F 86 -25.78 -54.45 -5.60
N SER F 87 -25.73 -53.61 -6.65
CA SER F 87 -24.56 -52.76 -6.87
C SER F 87 -24.33 -51.82 -5.70
N GLN F 88 -25.41 -51.33 -5.09
CA GLN F 88 -25.26 -50.44 -3.94
C GLN F 88 -24.66 -51.19 -2.75
N PHE F 89 -25.14 -52.41 -2.48
CA PHE F 89 -24.59 -53.19 -1.39
C PHE F 89 -23.18 -53.68 -1.69
N ARG F 90 -22.87 -53.91 -2.96
CA ARG F 90 -21.56 -54.45 -3.30
C ARG F 90 -20.45 -53.43 -3.09
N GLU F 91 -20.66 -52.20 -3.58
CA GLU F 91 -19.66 -51.16 -3.37
C GLU F 91 -19.51 -50.80 -1.90
N ALA F 92 -20.62 -50.81 -1.15
CA ALA F 92 -20.54 -50.58 0.29
C ALA F 92 -19.76 -51.69 0.98
N SER F 93 -19.91 -52.94 0.51
CA SER F 93 -19.13 -54.03 1.09
C SER F 93 -17.66 -53.90 0.75
N LEU F 94 -17.36 -53.40 -0.45
CA LEU F 94 -15.96 -53.27 -0.88
C LEU F 94 -15.22 -52.25 -0.04
N LYS F 95 -15.88 -51.16 0.34
CA LYS F 95 -15.28 -50.20 1.26
C LYS F 95 -15.02 -50.83 2.62
N GLU F 96 -16.00 -51.57 3.13
CA GLU F 96 -15.88 -52.14 4.47
C GLU F 96 -14.78 -53.20 4.53
N CYS F 97 -14.70 -54.06 3.52
CA CYS F 97 -13.62 -55.05 3.46
C CYS F 97 -12.27 -54.37 3.35
N ARG F 98 -12.20 -53.22 2.69
CA ARG F 98 -10.94 -52.52 2.55
C ARG F 98 -10.49 -51.91 3.87
N LEU F 99 -11.40 -51.25 4.58
CA LEU F 99 -11.03 -50.63 5.84
C LEU F 99 -10.74 -51.67 6.92
N SER F 100 -11.36 -52.86 6.82
CA SER F 100 -11.12 -53.91 7.79
C SER F 100 -9.71 -54.49 7.65
N ILE F 101 -9.32 -54.80 6.41
CA ILE F 101 -8.03 -55.45 6.19
C ILE F 101 -6.89 -54.44 6.35
N ARG F 102 -7.11 -53.20 5.90
CA ARG F 102 -6.10 -52.17 6.08
C ARG F 102 -5.81 -51.93 7.56
N GLY F 103 -6.87 -51.84 8.37
CA GLY F 103 -6.67 -51.68 9.80
C GLY F 103 -5.99 -52.88 10.44
N MET F 104 -6.24 -54.07 9.91
CA MET F 104 -5.52 -55.25 10.37
C MET F 104 -4.03 -55.13 10.08
N ILE F 105 -3.69 -54.70 8.87
CA ILE F 105 -2.28 -54.60 8.48
C ILE F 105 -1.59 -53.50 9.26
N ALA F 106 -2.23 -52.35 9.41
CA ALA F 106 -1.60 -51.22 10.08
C ALA F 106 -1.37 -51.51 11.56
N SER F 107 -2.19 -52.39 12.16
CA SER F 107 -2.06 -52.74 13.57
C SER F 107 -0.94 -53.75 13.81
N LEU F 108 -0.66 -54.62 12.85
CA LEU F 108 0.37 -55.64 13.01
C LEU F 108 1.73 -55.01 13.23
N SER F 109 2.48 -55.56 14.17
CA SER F 109 3.85 -55.14 14.43
C SER F 109 4.78 -55.90 13.48
N GLY F 110 6.07 -55.96 13.81
CA GLY F 110 7.02 -56.64 12.96
C GLY F 110 7.44 -55.81 11.77
N PHE F 111 8.13 -56.47 10.83
CA PHE F 111 8.69 -55.79 9.67
C PHE F 111 7.68 -55.78 8.54
N HIS F 112 7.43 -54.60 7.98
CA HIS F 112 6.52 -54.44 6.86
C HIS F 112 7.29 -54.09 5.59
N LEU F 113 6.87 -54.68 4.47
CA LEU F 113 7.47 -54.38 3.17
C LEU F 113 6.39 -54.11 2.13
N ASP F 114 5.89 -52.87 2.08
CA ASP F 114 6.29 -51.81 2.99
C ASP F 114 5.10 -51.42 3.89
N PRO F 115 5.34 -50.59 4.92
CA PRO F 115 4.22 -50.11 5.72
C PRO F 115 3.18 -49.39 4.88
N ILE F 116 1.92 -49.57 5.25
CA ILE F 116 0.82 -48.93 4.51
C ILE F 116 1.04 -47.42 4.46
N ALA F 117 1.33 -46.81 5.60
CA ALA F 117 1.45 -45.35 5.66
C ALA F 117 2.52 -44.85 4.70
N LYS F 118 3.61 -45.60 4.56
CA LYS F 118 4.65 -45.23 3.61
C LYS F 118 4.16 -45.36 2.17
N VAL F 119 3.51 -46.47 1.85
CA VAL F 119 3.02 -46.70 0.50
C VAL F 119 1.95 -45.66 0.14
N ASP F 120 1.09 -45.31 1.09
CA ASP F 120 0.12 -44.24 0.85
C ASP F 120 0.81 -42.92 0.56
N HIS F 121 1.89 -42.62 1.28
CA HIS F 121 2.58 -41.35 1.09
C HIS F 121 3.37 -41.33 -0.22
N ALA F 122 3.96 -42.46 -0.60
CA ALA F 122 4.72 -42.52 -1.83
C ALA F 122 3.83 -42.60 -3.07
N ASN F 123 2.53 -42.83 -2.92
CA ASN F 123 1.64 -42.95 -4.07
C ASN F 123 1.34 -41.61 -4.74
N HIS F 124 1.76 -40.50 -4.15
CA HIS F 124 1.52 -39.19 -4.75
C HIS F 124 2.61 -38.94 -5.78
N LYS F 125 2.26 -39.12 -7.06
CA LYS F 125 3.26 -39.00 -8.11
C LYS F 125 3.79 -37.59 -8.25
N GLN F 126 2.97 -36.57 -7.92
CA GLN F 126 3.48 -35.21 -7.94
C GLN F 126 4.54 -35.01 -6.86
N LEU F 127 4.37 -35.66 -5.71
CA LEU F 127 5.36 -35.59 -4.63
C LEU F 127 6.61 -36.38 -4.97
N GLN F 128 6.47 -37.48 -5.72
CA GLN F 128 7.65 -38.20 -6.20
C GLN F 128 8.53 -37.31 -7.06
N LEU F 129 7.93 -36.61 -8.02
CA LEU F 129 8.70 -35.76 -8.91
C LEU F 129 9.29 -34.57 -8.16
N GLN F 130 8.57 -34.05 -7.17
CA GLN F 130 9.10 -32.92 -6.41
C GLN F 130 10.28 -33.31 -5.54
N VAL F 131 10.20 -34.47 -4.88
CA VAL F 131 11.28 -34.91 -4.01
C VAL F 131 12.47 -35.39 -4.84
N ALA F 132 12.21 -36.09 -5.94
CA ALA F 132 13.31 -36.48 -6.83
C ALA F 132 14.04 -35.27 -7.37
N ARG F 133 13.30 -34.19 -7.63
CA ARG F 133 13.95 -32.97 -8.13
C ARG F 133 14.76 -32.29 -7.04
N GLN F 134 14.28 -32.33 -5.79
CA GLN F 134 15.02 -31.74 -4.68
C GLN F 134 16.30 -32.50 -4.37
N LEU F 135 16.40 -33.75 -4.80
CA LEU F 135 17.59 -34.57 -4.56
C LEU F 135 18.59 -34.47 -5.71
N GLY F 136 18.25 -33.79 -6.80
CA GLY F 136 19.16 -33.62 -7.90
C GLY F 136 18.87 -34.46 -9.13
N LEU F 137 17.71 -35.11 -9.19
CA LEU F 137 17.34 -35.92 -10.34
C LEU F 137 16.50 -35.07 -11.29
N LEU F 138 16.83 -35.14 -12.58
CA LEU F 138 16.02 -34.44 -13.58
C LEU F 138 14.65 -35.09 -13.71
N ILE F 139 13.62 -34.25 -13.74
CA ILE F 139 12.25 -34.75 -13.92
C ILE F 139 11.66 -34.07 -15.16
N PRO F 140 10.77 -34.72 -15.88
CA PRO F 140 10.13 -34.06 -17.03
C PRO F 140 9.15 -33.00 -16.56
N GLY F 141 9.06 -31.93 -17.36
CA GLY F 141 8.09 -30.88 -17.09
C GLY F 141 6.68 -31.43 -17.08
N THR F 142 6.00 -31.29 -15.95
CA THR F 142 4.71 -31.94 -15.74
C THR F 142 3.64 -30.92 -15.41
N LEU F 143 2.46 -31.11 -15.99
CA LEU F 143 1.31 -30.25 -15.70
C LEU F 143 0.09 -31.14 -15.50
N THR F 144 -0.41 -31.19 -14.26
CA THR F 144 -1.73 -31.73 -13.98
C THR F 144 -2.72 -30.59 -13.93
N SER F 145 -3.77 -30.68 -14.75
CA SER F 145 -4.65 -29.53 -14.89
C SER F 145 -5.99 -29.95 -15.47
N ASN F 146 -7.00 -29.13 -15.18
CA ASN F 146 -8.29 -29.17 -15.87
C ASN F 146 -8.54 -27.87 -16.63
N ASN F 147 -7.49 -27.12 -16.93
CA ASN F 147 -7.59 -25.77 -17.51
C ASN F 147 -7.06 -25.81 -18.93
N PRO F 148 -7.93 -25.72 -19.94
CA PRO F 148 -7.44 -25.84 -21.33
C PRO F 148 -6.41 -24.80 -21.72
N GLU F 149 -6.53 -23.56 -21.22
CA GLU F 149 -5.58 -22.52 -21.60
C GLU F 149 -4.18 -22.82 -21.10
N ALA F 150 -4.07 -23.37 -19.88
CA ALA F 150 -2.75 -23.74 -19.38
C ALA F 150 -2.18 -24.92 -20.16
N VAL F 151 -3.04 -25.82 -20.63
CA VAL F 151 -2.58 -26.98 -21.38
C VAL F 151 -2.05 -26.57 -22.74
N LYS F 152 -2.80 -25.73 -23.46
CA LYS F 152 -2.32 -25.21 -24.73
C LYS F 152 -1.01 -24.47 -24.56
N GLN F 153 -0.93 -23.59 -23.56
CA GLN F 153 0.31 -22.89 -23.26
C GLN F 153 1.42 -23.86 -22.90
N PHE F 154 1.07 -25.01 -22.29
CA PHE F 154 2.07 -26.01 -21.95
C PHE F 154 2.52 -26.79 -23.18
N ALA F 155 1.59 -27.07 -24.09
CA ALA F 155 1.93 -27.81 -25.31
C ALA F 155 2.76 -26.96 -26.26
N GLN F 156 2.45 -25.66 -26.35
CA GLN F 156 3.29 -24.77 -27.15
C GLN F 156 4.68 -24.66 -26.55
N GLU F 157 4.78 -24.70 -25.22
CA GLU F 157 6.07 -24.58 -24.54
C GLU F 157 7.03 -25.68 -24.98
N PHE F 158 6.53 -26.90 -25.15
CA PHE F 158 7.32 -28.04 -25.60
C PHE F 158 6.88 -28.50 -26.98
N GLU F 159 6.71 -27.54 -27.90
CA GLU F 159 6.20 -27.85 -29.23
C GLU F 159 7.21 -28.65 -30.05
N ALA F 160 8.51 -28.44 -29.83
CA ALA F 160 9.53 -29.09 -30.63
C ALA F 160 9.50 -30.61 -30.44
N THR F 161 9.43 -31.07 -29.19
CA THR F 161 9.38 -32.49 -28.89
C THR F 161 7.97 -32.99 -28.60
N GLY F 162 6.99 -32.10 -28.47
CA GLY F 162 5.64 -32.50 -28.17
C GLY F 162 5.47 -32.88 -26.71
N ILE F 163 4.23 -33.20 -26.35
CA ILE F 163 3.90 -33.64 -25.00
C ILE F 163 3.08 -34.92 -25.08
N VAL F 164 3.08 -35.65 -23.98
CA VAL F 164 2.23 -36.82 -23.81
C VAL F 164 1.27 -36.55 -22.66
N THR F 165 0.19 -37.32 -22.63
CA THR F 165 -0.78 -37.24 -21.54
C THR F 165 -0.96 -38.61 -20.91
N LYS F 166 -1.31 -38.62 -19.63
CA LYS F 166 -1.51 -39.85 -18.90
C LYS F 166 -2.46 -39.58 -17.74
N MET F 167 -3.00 -40.67 -17.20
CA MET F 167 -3.86 -40.61 -16.04
C MET F 167 -3.09 -41.06 -14.81
N LEU F 168 -3.32 -40.38 -13.69
CA LEU F 168 -2.69 -40.77 -12.43
C LEU F 168 -3.28 -42.06 -11.90
N SER F 169 -4.56 -42.32 -12.16
CA SER F 169 -5.26 -43.45 -11.59
C SER F 169 -5.14 -44.69 -12.47
N GLN F 170 -5.48 -45.84 -11.89
CA GLN F 170 -5.60 -47.10 -12.60
C GLN F 170 -7.08 -47.45 -12.71
N PHE F 171 -7.52 -47.77 -13.92
CA PHE F 171 -8.93 -48.07 -14.17
C PHE F 171 -9.06 -48.66 -15.56
N ALA F 172 -10.30 -49.01 -15.92
CA ALA F 172 -10.61 -49.53 -17.24
C ALA F 172 -12.10 -49.30 -17.50
N ILE F 173 -12.42 -48.89 -18.73
CA ILE F 173 -13.80 -48.69 -19.15
C ILE F 173 -14.22 -49.90 -19.97
N TYR F 174 -15.26 -50.58 -19.53
CA TYR F 174 -15.75 -51.77 -20.24
C TYR F 174 -16.94 -51.41 -21.12
N GLY F 175 -16.86 -51.79 -22.40
CA GLY F 175 -17.91 -51.51 -23.34
C GLY F 175 -18.49 -52.78 -23.96
N GLU F 179 -15.53 -55.47 -24.11
CA GLU F 179 -14.09 -55.25 -24.20
C GLU F 179 -13.59 -54.32 -23.10
N GLU F 180 -12.28 -54.35 -22.89
CA GLU F 180 -11.61 -53.58 -21.85
C GLU F 180 -10.80 -52.46 -22.49
N MET F 181 -11.05 -51.22 -22.06
CA MET F 181 -10.40 -50.06 -22.63
C MET F 181 -9.60 -49.32 -21.57
N VAL F 182 -8.41 -48.85 -21.95
CA VAL F 182 -7.45 -48.30 -21.02
C VAL F 182 -6.73 -47.12 -21.69
N VAL F 183 -6.35 -46.14 -20.88
CA VAL F 183 -5.61 -44.96 -21.34
C VAL F 183 -4.14 -45.20 -21.07
N PHE F 184 -3.41 -45.65 -22.09
CA PHE F 184 -1.96 -45.67 -22.00
C PHE F 184 -1.42 -44.25 -22.15
N THR F 185 -0.12 -44.10 -21.88
CA THR F 185 0.54 -42.83 -22.14
C THR F 185 0.49 -42.53 -23.63
N SER F 186 -0.15 -41.43 -24.00
CA SER F 186 -0.44 -41.16 -25.39
C SER F 186 0.06 -39.78 -25.81
N PRO F 187 0.50 -39.65 -27.06
CA PRO F 187 0.82 -38.33 -27.58
C PRO F 187 -0.42 -37.44 -27.69
N VAL F 188 -0.19 -36.14 -27.59
CA VAL F 188 -1.26 -35.15 -27.66
C VAL F 188 -1.11 -34.43 -28.99
N THR F 189 -2.06 -34.65 -29.90
CA THR F 189 -1.99 -34.12 -31.25
C THR F 189 -2.53 -32.69 -31.30
N LYS F 190 -2.38 -32.06 -32.46
CA LYS F 190 -2.96 -30.75 -32.67
C LYS F 190 -4.49 -30.82 -32.71
N GLU F 191 -5.04 -31.98 -33.07
CA GLU F 191 -6.49 -32.15 -33.04
C GLU F 191 -6.99 -32.29 -31.60
N ASP F 192 -6.23 -32.98 -30.75
CA ASP F 192 -6.59 -33.06 -29.34
C ASP F 192 -6.62 -31.67 -28.71
N LEU F 193 -5.69 -30.80 -29.08
CA LEU F 193 -5.64 -29.46 -28.52
C LEU F 193 -6.81 -28.59 -28.93
N ASP F 194 -7.60 -29.01 -29.93
CA ASP F 194 -8.82 -28.32 -30.31
C ASP F 194 -10.06 -28.94 -29.66
N ASN F 195 -9.87 -29.93 -28.79
CA ASN F 195 -10.98 -30.58 -28.11
C ASN F 195 -10.62 -30.79 -26.64
N LEU F 196 -10.27 -29.70 -25.97
CA LEU F 196 -9.90 -29.74 -24.56
C LEU F 196 -11.09 -29.43 -23.64
N GLU F 197 -12.28 -29.22 -24.20
CA GLU F 197 -13.42 -28.87 -23.37
C GLU F 197 -13.79 -29.97 -22.39
N GLY F 198 -13.36 -31.20 -22.64
CA GLY F 198 -13.64 -32.31 -21.74
C GLY F 198 -12.83 -32.31 -20.46
N LEU F 199 -11.78 -31.48 -20.38
CA LEU F 199 -11.04 -31.33 -19.14
C LEU F 199 -11.92 -30.80 -18.01
N GLN F 200 -13.06 -30.18 -18.36
CA GLN F 200 -13.98 -29.67 -17.35
C GLN F 200 -14.60 -30.79 -16.53
N PHE F 201 -14.54 -32.03 -17.01
CA PHE F 201 -15.15 -33.17 -16.33
C PHE F 201 -14.15 -34.20 -15.81
N CYS F 202 -12.87 -34.05 -16.12
CA CYS F 202 -11.80 -34.87 -15.55
C CYS F 202 -10.46 -34.31 -15.97
N PRO F 203 -9.57 -33.98 -15.03
CA PRO F 203 -8.25 -33.49 -15.39
C PRO F 203 -7.38 -34.62 -15.93
N MET F 204 -6.26 -34.22 -16.53
CA MET F 204 -5.25 -35.17 -16.96
C MET F 204 -3.88 -34.63 -16.60
N THR F 205 -2.88 -35.50 -16.64
CA THR F 205 -1.50 -35.13 -16.36
C THR F 205 -0.73 -35.12 -17.67
N PHE F 206 -0.17 -33.96 -18.02
CA PHE F 206 0.59 -33.80 -19.25
C PHE F 206 2.07 -33.64 -18.91
N GLN F 207 2.94 -34.20 -19.76
CA GLN F 207 4.36 -34.18 -19.50
C GLN F 207 5.15 -33.94 -20.77
N GLU F 208 6.32 -33.32 -20.60
CA GLU F 208 7.27 -33.12 -21.68
C GLU F 208 7.67 -34.46 -22.27
N ASN F 209 7.53 -34.57 -23.59
CA ASN F 209 7.94 -35.80 -24.29
C ASN F 209 9.44 -35.69 -24.55
N ILE F 210 10.23 -36.40 -23.76
CA ILE F 210 11.68 -36.34 -23.83
C ILE F 210 12.16 -37.45 -24.75
N PRO F 211 12.90 -37.13 -25.81
CA PRO F 211 13.48 -38.18 -26.64
C PRO F 211 14.47 -39.01 -25.85
N LYS F 212 14.45 -40.32 -26.07
CA LYS F 212 15.18 -41.25 -25.24
C LYS F 212 15.87 -42.30 -26.10
N ALA F 213 17.04 -42.73 -25.66
CA ALA F 213 17.73 -43.89 -26.20
C ALA F 213 17.31 -45.17 -25.49
N LEU F 214 17.30 -45.15 -24.15
CA LEU F 214 17.02 -46.33 -23.35
C LEU F 214 15.88 -46.05 -22.37
N GLU F 215 15.16 -47.11 -22.01
CA GLU F 215 14.21 -47.11 -20.91
C GLU F 215 14.78 -47.96 -19.79
N LEU F 216 14.81 -47.40 -18.58
CA LEU F 216 15.40 -48.07 -17.43
C LEU F 216 14.30 -48.56 -16.49
N ARG F 217 14.43 -49.81 -16.06
CA ARG F 217 13.57 -50.39 -15.03
C ARG F 217 14.45 -50.75 -13.85
N ILE F 218 14.25 -50.05 -12.73
CA ILE F 218 15.13 -50.16 -11.58
C ILE F 218 14.33 -50.72 -10.42
N THR F 219 14.75 -51.88 -9.92
CA THR F 219 14.09 -52.54 -8.79
C THR F 219 15.04 -52.51 -7.61
N ILE F 220 14.59 -51.93 -6.50
CA ILE F 220 15.40 -51.78 -5.30
C ILE F 220 14.80 -52.62 -4.18
N VAL F 221 15.63 -53.48 -3.60
CA VAL F 221 15.26 -54.26 -2.42
C VAL F 221 16.25 -53.90 -1.33
N GLY F 222 15.79 -53.15 -0.32
CA GLY F 222 16.68 -52.63 0.70
C GLY F 222 17.60 -51.58 0.11
N GLU F 223 18.89 -51.91 0.01
CA GLU F 223 19.86 -51.05 -0.66
C GLU F 223 20.45 -51.72 -1.89
N GLN F 224 19.88 -52.85 -2.32
CA GLN F 224 20.33 -53.55 -3.51
C GLN F 224 19.56 -53.05 -4.72
N ILE F 225 20.30 -52.72 -5.79
CA ILE F 225 19.73 -52.05 -6.96
C ILE F 225 19.90 -52.98 -8.16
N PHE F 226 18.79 -53.35 -8.77
CA PHE F 226 18.77 -54.19 -9.97
C PHE F 226 18.32 -53.31 -11.13
N THR F 227 19.27 -52.95 -12.00
CA THR F 227 19.00 -52.03 -13.10
C THR F 227 18.93 -52.79 -14.41
N ALA F 228 17.83 -52.61 -15.14
CA ALA F 228 17.64 -53.21 -16.45
C ALA F 228 17.37 -52.11 -17.47
N ALA F 229 17.91 -52.30 -18.68
CA ALA F 229 17.78 -51.33 -19.75
C ALA F 229 17.27 -52.03 -21.01
N ILE F 230 16.55 -51.27 -21.83
CA ILE F 230 16.07 -51.76 -23.12
C ILE F 230 16.02 -50.58 -24.09
N ASN F 231 16.33 -50.87 -25.35
CA ASN F 231 16.27 -49.87 -26.42
C ASN F 231 14.84 -49.72 -26.89
N SER F 232 14.34 -48.49 -26.87
CA SER F 232 12.98 -48.21 -27.32
C SER F 232 12.97 -47.67 -28.74
N GLN F 252 15.29 -59.54 -23.94
CA GLN F 252 15.41 -58.21 -24.53
C GLN F 252 15.93 -57.18 -23.53
N TRP F 253 15.47 -57.25 -22.29
CA TRP F 253 16.03 -56.40 -21.24
C TRP F 253 17.44 -56.86 -20.90
N GLN F 254 18.31 -55.90 -20.62
CA GLN F 254 19.72 -56.16 -20.39
C GLN F 254 20.17 -55.54 -19.08
N PRO F 255 21.23 -56.07 -18.46
CA PRO F 255 21.82 -55.38 -17.31
C PRO F 255 22.35 -54.01 -17.70
N TYR F 256 22.38 -53.11 -16.72
CA TYR F 256 22.85 -51.74 -16.95
C TYR F 256 23.42 -51.23 -15.64
N ASP F 257 24.52 -50.47 -15.75
CA ASP F 257 25.20 -49.94 -14.58
C ASP F 257 24.90 -48.44 -14.46
N LEU F 258 24.07 -48.09 -13.48
CA LEU F 258 23.80 -46.69 -13.21
C LEU F 258 25.06 -46.01 -12.70
N PRO F 259 25.21 -44.71 -12.97
CA PRO F 259 26.24 -43.95 -12.27
C PRO F 259 25.98 -43.96 -10.78
N LYS F 260 27.05 -44.03 -9.99
CA LYS F 260 26.91 -44.08 -8.54
C LYS F 260 26.19 -42.85 -8.01
N THR F 261 26.28 -41.73 -8.74
CA THR F 261 25.52 -40.54 -8.37
C THR F 261 24.03 -40.80 -8.47
N ILE F 262 23.60 -41.50 -9.53
CA ILE F 262 22.19 -41.83 -9.68
C ILE F 262 21.76 -42.86 -8.65
N GLU F 263 22.60 -43.86 -8.40
CA GLU F 263 22.24 -44.90 -7.44
C GLU F 263 22.05 -44.33 -6.05
N LYS F 264 22.92 -43.41 -5.64
CA LYS F 264 22.80 -42.82 -4.31
C LYS F 264 21.58 -41.92 -4.22
N GLN F 265 21.31 -41.15 -5.28
CA GLN F 265 20.13 -40.28 -5.28
C GLN F 265 18.84 -41.10 -5.16
N LEU F 266 18.78 -42.23 -5.86
CA LEU F 266 17.59 -43.09 -5.76
C LEU F 266 17.46 -43.68 -4.36
N LEU F 267 18.59 -44.03 -3.74
CA LEU F 267 18.54 -44.54 -2.37
C LEU F 267 18.06 -43.48 -1.40
N GLU F 268 18.43 -42.21 -1.62
CA GLU F 268 17.90 -41.15 -0.77
C GLU F 268 16.43 -40.93 -1.03
N LEU F 269 15.97 -41.19 -2.26
CA LEU F 269 14.54 -41.08 -2.56
C LEU F 269 13.76 -42.16 -1.81
N MET F 270 14.27 -43.39 -1.78
CA MET F 270 13.62 -44.44 -1.02
C MET F 270 13.62 -44.13 0.47
N LYS F 271 14.76 -43.67 1.01
CA LYS F 271 14.85 -43.40 2.43
C LYS F 271 13.91 -42.27 2.84
N TYR F 272 13.72 -41.28 1.96
CA TYR F 272 12.77 -40.22 2.27
C TYR F 272 11.36 -40.78 2.46
N PHE F 273 10.90 -41.60 1.52
CA PHE F 273 9.58 -42.21 1.63
C PHE F 273 9.55 -43.38 2.61
N GLY F 274 10.72 -43.89 3.00
CA GLY F 274 10.78 -45.02 3.92
C GLY F 274 10.46 -46.35 3.29
N LEU F 275 10.87 -46.57 2.05
CA LEU F 275 10.57 -47.80 1.33
C LEU F 275 11.79 -48.70 1.25
N ASN F 276 11.56 -50.01 1.41
CA ASN F 276 12.59 -51.00 1.15
C ASN F 276 12.33 -51.81 -0.10
N TYR F 277 11.22 -51.54 -0.80
CA TYR F 277 11.00 -52.08 -2.14
C TYR F 277 10.43 -50.98 -3.01
N GLY F 278 10.82 -50.99 -4.28
CA GLY F 278 10.28 -50.04 -5.23
C GLY F 278 10.69 -50.32 -6.65
N ALA F 279 9.75 -50.17 -7.59
CA ALA F 279 10.01 -50.27 -9.02
C ALA F 279 10.07 -48.87 -9.60
N ILE F 280 11.26 -48.47 -10.05
CA ILE F 280 11.53 -47.10 -10.48
C ILE F 280 11.68 -47.08 -12.00
N ASP F 281 10.99 -46.15 -12.65
CA ASP F 281 11.11 -45.94 -14.09
C ASP F 281 12.01 -44.76 -14.39
N MET F 282 12.94 -44.95 -15.32
CA MET F 282 13.83 -43.89 -15.77
C MET F 282 14.10 -44.05 -17.26
N ILE F 283 14.55 -42.95 -17.88
CA ILE F 283 14.93 -42.95 -19.29
C ILE F 283 16.28 -42.25 -19.42
N VAL F 284 17.05 -42.67 -20.42
CA VAL F 284 18.34 -42.07 -20.73
C VAL F 284 18.26 -41.46 -22.12
N THR F 285 18.70 -40.22 -22.24
CA THR F 285 18.72 -39.52 -23.52
C THR F 285 19.94 -39.92 -24.32
N PRO F 286 19.95 -39.66 -25.64
CA PRO F 286 21.15 -39.95 -26.43
C PRO F 286 22.40 -39.26 -25.92
N ASP F 287 22.26 -38.10 -25.27
CA ASP F 287 23.39 -37.42 -24.66
C ASP F 287 23.57 -37.80 -23.18
N GLU F 288 23.04 -38.95 -22.78
CA GLU F 288 23.29 -39.53 -21.45
C GLU F 288 22.80 -38.64 -20.31
N ARG F 289 21.57 -38.14 -20.44
CA ARG F 289 20.91 -37.45 -19.34
C ARG F 289 19.89 -38.40 -18.74
N TYR F 290 19.92 -38.54 -17.40
CA TYR F 290 19.10 -39.52 -16.71
C TYR F 290 17.88 -38.81 -16.11
N ILE F 291 16.71 -39.12 -16.65
CA ILE F 291 15.46 -38.51 -16.22
C ILE F 291 14.71 -39.49 -15.32
N PHE F 292 14.25 -39.01 -14.17
CA PHE F 292 13.41 -39.81 -13.28
C PHE F 292 11.96 -39.66 -13.69
N LEU F 293 11.25 -40.78 -13.79
CA LEU F 293 9.85 -40.78 -14.20
C LEU F 293 8.89 -41.14 -13.08
N GLU F 294 9.14 -42.23 -12.36
CA GLU F 294 8.15 -42.71 -11.39
C GLU F 294 8.77 -43.79 -10.52
N ILE F 295 8.33 -43.86 -9.28
CA ILE F 295 8.61 -44.97 -8.38
C ILE F 295 7.28 -45.58 -7.95
N ASN F 296 7.10 -46.86 -8.25
CA ASN F 296 5.90 -47.59 -7.83
C ASN F 296 6.25 -48.49 -6.68
N PRO F 297 5.72 -48.26 -5.47
CA PRO F 297 6.11 -49.07 -4.30
C PRO F 297 5.64 -50.52 -4.37
N VAL F 298 4.75 -50.87 -5.30
CA VAL F 298 4.26 -52.24 -5.43
C VAL F 298 4.39 -52.70 -6.87
N GLY F 299 5.33 -52.11 -7.62
CA GLY F 299 5.52 -52.47 -9.00
C GLY F 299 6.00 -53.90 -9.18
N GLU F 300 5.79 -54.40 -10.39
CA GLU F 300 6.10 -55.79 -10.72
C GLU F 300 7.61 -55.99 -10.83
N PHE F 301 8.03 -57.25 -10.83
CA PHE F 301 9.45 -57.53 -10.92
C PHE F 301 9.68 -58.88 -11.58
N PHE F 302 8.64 -59.71 -11.63
CA PHE F 302 8.81 -61.11 -12.01
C PHE F 302 9.33 -61.25 -13.43
N TRP F 303 8.88 -60.37 -14.35
CA TRP F 303 9.33 -60.50 -15.73
C TRP F 303 10.82 -60.21 -15.90
N LEU F 304 11.45 -59.58 -14.91
CA LEU F 304 12.90 -59.39 -14.91
C LEU F 304 13.65 -60.55 -14.27
N GLU F 305 12.93 -61.49 -13.66
CA GLU F 305 13.51 -62.66 -13.01
C GLU F 305 13.31 -63.94 -13.80
N LEU F 306 12.14 -64.15 -14.40
CA LEU F 306 11.94 -65.33 -15.24
C LEU F 306 12.44 -65.11 -16.66
N TYR F 307 12.64 -63.86 -17.06
CA TYR F 307 13.15 -63.51 -18.38
C TYR F 307 14.40 -62.66 -18.19
N PRO F 308 15.23 -62.46 -19.23
CA PRO F 308 16.42 -61.61 -19.11
C PRO F 308 16.11 -60.25 -18.50
N PRO F 309 17.03 -59.73 -17.68
CA PRO F 309 18.35 -60.27 -17.37
C PRO F 309 18.41 -61.30 -16.23
N TYR F 310 17.28 -61.92 -15.90
CA TYR F 310 17.25 -62.93 -14.84
C TYR F 310 17.84 -62.41 -13.54
N PHE F 311 17.09 -61.57 -12.84
CA PHE F 311 17.55 -61.01 -11.58
C PHE F 311 17.01 -61.79 -10.39
N PRO F 312 17.96 -62.25 -9.48
CA PRO F 312 17.39 -62.99 -8.35
C PRO F 312 16.75 -62.00 -7.38
N ILE F 313 15.56 -61.53 -7.73
CA ILE F 313 14.85 -60.55 -6.92
C ILE F 313 13.99 -61.22 -5.85
N SER F 314 13.30 -62.31 -6.20
CA SER F 314 12.47 -63.00 -5.23
C SER F 314 13.29 -63.51 -4.04
N GLN F 315 14.56 -63.85 -4.28
CA GLN F 315 15.44 -64.24 -3.17
C GLN F 315 15.72 -63.06 -2.25
N ALA F 316 16.02 -61.89 -2.82
CA ALA F 316 16.31 -60.72 -2.02
C ALA F 316 15.09 -60.28 -1.21
N ILE F 317 13.91 -60.40 -1.81
CA ILE F 317 12.67 -60.08 -1.08
C ILE F 317 12.48 -61.04 0.08
N ALA F 318 12.68 -62.34 -0.17
CA ALA F 318 12.53 -63.32 0.89
C ALA F 318 13.57 -63.11 1.99
N GLU F 319 14.78 -62.70 1.63
CA GLU F 319 15.82 -62.50 2.64
C GLU F 319 15.51 -61.30 3.52
N ILE F 320 15.04 -60.21 2.92
CA ILE F 320 14.76 -59.02 3.72
C ILE F 320 13.51 -59.23 4.57
N LEU F 321 12.60 -60.09 4.11
CA LEU F 321 11.42 -60.40 4.91
C LEU F 321 11.77 -61.25 6.12
N VAL F 322 12.72 -62.18 5.96
CA VAL F 322 13.10 -63.07 7.04
C VAL F 322 14.12 -62.42 7.97
N ASN F 323 15.14 -61.77 7.41
CA ASN F 323 16.20 -61.16 8.21
C ASN F 323 15.80 -59.82 8.81
N SER F 324 14.53 -59.44 8.73
CA SER F 324 14.04 -58.16 9.23
C SER F 324 14.79 -56.97 8.64
N MET G 1 1.08 -14.28 4.02
CA MET G 1 0.87 -15.68 4.37
C MET G 1 -0.60 -16.06 4.27
N THR G 2 -0.90 -16.99 3.36
CA THR G 2 -2.26 -17.38 3.02
C THR G 2 -2.53 -18.80 3.48
N VAL G 3 -3.74 -19.02 4.00
CA VAL G 3 -4.18 -20.33 4.48
C VAL G 3 -5.09 -20.94 3.43
N LEU G 4 -4.72 -22.13 2.95
CA LEU G 4 -5.56 -22.88 2.02
C LEU G 4 -6.53 -23.74 2.82
N ILE G 5 -7.82 -23.57 2.57
CA ILE G 5 -8.87 -24.24 3.33
C ILE G 5 -9.54 -25.24 2.40
N VAL G 6 -9.30 -26.52 2.65
CA VAL G 6 -9.77 -27.61 1.80
C VAL G 6 -11.16 -28.02 2.26
N THR G 7 -12.17 -27.74 1.45
CA THR G 7 -13.57 -27.82 1.84
C THR G 7 -14.40 -28.24 0.63
N PHE G 8 -15.71 -28.24 0.79
CA PHE G 8 -16.66 -28.38 -0.30
C PHE G 8 -17.73 -27.31 -0.17
N SER G 9 -18.53 -27.16 -1.22
CA SER G 9 -19.43 -26.00 -1.32
C SER G 9 -20.53 -26.04 -0.26
N ARG G 10 -20.97 -27.23 0.15
CA ARG G 10 -22.09 -27.39 1.07
C ARG G 10 -21.64 -27.67 2.49
N ASP G 11 -20.47 -27.18 2.89
CA ASP G 11 -20.02 -27.33 4.26
C ASP G 11 -20.77 -26.35 5.16
N ASN G 12 -20.74 -26.62 6.46
CA ASN G 12 -21.51 -25.83 7.43
C ASN G 12 -20.76 -24.55 7.76
N GLU G 13 -21.20 -23.86 8.81
CA GLU G 13 -20.68 -22.54 9.16
C GLU G 13 -19.36 -22.59 9.93
N SER G 14 -18.67 -23.72 9.89
CA SER G 14 -17.37 -23.84 10.53
C SER G 14 -16.29 -23.19 9.66
N ILE G 15 -16.58 -23.02 8.37
CA ILE G 15 -15.66 -22.40 7.41
C ILE G 15 -15.67 -20.88 7.57
N PRO G 16 -16.82 -20.19 7.52
CA PRO G 16 -16.78 -18.74 7.74
C PRO G 16 -16.32 -18.37 9.14
N LEU G 17 -16.55 -19.23 10.13
CA LEU G 17 -16.03 -18.98 11.47
C LEU G 17 -14.51 -18.90 11.46
N VAL G 18 -13.86 -19.89 10.84
CA VAL G 18 -12.40 -19.91 10.80
C VAL G 18 -11.86 -18.80 9.91
N ILE G 19 -12.53 -18.56 8.78
CA ILE G 19 -12.04 -17.55 7.84
C ILE G 19 -12.06 -16.17 8.47
N LYS G 20 -13.16 -15.82 9.14
CA LYS G 20 -13.26 -14.50 9.76
C LYS G 20 -12.27 -14.34 10.91
N ALA G 21 -11.97 -15.43 11.61
CA ALA G 21 -10.97 -15.36 12.67
C ALA G 21 -9.56 -15.24 12.10
N ILE G 22 -9.30 -15.90 10.96
CA ILE G 22 -8.02 -15.74 10.28
C ILE G 22 -7.90 -14.32 9.73
N GLU G 23 -8.94 -13.84 9.07
CA GLU G 23 -8.92 -12.50 8.52
C GLU G 23 -8.78 -11.45 9.61
N ALA G 24 -9.39 -11.70 10.78
CA ALA G 24 -9.31 -10.71 11.86
C ALA G 24 -7.90 -10.63 12.44
N MET G 25 -7.12 -11.71 12.33
CA MET G 25 -5.75 -11.73 12.84
C MET G 25 -4.75 -11.12 11.86
N GLY G 26 -5.21 -10.53 10.76
CA GLY G 26 -4.33 -9.88 9.82
C GLY G 26 -3.80 -10.74 8.69
N LYS G 27 -4.29 -11.97 8.55
CA LYS G 27 -3.88 -12.85 7.47
C LYS G 27 -5.05 -13.09 6.53
N LYS G 28 -4.77 -13.70 5.38
CA LYS G 28 -5.79 -14.00 4.38
C LYS G 28 -5.95 -15.50 4.23
N ALA G 29 -7.10 -15.90 3.68
CA ALA G 29 -7.42 -17.31 3.53
C ALA G 29 -8.21 -17.51 2.24
N PHE G 30 -7.88 -18.58 1.53
CA PHE G 30 -8.54 -18.94 0.28
C PHE G 30 -9.36 -20.21 0.51
N ARG G 31 -10.65 -20.16 0.19
CA ARG G 31 -11.54 -21.31 0.33
C ARG G 31 -11.54 -22.11 -0.97
N PHE G 32 -11.17 -23.38 -0.89
CA PHE G 32 -11.12 -24.29 -2.02
C PHE G 32 -12.22 -25.33 -1.86
N ASP G 33 -13.26 -25.23 -2.67
CA ASP G 33 -14.39 -26.16 -2.64
C ASP G 33 -14.03 -27.35 -3.52
N THR G 34 -13.71 -28.49 -2.88
CA THR G 34 -13.25 -29.65 -3.63
C THR G 34 -14.33 -30.23 -4.53
N ASP G 35 -15.60 -30.08 -4.16
CA ASP G 35 -16.66 -30.65 -4.98
C ASP G 35 -16.90 -29.87 -6.26
N ARG G 36 -16.53 -28.59 -6.29
CA ARG G 36 -16.67 -27.77 -7.48
C ARG G 36 -15.48 -27.91 -8.43
N PHE G 37 -14.59 -28.86 -8.15
CA PHE G 37 -13.51 -29.22 -9.07
C PHE G 37 -13.87 -30.56 -9.69
N PRO G 38 -13.72 -30.71 -11.01
CA PRO G 38 -13.15 -29.77 -11.99
C PRO G 38 -14.18 -28.94 -12.77
N THR G 39 -15.47 -29.08 -12.43
CA THR G 39 -16.51 -28.45 -13.23
C THR G 39 -16.42 -26.93 -13.21
N GLU G 40 -16.00 -26.34 -12.10
CA GLU G 40 -15.99 -24.89 -12.02
C GLU G 40 -14.64 -24.30 -11.64
N VAL G 41 -13.88 -24.98 -10.78
CA VAL G 41 -12.62 -24.43 -10.28
C VAL G 41 -11.48 -24.93 -11.14
N LYS G 42 -10.59 -24.02 -11.56
CA LYS G 42 -9.42 -24.34 -12.35
C LYS G 42 -8.21 -24.53 -11.43
N VAL G 43 -7.54 -25.68 -11.57
CA VAL G 43 -6.36 -26.01 -10.77
C VAL G 43 -5.26 -26.43 -11.72
N ASP G 44 -4.13 -25.73 -11.67
CA ASP G 44 -2.96 -26.05 -12.48
C ASP G 44 -1.83 -26.44 -11.52
N LEU G 45 -1.29 -27.64 -11.70
CA LEU G 45 -0.25 -28.19 -10.84
C LEU G 45 0.99 -28.46 -11.68
N TYR G 46 2.03 -27.66 -11.47
CA TYR G 46 3.26 -27.77 -12.24
C TYR G 46 4.33 -28.46 -11.41
N SER G 47 5.04 -29.39 -12.02
CA SER G 47 6.12 -30.15 -11.39
C SER G 47 7.41 -29.91 -12.16
N GLY G 48 8.44 -29.46 -11.44
CA GLY G 48 9.70 -29.08 -12.05
C GLY G 48 10.02 -27.61 -11.81
N GLY G 49 10.70 -27.02 -12.79
CA GLY G 49 11.00 -25.60 -12.75
C GLY G 49 10.08 -24.84 -13.68
N GLN G 50 8.81 -25.20 -13.66
CA GLN G 50 7.83 -24.63 -14.58
C GLN G 50 7.18 -23.41 -13.93
N LYS G 51 5.98 -23.04 -14.39
CA LYS G 51 5.25 -21.93 -13.79
C LYS G 51 4.74 -22.32 -12.40
N GLY G 52 4.16 -21.35 -11.70
CA GLY G 52 3.67 -21.59 -10.35
C GLY G 52 2.28 -22.21 -10.37
N GLY G 53 2.11 -23.25 -9.55
CA GLY G 53 0.80 -23.86 -9.38
C GLY G 53 -0.21 -22.84 -8.94
N ILE G 54 -1.43 -22.93 -9.46
CA ILE G 54 -2.40 -21.84 -9.30
C ILE G 54 -3.80 -22.42 -9.28
N ILE G 55 -4.61 -21.93 -8.34
CA ILE G 55 -6.04 -22.26 -8.25
C ILE G 55 -6.81 -21.02 -8.64
N THR G 56 -7.80 -21.18 -9.53
CA THR G 56 -8.62 -20.09 -10.00
C THR G 56 -10.09 -20.44 -9.80
N ASP G 57 -10.83 -19.56 -9.12
CA ASP G 57 -12.25 -19.73 -8.86
C ASP G 57 -12.94 -18.41 -9.19
N GLY G 58 -13.28 -18.24 -10.47
CA GLY G 58 -13.93 -17.00 -10.89
C GLY G 58 -12.98 -15.83 -10.71
N ASP G 59 -13.40 -14.85 -9.91
CA ASP G 59 -12.53 -13.70 -9.64
C ASP G 59 -11.35 -14.09 -8.74
N GLN G 60 -11.55 -15.04 -7.85
CA GLN G 60 -10.52 -15.40 -6.88
C GLN G 60 -9.42 -16.21 -7.55
N LYS G 61 -8.20 -16.04 -7.06
CA LYS G 61 -7.04 -16.68 -7.66
C LYS G 61 -5.97 -16.88 -6.59
N LEU G 62 -5.54 -18.12 -6.41
CA LEU G 62 -4.58 -18.47 -5.37
C LEU G 62 -3.34 -19.05 -6.02
N GLU G 63 -2.18 -18.46 -5.75
CA GLU G 63 -0.91 -19.04 -6.13
C GLU G 63 -0.42 -19.92 -5.00
N LEU G 64 -0.17 -21.20 -5.30
CA LEU G 64 0.29 -22.14 -4.28
C LEU G 64 1.65 -21.77 -3.70
N LYS G 65 2.37 -20.86 -4.35
CA LYS G 65 3.63 -20.38 -3.79
C LYS G 65 3.42 -19.57 -2.53
N GLU G 66 2.23 -18.97 -2.38
CA GLU G 66 1.91 -18.10 -1.26
C GLU G 66 1.12 -18.81 -0.17
N VAL G 67 1.03 -20.13 -0.22
CA VAL G 67 0.27 -20.90 0.76
C VAL G 67 1.18 -21.15 1.96
N SER G 68 0.76 -20.64 3.13
CA SER G 68 1.52 -20.81 4.36
C SER G 68 0.95 -21.89 5.27
N ALA G 69 -0.34 -22.20 5.14
CA ALA G 69 -0.97 -23.21 5.97
C ALA G 69 -2.09 -23.86 5.18
N VAL G 70 -2.38 -25.12 5.51
CA VAL G 70 -3.43 -25.91 4.87
C VAL G 70 -4.34 -26.46 5.95
N TRP G 71 -5.63 -26.18 5.85
CA TRP G 71 -6.63 -26.76 6.74
C TRP G 71 -7.31 -27.91 5.99
N TYR G 72 -6.81 -29.12 6.21
CA TYR G 72 -7.31 -30.33 5.57
C TYR G 72 -8.64 -30.68 6.23
N ARG G 73 -9.72 -30.04 5.76
CA ARG G 73 -11.00 -30.05 6.46
C ARG G 73 -11.99 -31.05 5.87
N ARG G 74 -12.46 -30.83 4.65
CA ARG G 74 -13.45 -31.69 4.01
C ARG G 74 -13.02 -31.98 2.59
N MET G 75 -13.12 -33.24 2.19
CA MET G 75 -12.62 -33.70 0.90
C MET G 75 -13.76 -34.38 0.15
N ARG G 76 -14.43 -33.64 -0.72
CA ARG G 76 -15.53 -34.18 -1.53
C ARG G 76 -15.22 -34.03 -3.02
N TYR G 77 -14.09 -34.58 -3.46
CA TYR G 77 -13.57 -34.28 -4.79
C TYR G 77 -14.57 -34.66 -5.88
N GLY G 78 -14.95 -33.68 -6.69
CA GLY G 78 -15.72 -33.94 -7.90
C GLY G 78 -17.15 -34.36 -7.70
N LEU G 79 -17.77 -34.02 -6.56
CA LEU G 79 -19.15 -34.44 -6.35
C LEU G 79 -20.12 -33.69 -7.25
N LYS G 80 -19.80 -32.45 -7.63
CA LYS G 80 -20.66 -31.67 -8.50
C LYS G 80 -20.54 -32.06 -9.97
N LEU G 81 -19.94 -33.21 -10.28
CA LEU G 81 -19.99 -33.71 -11.65
C LEU G 81 -21.43 -34.01 -12.01
N PRO G 82 -21.84 -33.77 -13.27
CA PRO G 82 -23.24 -34.04 -13.64
C PRO G 82 -23.57 -35.51 -13.52
N ASP G 83 -24.75 -35.80 -12.97
CA ASP G 83 -25.22 -37.17 -12.86
C ASP G 83 -25.70 -37.74 -14.18
N GLY G 84 -26.03 -36.88 -15.14
CA GLY G 84 -26.28 -37.28 -16.51
C GLY G 84 -25.07 -37.78 -17.26
N MET G 85 -23.92 -37.85 -16.60
CA MET G 85 -22.70 -38.38 -17.19
C MET G 85 -22.68 -39.91 -17.08
N ASP G 86 -21.95 -40.56 -17.99
CA ASP G 86 -21.82 -42.01 -17.95
C ASP G 86 -21.20 -42.45 -16.63
N SER G 87 -21.77 -43.48 -16.01
CA SER G 87 -21.31 -43.90 -14.68
C SER G 87 -19.87 -44.40 -14.72
N GLN G 88 -19.49 -45.07 -15.81
CA GLN G 88 -18.12 -45.56 -15.93
C GLN G 88 -17.13 -44.40 -15.98
N PHE G 89 -17.43 -43.39 -16.80
CA PHE G 89 -16.55 -42.22 -16.86
C PHE G 89 -16.61 -41.42 -15.57
N ARG G 90 -17.78 -41.34 -14.95
CA ARG G 90 -17.93 -40.53 -13.73
C ARG G 90 -17.13 -41.11 -12.57
N GLU G 91 -17.16 -42.43 -12.40
CA GLU G 91 -16.40 -43.06 -11.34
C GLU G 91 -14.90 -42.95 -11.60
N ALA G 92 -14.48 -43.07 -12.86
CA ALA G 92 -13.08 -42.90 -13.20
C ALA G 92 -12.63 -41.47 -13.02
N SER G 93 -13.51 -40.51 -13.29
CA SER G 93 -13.16 -39.11 -13.11
C SER G 93 -13.02 -38.76 -11.63
N LEU G 94 -13.82 -39.39 -10.77
CA LEU G 94 -13.71 -39.15 -9.34
C LEU G 94 -12.37 -39.64 -8.80
N LYS G 95 -11.89 -40.80 -9.26
CA LYS G 95 -10.60 -41.28 -8.82
C LYS G 95 -9.47 -40.36 -9.27
N GLU G 96 -9.57 -39.83 -10.49
CA GLU G 96 -8.50 -38.99 -11.01
C GLU G 96 -8.47 -37.65 -10.31
N CYS G 97 -9.64 -37.08 -10.02
CA CYS G 97 -9.70 -35.83 -9.28
C CYS G 97 -9.15 -36.01 -7.87
N ARG G 98 -9.48 -37.13 -7.22
CA ARG G 98 -9.02 -37.37 -5.86
C ARG G 98 -7.50 -37.47 -5.81
N LEU G 99 -6.91 -38.27 -6.70
CA LEU G 99 -5.46 -38.44 -6.70
C LEU G 99 -4.75 -37.14 -7.05
N SER G 100 -5.35 -36.33 -7.93
CA SER G 100 -4.76 -35.05 -8.31
C SER G 100 -4.68 -34.11 -7.10
N ILE G 101 -5.80 -33.90 -6.43
CA ILE G 101 -5.82 -32.92 -5.33
C ILE G 101 -5.13 -33.48 -4.09
N ARG G 102 -5.11 -34.81 -3.93
CA ARG G 102 -4.31 -35.40 -2.86
C ARG G 102 -2.83 -35.17 -3.10
N GLY G 103 -2.40 -35.22 -4.36
CA GLY G 103 -1.00 -34.98 -4.66
C GLY G 103 -0.62 -33.52 -4.49
N MET G 104 -1.54 -32.61 -4.80
CA MET G 104 -1.30 -31.19 -4.58
C MET G 104 -1.09 -30.89 -3.10
N ILE G 105 -2.02 -31.34 -2.26
CA ILE G 105 -1.92 -31.11 -0.82
C ILE G 105 -0.62 -31.69 -0.27
N ALA G 106 -0.35 -32.94 -0.60
CA ALA G 106 0.83 -33.60 -0.04
C ALA G 106 2.14 -32.99 -0.54
N SER G 107 2.09 -32.19 -1.60
CA SER G 107 3.28 -31.52 -2.10
C SER G 107 3.49 -30.15 -1.47
N LEU G 108 2.42 -29.50 -1.01
CA LEU G 108 2.56 -28.18 -0.42
C LEU G 108 3.43 -28.22 0.83
N SER G 109 4.28 -27.21 0.99
CA SER G 109 5.05 -27.05 2.21
C SER G 109 4.23 -26.23 3.21
N GLY G 110 4.85 -25.82 4.30
CA GLY G 110 4.15 -25.10 5.33
C GLY G 110 3.49 -26.02 6.34
N PHE G 111 2.60 -25.43 7.12
CA PHE G 111 1.92 -26.14 8.21
C PHE G 111 0.64 -26.77 7.70
N HIS G 112 0.44 -28.04 8.02
CA HIS G 112 -0.75 -28.78 7.64
C HIS G 112 -1.56 -29.14 8.89
N LEU G 113 -2.87 -28.95 8.82
CA LEU G 113 -3.77 -29.34 9.90
C LEU G 113 -4.92 -30.19 9.37
N ASP G 114 -4.70 -31.50 9.25
CA ASP G 114 -3.41 -32.12 9.50
C ASP G 114 -2.84 -32.65 8.18
N PRO G 115 -1.58 -33.08 8.17
CA PRO G 115 -1.05 -33.72 6.96
C PRO G 115 -1.87 -34.94 6.58
N ILE G 116 -1.93 -35.20 5.27
CA ILE G 116 -2.71 -36.33 4.77
C ILE G 116 -2.17 -37.64 5.33
N ALA G 117 -0.84 -37.79 5.34
CA ALA G 117 -0.25 -39.04 5.80
C ALA G 117 -0.61 -39.35 7.24
N LYS G 118 -0.78 -38.31 8.07
CA LYS G 118 -1.18 -38.52 9.46
C LYS G 118 -2.65 -38.87 9.55
N VAL G 119 -3.51 -38.17 8.80
CA VAL G 119 -4.93 -38.44 8.81
C VAL G 119 -5.21 -39.86 8.31
N ASP G 120 -4.52 -40.26 7.24
CA ASP G 120 -4.73 -41.61 6.70
C ASP G 120 -4.31 -42.67 7.71
N HIS G 121 -3.21 -42.43 8.43
CA HIS G 121 -2.74 -43.40 9.41
C HIS G 121 -3.65 -43.47 10.63
N ALA G 122 -4.25 -42.35 11.01
CA ALA G 122 -5.13 -42.34 12.17
C ALA G 122 -6.52 -42.85 11.85
N ASN G 123 -6.86 -42.98 10.57
CA ASN G 123 -8.21 -43.42 10.19
C ASN G 123 -8.45 -44.90 10.44
N HIS G 124 -7.40 -45.68 10.73
CA HIS G 124 -7.56 -47.09 11.05
C HIS G 124 -8.08 -47.19 12.47
N LYS G 125 -9.38 -47.49 12.61
CA LYS G 125 -10.00 -47.52 13.93
C LYS G 125 -9.49 -48.69 14.76
N GLN G 126 -9.02 -49.76 14.12
CA GLN G 126 -8.44 -50.86 14.88
C GLN G 126 -7.07 -50.47 15.45
N LEU G 127 -6.36 -49.58 14.77
CA LEU G 127 -5.10 -49.07 15.30
C LEU G 127 -5.33 -48.01 16.37
N GLN G 128 -6.41 -47.23 16.27
CA GLN G 128 -6.72 -46.27 17.32
C GLN G 128 -6.87 -46.96 18.67
N LEU G 129 -7.75 -47.97 18.73
CA LEU G 129 -7.99 -48.66 19.99
C LEU G 129 -6.74 -49.36 20.50
N GLN G 130 -5.95 -49.93 19.60
CA GLN G 130 -4.74 -50.64 20.00
C GLN G 130 -3.73 -49.69 20.64
N VAL G 131 -3.47 -48.56 20.00
CA VAL G 131 -2.52 -47.60 20.55
C VAL G 131 -3.07 -47.00 21.84
N ALA G 132 -4.37 -46.68 21.86
CA ALA G 132 -4.97 -46.10 23.06
C ALA G 132 -4.83 -47.05 24.24
N ARG G 133 -5.02 -48.36 24.00
CA ARG G 133 -4.81 -49.32 25.07
C ARG G 133 -3.34 -49.41 25.45
N GLN G 134 -2.44 -49.28 24.47
CA GLN G 134 -1.01 -49.26 24.79
C GLN G 134 -0.61 -48.03 25.59
N LEU G 135 -1.43 -46.99 25.59
CA LEU G 135 -1.18 -45.79 26.36
C LEU G 135 -1.90 -45.77 27.70
N GLY G 136 -2.73 -46.78 27.98
CA GLY G 136 -3.40 -46.91 29.26
C GLY G 136 -4.88 -46.66 29.24
N LEU G 137 -5.47 -46.26 28.11
CA LEU G 137 -6.89 -46.03 28.06
C LEU G 137 -7.65 -47.35 28.04
N LEU G 138 -8.78 -47.38 28.73
CA LEU G 138 -9.68 -48.53 28.65
C LEU G 138 -10.47 -48.45 27.35
N ILE G 139 -10.50 -49.56 26.62
CA ILE G 139 -11.25 -49.61 25.37
C ILE G 139 -12.28 -50.74 25.42
N PRO G 140 -13.42 -50.60 24.75
CA PRO G 140 -14.38 -51.71 24.73
C PRO G 140 -13.88 -52.87 23.91
N GLY G 141 -14.29 -54.08 24.31
CA GLY G 141 -13.97 -55.27 23.55
C GLY G 141 -14.55 -55.22 22.16
N THR G 142 -13.68 -55.27 21.16
CA THR G 142 -14.06 -55.09 19.76
C THR G 142 -13.69 -56.32 18.95
N LEU G 143 -14.62 -56.77 18.10
CA LEU G 143 -14.40 -57.87 17.18
C LEU G 143 -14.86 -57.45 15.79
N THR G 144 -13.93 -57.37 14.84
CA THR G 144 -14.25 -57.18 13.43
C THR G 144 -14.14 -58.53 12.75
N SER G 145 -15.26 -59.03 12.21
CA SER G 145 -15.28 -60.41 11.77
C SER G 145 -16.30 -60.62 10.65
N ASN G 146 -15.97 -61.55 9.75
CA ASN G 146 -16.92 -62.11 8.79
C ASN G 146 -17.26 -63.56 9.13
N ASN G 147 -17.01 -63.97 10.36
CA ASN G 147 -17.11 -65.36 10.79
C ASN G 147 -18.22 -65.50 11.81
N PRO G 148 -19.37 -66.10 11.47
CA PRO G 148 -20.48 -66.15 12.42
C PRO G 148 -20.13 -66.80 13.75
N GLU G 149 -19.37 -67.89 13.74
CA GLU G 149 -19.10 -68.59 14.99
C GLU G 149 -18.34 -67.72 15.97
N ALA G 150 -17.39 -66.92 15.47
CA ALA G 150 -16.68 -66.00 16.35
C ALA G 150 -17.58 -64.89 16.85
N VAL G 151 -18.65 -64.58 16.11
CA VAL G 151 -19.55 -63.49 16.47
C VAL G 151 -20.50 -63.92 17.58
N LYS G 152 -21.18 -65.06 17.40
CA LYS G 152 -22.07 -65.52 18.46
C LYS G 152 -21.29 -65.97 19.70
N GLN G 153 -20.03 -66.36 19.52
CA GLN G 153 -19.16 -66.57 20.68
C GLN G 153 -18.83 -65.24 21.36
N PHE G 154 -18.65 -64.18 20.56
CA PHE G 154 -18.43 -62.85 21.12
C PHE G 154 -19.67 -62.33 21.82
N ALA G 155 -20.85 -62.54 21.22
CA ALA G 155 -22.07 -62.04 21.85
C ALA G 155 -22.39 -62.79 23.13
N GLN G 156 -21.96 -64.06 23.23
CA GLN G 156 -22.18 -64.82 24.45
C GLN G 156 -21.27 -64.33 25.58
N GLU G 157 -20.07 -63.87 25.25
CA GLU G 157 -19.19 -63.32 26.28
C GLU G 157 -19.81 -62.11 26.96
N PHE G 158 -20.40 -61.21 26.18
CA PHE G 158 -21.00 -59.99 26.70
C PHE G 158 -22.52 -60.06 26.68
N GLU G 159 -23.07 -61.20 27.10
CA GLU G 159 -24.51 -61.36 27.12
C GLU G 159 -25.17 -60.49 28.18
N ALA G 160 -24.47 -60.21 29.28
CA ALA G 160 -25.08 -59.45 30.36
C ALA G 160 -25.44 -58.04 29.92
N THR G 161 -24.49 -57.35 29.28
CA THR G 161 -24.69 -55.98 28.84
C THR G 161 -25.00 -55.86 27.35
N GLY G 162 -24.92 -56.95 26.60
CA GLY G 162 -25.19 -56.93 25.18
C GLY G 162 -24.01 -56.42 24.38
N ILE G 163 -24.17 -56.45 23.05
CA ILE G 163 -23.18 -55.92 22.13
C ILE G 163 -23.89 -55.04 21.12
N VAL G 164 -23.11 -54.16 20.50
CA VAL G 164 -23.58 -53.35 19.39
C VAL G 164 -22.77 -53.71 18.16
N THR G 165 -23.29 -53.31 17.00
CA THR G 165 -22.60 -53.50 15.74
C THR G 165 -22.56 -52.18 14.98
N LYS G 166 -21.49 -52.00 14.20
CA LYS G 166 -21.32 -50.78 13.43
C LYS G 166 -20.43 -51.08 12.24
N MET G 167 -20.43 -50.16 11.28
CA MET G 167 -19.60 -50.25 10.08
C MET G 167 -18.40 -49.33 10.25
N LEU G 168 -17.24 -49.78 9.75
CA LEU G 168 -16.06 -48.92 9.77
C LEU G 168 -16.15 -47.83 8.72
N SER G 169 -16.89 -48.07 7.64
CA SER G 169 -16.99 -47.15 6.52
C SER G 169 -18.22 -46.26 6.67
N GLN G 170 -18.22 -45.18 5.88
CA GLN G 170 -19.30 -44.20 5.87
C GLN G 170 -19.92 -44.21 4.48
N PHE G 171 -21.23 -44.46 4.42
CA PHE G 171 -21.92 -44.60 3.13
C PHE G 171 -23.41 -44.38 3.36
N ALA G 172 -24.20 -44.65 2.33
CA ALA G 172 -25.65 -44.60 2.41
C ALA G 172 -26.23 -45.38 1.23
N ILE G 173 -27.32 -46.10 1.48
CA ILE G 173 -28.03 -46.84 0.45
C ILE G 173 -29.31 -46.09 0.15
N TYR G 174 -29.53 -45.79 -1.14
CA TYR G 174 -30.71 -45.03 -1.55
C TYR G 174 -31.80 -45.95 -2.08
N GLU G 180 -31.95 -41.11 2.36
CA GLU G 180 -30.76 -41.95 2.57
C GLU G 180 -30.99 -42.96 3.69
N MET G 181 -30.46 -44.17 3.52
CA MET G 181 -30.51 -45.20 4.55
C MET G 181 -29.09 -45.46 5.05
N VAL G 182 -28.92 -45.44 6.36
CA VAL G 182 -27.60 -45.44 7.00
C VAL G 182 -27.60 -46.44 8.14
N VAL G 183 -26.46 -47.12 8.32
CA VAL G 183 -26.28 -48.07 9.41
C VAL G 183 -25.71 -47.32 10.60
N PHE G 184 -26.59 -46.96 11.53
CA PHE G 184 -26.14 -46.43 12.81
C PHE G 184 -25.67 -47.56 13.71
N THR G 185 -25.01 -47.20 14.81
CA THR G 185 -24.61 -48.19 15.80
C THR G 185 -25.87 -48.76 16.44
N SER G 186 -26.07 -50.07 16.29
CA SER G 186 -27.32 -50.70 16.63
C SER G 186 -27.10 -51.90 17.56
N PRO G 187 -28.06 -52.18 18.44
CA PRO G 187 -27.95 -53.38 19.28
C PRO G 187 -28.16 -54.64 18.45
N VAL G 188 -27.44 -55.69 18.84
CA VAL G 188 -27.52 -56.99 18.17
C VAL G 188 -28.47 -57.87 18.98
N THR G 189 -29.59 -58.23 18.37
CA THR G 189 -30.60 -59.03 19.04
C THR G 189 -30.32 -60.52 18.86
N LYS G 190 -31.07 -61.34 19.61
CA LYS G 190 -30.94 -62.78 19.48
C LYS G 190 -31.42 -63.25 18.11
N GLU G 191 -32.41 -62.56 17.53
CA GLU G 191 -32.85 -62.89 16.17
C GLU G 191 -31.77 -62.55 15.15
N ASP G 192 -31.05 -61.45 15.36
CA ASP G 192 -29.91 -61.13 14.50
C ASP G 192 -28.83 -62.21 14.57
N LEU G 193 -28.67 -62.84 15.74
CA LEU G 193 -27.62 -63.85 15.87
C LEU G 193 -27.97 -65.15 15.15
N ASP G 194 -29.25 -65.34 14.79
CA ASP G 194 -29.68 -66.49 14.02
C ASP G 194 -29.63 -66.24 12.52
N ASN G 195 -29.32 -65.02 12.09
CA ASN G 195 -29.23 -64.70 10.67
C ASN G 195 -27.87 -64.10 10.34
N LEU G 196 -26.81 -64.78 10.78
CA LEU G 196 -25.45 -64.29 10.57
C LEU G 196 -24.87 -64.68 9.22
N GLU G 197 -25.63 -65.40 8.38
CA GLU G 197 -25.07 -65.93 7.14
C GLU G 197 -24.65 -64.84 6.17
N GLY G 198 -25.17 -63.62 6.32
CA GLY G 198 -24.78 -62.53 5.45
C GLY G 198 -23.37 -62.01 5.68
N LEU G 199 -22.70 -62.46 6.75
CA LEU G 199 -21.34 -62.00 7.02
C LEU G 199 -20.34 -62.43 5.96
N GLN G 200 -20.63 -63.50 5.23
CA GLN G 200 -19.74 -63.95 4.16
C GLN G 200 -19.69 -62.97 3.00
N PHE G 201 -20.60 -62.01 2.92
CA PHE G 201 -20.59 -61.00 1.88
C PHE G 201 -20.13 -59.64 2.35
N CYS G 202 -20.07 -59.40 3.66
CA CYS G 202 -19.60 -58.15 4.23
C CYS G 202 -19.36 -58.32 5.72
N PRO G 203 -18.13 -58.08 6.20
CA PRO G 203 -17.88 -58.18 7.65
C PRO G 203 -18.56 -57.08 8.42
N MET G 204 -18.48 -57.15 9.76
CA MET G 204 -19.00 -56.11 10.62
C MET G 204 -18.06 -55.92 11.79
N THR G 205 -18.22 -54.79 12.48
CA THR G 205 -17.46 -54.49 13.68
C THR G 205 -18.40 -54.53 14.88
N PHE G 206 -18.10 -55.39 15.85
CA PHE G 206 -18.92 -55.58 17.02
C PHE G 206 -18.16 -55.12 18.27
N GLN G 207 -18.90 -54.57 19.22
CA GLN G 207 -18.31 -54.02 20.43
C GLN G 207 -19.14 -54.36 21.66
N GLU G 208 -18.44 -54.61 22.77
CA GLU G 208 -19.07 -54.72 24.07
C GLU G 208 -19.87 -53.46 24.38
N ASN G 209 -21.14 -53.65 24.73
CA ASN G 209 -22.02 -52.54 25.06
C ASN G 209 -21.80 -52.18 26.53
N ILE G 210 -21.07 -51.11 26.78
CA ILE G 210 -20.70 -50.71 28.14
C ILE G 210 -21.77 -49.73 28.64
N PRO G 211 -22.45 -50.03 29.73
CA PRO G 211 -23.40 -49.07 30.30
C PRO G 211 -22.66 -47.82 30.79
N LYS G 212 -23.17 -46.66 30.41
CA LYS G 212 -22.46 -45.40 30.62
C LYS G 212 -23.34 -44.41 31.36
N ALA G 213 -22.68 -43.54 32.14
CA ALA G 213 -23.37 -42.42 32.76
C ALA G 213 -23.28 -41.17 31.89
N LEU G 214 -22.10 -40.88 31.37
CA LEU G 214 -21.86 -39.68 30.57
C LEU G 214 -21.24 -40.06 29.23
N GLU G 215 -21.50 -39.22 28.23
CA GLU G 215 -20.82 -39.26 26.95
C GLU G 215 -19.92 -38.03 26.85
N LEU G 216 -18.67 -38.25 26.48
CA LEU G 216 -17.69 -37.18 26.39
C LEU G 216 -17.36 -36.87 24.94
N ARG G 217 -17.36 -35.59 24.60
CA ARG G 217 -16.89 -35.10 23.31
C ARG G 217 -15.69 -34.20 23.56
N ILE G 218 -14.53 -34.64 23.09
CA ILE G 218 -13.26 -34.00 23.42
C ILE G 218 -12.62 -33.52 22.11
N THR G 219 -12.45 -32.21 21.99
CA THR G 219 -11.86 -31.59 20.81
C THR G 219 -10.51 -31.00 21.20
N ILE G 220 -9.45 -31.46 20.55
CA ILE G 220 -8.09 -31.05 20.87
C ILE G 220 -7.54 -30.25 19.70
N VAL G 221 -7.02 -29.06 20.00
CA VAL G 221 -6.37 -28.20 19.02
C VAL G 221 -4.96 -27.94 19.51
N GLY G 222 -3.97 -28.58 18.88
CA GLY G 222 -2.61 -28.51 19.37
C GLY G 222 -2.46 -29.27 20.67
N GLU G 223 -2.36 -28.54 21.78
CA GLU G 223 -2.37 -29.14 23.11
C GLU G 223 -3.50 -28.60 23.97
N GLN G 224 -4.44 -27.86 23.38
CA GLN G 224 -5.61 -27.36 24.08
C GLN G 224 -6.74 -28.38 24.00
N ILE G 225 -7.34 -28.68 25.15
CA ILE G 225 -8.32 -29.76 25.27
C ILE G 225 -9.66 -29.18 25.66
N PHE G 226 -10.64 -29.26 24.75
CA PHE G 226 -12.00 -28.83 25.01
C PHE G 226 -12.86 -30.06 25.27
N THR G 227 -13.29 -30.23 26.51
CA THR G 227 -14.05 -31.39 26.94
C THR G 227 -15.49 -30.98 27.23
N ALA G 228 -16.44 -31.73 26.66
CA ALA G 228 -17.86 -31.51 26.86
C ALA G 228 -18.53 -32.83 27.20
N ALA G 229 -19.42 -32.80 28.18
CA ALA G 229 -20.09 -33.99 28.68
C ALA G 229 -21.60 -33.81 28.61
N ILE G 230 -22.31 -34.92 28.44
CA ILE G 230 -23.77 -34.95 28.42
C ILE G 230 -24.23 -36.20 29.15
N ASN G 231 -25.31 -36.06 29.93
CA ASN G 231 -25.90 -37.19 30.64
C ASN G 231 -26.88 -37.89 29.71
N SER G 232 -26.52 -39.09 29.27
CA SER G 232 -27.35 -39.84 28.34
C SER G 232 -28.26 -40.85 29.04
N GLN G 233 -28.12 -41.01 30.36
CA GLN G 233 -28.82 -42.05 31.10
C GLN G 233 -30.32 -41.97 30.91
N GLN G 234 -30.89 -43.03 30.34
CA GLN G 234 -32.35 -43.15 30.31
C GLN G 234 -32.91 -43.25 31.72
N LEU G 235 -32.24 -44.01 32.58
CA LEU G 235 -32.61 -44.15 33.99
C LEU G 235 -31.42 -43.68 34.82
N ASP G 236 -31.49 -42.45 35.31
CA ASP G 236 -30.41 -41.87 36.10
C ASP G 236 -30.61 -42.27 37.56
N GLY G 237 -29.57 -42.89 38.15
CA GLY G 237 -29.69 -43.34 39.52
C GLY G 237 -29.78 -42.19 40.52
N ALA G 238 -28.86 -41.23 40.40
CA ALA G 238 -28.75 -40.13 41.35
C ALA G 238 -30.02 -39.29 41.45
N ILE G 239 -30.84 -39.26 40.39
CA ILE G 239 -32.07 -38.46 40.40
C ILE G 239 -33.31 -39.31 40.63
N TYR G 240 -33.19 -40.63 40.62
CA TYR G 240 -34.36 -41.50 40.68
C TYR G 240 -35.22 -41.20 41.90
N ASP G 241 -36.54 -41.25 41.70
CA ASP G 241 -37.50 -40.96 42.75
C ASP G 241 -38.81 -41.67 42.44
N TRP G 242 -39.28 -42.48 43.39
CA TRP G 242 -40.54 -43.20 43.19
C TRP G 242 -41.73 -42.26 43.06
N ARG G 243 -41.64 -41.07 43.64
CA ARG G 243 -42.68 -40.06 43.50
C ARG G 243 -42.62 -39.42 42.11
N HIS G 250 -34.81 -31.51 30.77
CA HIS G 250 -34.03 -32.03 29.65
C HIS G 250 -32.54 -32.03 29.98
N GLN G 251 -31.70 -32.10 28.95
CA GLN G 251 -30.25 -32.13 29.14
C GLN G 251 -29.59 -31.46 27.93
N GLN G 252 -28.31 -31.13 28.11
CA GLN G 252 -27.51 -30.55 27.04
C GLN G 252 -26.04 -30.69 27.43
N TRP G 253 -25.16 -30.34 26.49
CA TRP G 253 -23.73 -30.51 26.72
C TRP G 253 -23.22 -29.45 27.69
N GLN G 254 -22.34 -29.87 28.60
CA GLN G 254 -21.76 -28.95 29.58
C GLN G 254 -20.26 -29.16 29.74
N PRO G 255 -19.54 -28.03 30.11
CA PRO G 255 -18.10 -28.27 30.25
C PRO G 255 -17.80 -29.43 31.21
N TYR G 256 -16.62 -30.02 31.09
CA TYR G 256 -16.22 -31.13 31.94
C TYR G 256 -14.71 -31.12 32.06
N ASP G 257 -14.21 -31.46 33.25
CA ASP G 257 -12.79 -31.46 33.54
C ASP G 257 -12.29 -32.91 33.57
N LEU G 258 -11.61 -33.32 32.51
CA LEU G 258 -11.01 -34.65 32.47
C LEU G 258 -9.96 -34.77 33.58
N PRO G 259 -9.80 -35.95 34.17
CA PRO G 259 -8.64 -36.17 35.03
C PRO G 259 -7.35 -35.91 34.26
N LYS G 260 -6.38 -35.31 34.94
CA LYS G 260 -5.13 -34.95 34.28
C LYS G 260 -4.46 -36.15 33.64
N THR G 261 -4.63 -37.35 34.21
CA THR G 261 -4.06 -38.55 33.61
C THR G 261 -4.68 -38.85 32.26
N ILE G 262 -6.00 -38.69 32.14
CA ILE G 262 -6.67 -38.91 30.87
C ILE G 262 -6.22 -37.88 29.84
N GLU G 263 -6.06 -36.63 30.26
CA GLU G 263 -5.64 -35.57 29.33
C GLU G 263 -4.25 -35.85 28.77
N LYS G 264 -3.32 -36.28 29.63
CA LYS G 264 -1.98 -36.58 29.15
C LYS G 264 -1.99 -37.78 28.20
N GLN G 265 -2.78 -38.80 28.53
CA GLN G 265 -2.86 -39.98 27.65
C GLN G 265 -3.43 -39.60 26.29
N LEU G 266 -4.46 -38.74 26.26
CA LEU G 266 -5.02 -38.30 24.99
C LEU G 266 -4.01 -37.48 24.20
N LEU G 267 -3.17 -36.70 24.88
CA LEU G 267 -2.13 -35.96 24.16
C LEU G 267 -1.09 -36.90 23.60
N GLU G 268 -0.74 -37.96 24.34
CA GLU G 268 0.18 -38.96 23.80
C GLU G 268 -0.43 -39.70 22.62
N LEU G 269 -1.76 -39.84 22.61
CA LEU G 269 -2.43 -40.45 21.47
C LEU G 269 -2.34 -39.56 20.24
N MET G 270 -2.53 -38.25 20.42
CA MET G 270 -2.36 -37.32 19.30
C MET G 270 -0.93 -37.32 18.79
N LYS G 271 0.04 -37.26 19.71
CA LYS G 271 1.44 -37.19 19.30
C LYS G 271 1.87 -38.43 18.55
N TYR G 272 1.33 -39.60 18.91
CA TYR G 272 1.65 -40.82 18.18
C TYR G 272 1.22 -40.70 16.72
N PHE G 273 -0.01 -40.25 16.48
CA PHE G 273 -0.52 -40.11 15.12
C PHE G 273 -0.07 -38.82 14.44
N GLY G 274 0.59 -37.92 15.18
CA GLY G 274 1.04 -36.68 14.59
C GLY G 274 -0.07 -35.70 14.27
N LEU G 275 -1.11 -35.66 15.09
CA LEU G 275 -2.27 -34.83 14.85
C LEU G 275 -2.23 -33.59 15.73
N ASN G 276 -2.56 -32.44 15.15
CA ASN G 276 -2.80 -31.23 15.92
C ASN G 276 -4.29 -30.88 16.02
N TYR G 277 -5.17 -31.66 15.39
CA TYR G 277 -6.60 -31.55 15.62
C TYR G 277 -7.17 -32.95 15.78
N GLY G 278 -8.19 -33.05 16.61
CA GLY G 278 -8.86 -34.34 16.79
C GLY G 278 -10.17 -34.26 17.54
N ALA G 279 -11.17 -34.98 17.06
CA ALA G 279 -12.44 -35.12 17.77
C ALA G 279 -12.48 -36.51 18.38
N ILE G 280 -12.44 -36.56 19.71
CA ILE G 280 -12.33 -37.80 20.45
C ILE G 280 -13.65 -38.07 21.17
N ASP G 281 -14.08 -39.32 21.12
CA ASP G 281 -15.29 -39.77 21.81
C ASP G 281 -14.89 -40.64 22.98
N MET G 282 -15.44 -40.35 24.16
CA MET G 282 -15.26 -41.19 25.33
C MET G 282 -16.59 -41.34 26.05
N ILE G 283 -16.65 -42.31 26.96
CA ILE G 283 -17.78 -42.49 27.85
C ILE G 283 -17.27 -42.70 29.26
N VAL G 284 -18.11 -42.34 30.24
CA VAL G 284 -17.81 -42.53 31.66
C VAL G 284 -18.88 -43.43 32.27
N THR G 285 -18.44 -44.48 32.94
CA THR G 285 -19.37 -45.37 33.62
C THR G 285 -19.84 -44.73 34.92
N PRO G 286 -20.94 -45.24 35.49
CA PRO G 286 -21.37 -44.75 36.82
C PRO G 286 -20.29 -44.81 37.87
N ASP G 287 -19.40 -45.81 37.84
CA ASP G 287 -18.27 -45.89 38.75
C ASP G 287 -17.05 -45.11 38.27
N GLU G 288 -17.25 -44.18 37.34
CA GLU G 288 -16.20 -43.25 36.88
C GLU G 288 -15.03 -43.95 36.22
N ARG G 289 -15.31 -44.91 35.35
CA ARG G 289 -14.29 -45.52 34.51
C ARG G 289 -14.36 -44.89 33.12
N TYR G 290 -13.24 -44.35 32.65
CA TYR G 290 -13.20 -43.66 31.37
C TYR G 290 -12.82 -44.64 30.27
N ILE G 291 -13.67 -44.76 29.26
CA ILE G 291 -13.47 -45.68 28.16
C ILE G 291 -13.21 -44.87 26.90
N PHE G 292 -12.14 -45.20 26.18
CA PHE G 292 -11.85 -44.55 24.91
C PHE G 292 -12.62 -45.24 23.81
N LEU G 293 -13.25 -44.45 22.94
CA LEU G 293 -14.04 -44.99 21.84
C LEU G 293 -13.40 -44.73 20.48
N GLU G 294 -13.15 -43.47 20.14
CA GLU G 294 -12.77 -43.16 18.77
C GLU G 294 -12.17 -41.76 18.73
N ILE G 295 -11.18 -41.58 17.85
CA ILE G 295 -10.69 -40.26 17.49
C ILE G 295 -10.93 -40.07 16.00
N ASN G 296 -11.60 -38.98 15.66
CA ASN G 296 -11.83 -38.65 14.26
C ASN G 296 -10.98 -37.45 13.90
N PRO G 297 -9.96 -37.60 13.06
CA PRO G 297 -9.06 -36.46 12.77
C PRO G 297 -9.72 -35.32 12.01
N VAL G 298 -10.95 -35.50 11.52
CA VAL G 298 -11.65 -34.43 10.82
C VAL G 298 -13.07 -34.33 11.33
N GLY G 299 -13.29 -34.74 12.58
CA GLY G 299 -14.60 -34.70 13.17
C GLY G 299 -15.10 -33.29 13.40
N GLU G 300 -16.42 -33.17 13.51
CA GLU G 300 -17.07 -31.88 13.72
C GLU G 300 -16.65 -31.20 15.02
N PHE G 301 -17.21 -30.03 15.27
CA PHE G 301 -16.90 -29.26 16.46
C PHE G 301 -17.71 -27.97 16.50
N PHE G 302 -18.44 -27.71 15.43
CA PHE G 302 -19.26 -26.51 15.33
C PHE G 302 -20.46 -26.51 16.29
N TRP G 303 -21.03 -27.69 16.51
CA TRP G 303 -22.18 -27.80 17.41
C TRP G 303 -21.79 -27.67 18.87
N LEU G 304 -20.51 -27.65 19.20
CA LEU G 304 -20.05 -27.31 20.53
C LEU G 304 -19.66 -25.84 20.66
N GLU G 305 -19.67 -25.10 19.55
CA GLU G 305 -19.37 -23.67 19.56
C GLU G 305 -20.61 -22.80 19.39
N LEU G 306 -21.45 -23.10 18.40
CA LEU G 306 -22.68 -22.34 18.22
C LEU G 306 -23.77 -22.72 19.21
N TYR G 307 -23.61 -23.85 19.90
CA TYR G 307 -24.54 -24.35 20.90
C TYR G 307 -23.74 -24.63 22.16
N PRO G 308 -24.41 -24.83 23.30
CA PRO G 308 -23.65 -25.08 24.54
C PRO G 308 -22.68 -26.25 24.40
N PRO G 309 -21.52 -26.15 25.06
CA PRO G 309 -21.08 -25.10 25.99
C PRO G 309 -20.37 -23.89 25.34
N TYR G 310 -20.56 -23.68 24.04
CA TYR G 310 -20.00 -22.51 23.35
C TYR G 310 -18.48 -22.45 23.48
N PHE G 311 -17.82 -23.55 23.15
CA PHE G 311 -16.36 -23.56 23.17
C PHE G 311 -15.83 -22.71 22.01
N PRO G 312 -14.80 -21.78 22.27
CA PRO G 312 -14.22 -20.96 21.18
C PRO G 312 -13.18 -21.74 20.38
N ILE G 313 -13.67 -22.71 19.63
CA ILE G 313 -12.78 -23.66 18.95
C ILE G 313 -12.29 -23.13 17.61
N SER G 314 -13.18 -22.54 16.81
CA SER G 314 -12.76 -21.97 15.53
C SER G 314 -11.67 -20.93 15.71
N GLN G 315 -11.68 -20.22 16.84
CA GLN G 315 -10.61 -19.28 17.14
C GLN G 315 -9.29 -20.02 17.35
N ALA G 316 -9.32 -21.13 18.09
CA ALA G 316 -8.10 -21.89 18.35
C ALA G 316 -7.58 -22.54 17.08
N ILE G 317 -8.46 -22.87 16.14
CA ILE G 317 -8.01 -23.44 14.87
C ILE G 317 -7.38 -22.37 14.00
N ALA G 318 -7.96 -21.17 13.98
CA ALA G 318 -7.36 -20.06 13.23
C ALA G 318 -6.02 -19.67 13.82
N GLU G 319 -5.87 -19.75 15.14
CA GLU G 319 -4.62 -19.34 15.77
C GLU G 319 -3.50 -20.33 15.47
N ILE G 320 -3.81 -21.61 15.29
CA ILE G 320 -2.74 -22.57 15.00
C ILE G 320 -2.40 -22.57 13.52
N LEU G 321 -3.37 -22.25 12.65
CA LEU G 321 -3.09 -22.15 11.23
C LEU G 321 -2.25 -20.91 10.93
N VAL G 322 -2.47 -19.82 11.68
CA VAL G 322 -1.75 -18.59 11.42
C VAL G 322 -0.38 -18.60 12.09
N ASN G 323 -0.33 -18.99 13.37
CA ASN G 323 0.91 -18.98 14.14
C ASN G 323 1.78 -20.20 13.92
N SER G 324 1.50 -21.01 12.90
CA SER G 324 2.26 -22.21 12.58
C SER G 324 2.34 -23.16 13.77
N MET H 1 21.75 65.32 0.11
CA MET H 1 21.00 64.14 0.48
C MET H 1 19.58 64.53 0.90
N THR H 2 18.61 64.10 0.10
CA THR H 2 17.22 64.49 0.24
C THR H 2 16.36 63.28 0.59
N VAL H 3 15.42 63.47 1.51
CA VAL H 3 14.51 62.42 1.95
C VAL H 3 13.19 62.62 1.24
N LEU H 4 12.83 61.69 0.36
CA LEU H 4 11.50 61.71 -0.25
C LEU H 4 10.50 61.12 0.74
N ILE H 5 9.41 61.85 0.97
CA ILE H 5 8.38 61.45 1.92
C ILE H 5 7.11 61.15 1.14
N VAL H 6 6.75 59.87 1.08
CA VAL H 6 5.61 59.41 0.32
C VAL H 6 4.39 59.42 1.24
N THR H 7 3.53 60.43 1.07
CA THR H 7 2.36 60.60 1.91
C THR H 7 1.17 61.08 1.08
N PHE H 8 0.25 61.80 1.71
CA PHE H 8 -0.88 62.39 0.99
C PHE H 8 -1.26 63.70 1.68
N SER H 9 -2.05 64.50 0.96
CA SER H 9 -2.45 65.84 1.40
C SER H 9 -3.13 65.94 2.77
N ARG H 10 -3.98 64.97 3.08
CA ARG H 10 -4.72 64.98 4.33
C ARG H 10 -4.06 64.14 5.42
N ASP H 11 -2.77 63.85 5.30
CA ASP H 11 -2.06 63.15 6.36
C ASP H 11 -1.90 64.05 7.57
N ASN H 12 -1.79 63.43 8.74
CA ASN H 12 -1.82 64.19 9.99
C ASN H 12 -0.49 64.87 10.28
N GLU H 13 -0.30 65.28 11.53
CA GLU H 13 0.83 66.12 11.92
C GLU H 13 2.12 65.33 12.08
N SER H 14 2.13 64.04 11.73
CA SER H 14 3.38 63.29 11.75
C SER H 14 4.35 63.84 10.73
N ILE H 15 3.84 64.25 9.56
CA ILE H 15 4.66 64.68 8.44
C ILE H 15 5.44 65.95 8.79
N PRO H 16 4.80 67.03 9.25
CA PRO H 16 5.58 68.26 9.50
C PRO H 16 6.64 68.10 10.59
N LEU H 17 6.36 67.32 11.63
CA LEU H 17 7.35 67.13 12.69
C LEU H 17 8.56 66.36 12.18
N VAL H 18 8.34 65.33 11.36
CA VAL H 18 9.44 64.57 10.78
C VAL H 18 10.26 65.47 9.86
N ILE H 19 9.59 66.27 9.04
CA ILE H 19 10.27 67.17 8.12
C ILE H 19 11.13 68.16 8.88
N LYS H 20 10.56 68.79 9.92
CA LYS H 20 11.31 69.77 10.69
C LYS H 20 12.49 69.12 11.42
N ALA H 21 12.31 67.89 11.89
CA ALA H 21 13.41 67.18 12.54
C ALA H 21 14.49 66.82 11.52
N ILE H 22 14.10 66.47 10.30
CA ILE H 22 15.07 66.24 9.23
C ILE H 22 15.79 67.55 8.88
N GLU H 23 15.01 68.62 8.71
CA GLU H 23 15.60 69.91 8.34
C GLU H 23 16.53 70.42 9.43
N ALA H 24 16.14 70.26 10.70
CA ALA H 24 16.99 70.70 11.80
C ALA H 24 18.28 69.90 11.91
N MET H 25 18.36 68.75 11.25
CA MET H 25 19.57 67.94 11.24
C MET H 25 20.48 68.25 10.06
N GLY H 26 20.21 69.32 9.32
CA GLY H 26 21.06 69.70 8.21
C GLY H 26 20.79 68.99 6.91
N LYS H 27 19.68 68.28 6.79
CA LYS H 27 19.29 67.61 5.55
C LYS H 27 18.03 68.26 4.98
N LYS H 28 17.66 67.83 3.77
CA LYS H 28 16.49 68.34 3.08
C LYS H 28 15.49 67.22 2.84
N ALA H 29 14.21 67.60 2.73
CA ALA H 29 13.14 66.62 2.56
C ALA H 29 12.09 67.15 1.59
N PHE H 30 11.61 66.27 0.72
CA PHE H 30 10.56 66.60 -0.23
C PHE H 30 9.30 65.82 0.14
N ARG H 31 8.18 66.52 0.26
CA ARG H 31 6.90 65.91 0.55
C ARG H 31 6.16 65.61 -0.74
N PHE H 32 5.87 64.33 -0.97
CA PHE H 32 5.15 63.88 -2.15
C PHE H 32 3.76 63.43 -1.71
N ASP H 33 2.72 64.16 -2.12
CA ASP H 33 1.35 63.86 -1.77
C ASP H 33 0.77 62.95 -2.84
N THR H 34 0.60 61.67 -2.51
CA THR H 34 0.18 60.68 -3.49
C THR H 34 -1.25 60.90 -3.99
N ASP H 35 -2.09 61.59 -3.21
CA ASP H 35 -3.45 61.84 -3.67
C ASP H 35 -3.52 62.96 -4.70
N ARG H 36 -2.56 63.88 -4.70
CA ARG H 36 -2.56 65.01 -5.62
C ARG H 36 -1.88 64.68 -6.95
N PHE H 37 -1.49 63.43 -7.15
CA PHE H 37 -1.07 62.94 -8.46
C PHE H 37 -2.23 62.13 -9.03
N PRO H 38 -2.51 62.29 -10.34
CA PRO H 38 -1.82 63.13 -11.32
C PRO H 38 -2.48 64.49 -11.56
N THR H 39 -3.49 64.83 -10.76
CA THR H 39 -4.26 66.03 -11.03
C THR H 39 -3.45 67.30 -10.79
N GLU H 40 -2.49 67.27 -9.89
CA GLU H 40 -1.74 68.47 -9.55
C GLU H 40 -0.24 68.29 -9.63
N VAL H 41 0.28 67.16 -9.15
CA VAL H 41 1.72 66.94 -9.10
C VAL H 41 2.16 66.26 -10.39
N LYS H 42 3.23 66.79 -10.99
CA LYS H 42 3.80 66.22 -12.20
C LYS H 42 4.92 65.25 -11.83
N VAL H 43 4.87 64.04 -12.39
CA VAL H 43 5.89 63.02 -12.17
C VAL H 43 6.37 62.54 -13.52
N ASP H 44 7.69 62.58 -13.75
CA ASP H 44 8.29 62.14 -14.99
C ASP H 44 9.32 61.07 -14.67
N LEU H 45 9.08 59.85 -15.15
CA LEU H 45 9.94 58.70 -14.87
C LEU H 45 10.59 58.24 -16.16
N TYR H 46 11.92 58.29 -16.20
CA TYR H 46 12.70 57.97 -17.39
C TYR H 46 13.46 56.66 -17.18
N SER H 47 13.35 55.76 -18.14
CA SER H 47 14.11 54.52 -18.15
C SER H 47 14.93 54.45 -19.42
N GLY H 48 16.19 54.04 -19.30
CA GLY H 48 17.07 53.90 -20.44
C GLY H 48 18.36 54.69 -20.28
N GLY H 49 18.91 55.12 -21.41
CA GLY H 49 20.14 55.92 -21.38
C GLY H 49 19.93 57.26 -20.69
N GLN H 50 18.70 57.77 -20.69
CA GLN H 50 18.34 59.00 -19.99
C GLN H 50 17.75 58.71 -18.62
N LYS H 51 18.29 57.70 -17.93
CA LYS H 51 17.72 57.23 -16.67
C LYS H 51 17.70 58.35 -15.63
N GLY H 52 16.56 58.48 -14.98
CA GLY H 52 16.36 59.46 -13.93
C GLY H 52 14.88 59.78 -13.82
N GLY H 53 14.60 61.00 -13.41
CA GLY H 53 13.24 61.46 -13.29
C GLY H 53 13.12 62.58 -12.30
N ILE H 54 12.01 63.32 -12.42
CA ILE H 54 11.75 64.45 -11.54
C ILE H 54 10.31 64.38 -11.05
N ILE H 55 10.08 64.97 -9.88
CA ILE H 55 8.74 65.22 -9.35
C ILE H 55 8.57 66.73 -9.24
N THR H 56 7.48 67.25 -9.79
CA THR H 56 7.22 68.68 -9.83
C THR H 56 5.92 68.99 -9.12
N ASP H 57 5.96 69.92 -8.15
CA ASP H 57 4.80 70.33 -7.36
C ASP H 57 4.80 71.87 -7.30
N GLY H 58 4.25 72.49 -8.32
CA GLY H 58 4.19 73.94 -8.37
C GLY H 58 5.59 74.53 -8.40
N ASP H 59 5.91 75.31 -7.36
CA ASP H 59 7.24 75.90 -7.27
C ASP H 59 8.30 74.88 -6.91
N GLN H 60 7.92 73.77 -6.27
CA GLN H 60 8.86 72.77 -5.78
C GLN H 60 9.10 71.67 -6.81
N LYS H 61 10.36 71.32 -6.99
CA LYS H 61 10.77 70.21 -7.85
C LYS H 61 11.69 69.30 -7.06
N LEU H 62 11.83 68.07 -7.53
CA LEU H 62 12.72 67.10 -6.91
C LEU H 62 13.30 66.21 -8.01
N GLU H 63 14.61 66.20 -8.14
CA GLU H 63 15.28 65.30 -9.08
C GLU H 63 15.57 63.99 -8.36
N LEU H 64 15.07 62.89 -8.92
CA LEU H 64 15.13 61.59 -8.24
C LEU H 64 16.55 61.08 -8.04
N LYS H 65 17.55 61.69 -8.69
CA LYS H 65 18.93 61.30 -8.47
C LYS H 65 19.48 61.84 -7.16
N GLU H 66 18.81 62.83 -6.57
CA GLU H 66 19.22 63.41 -5.29
C GLU H 66 18.50 62.78 -4.11
N VAL H 67 17.70 61.73 -4.33
CA VAL H 67 16.95 61.09 -3.27
C VAL H 67 17.88 60.13 -2.52
N SER H 68 18.11 60.41 -1.24
CA SER H 68 18.96 59.58 -0.41
C SER H 68 18.19 58.59 0.45
N ALA H 69 16.93 58.89 0.76
CA ALA H 69 16.10 58.01 1.58
C ALA H 69 14.65 58.21 1.19
N VAL H 70 13.84 57.21 1.53
CA VAL H 70 12.41 57.19 1.21
C VAL H 70 11.65 56.79 2.47
N TRP H 71 10.74 57.65 2.92
CA TRP H 71 9.81 57.30 4.00
C TRP H 71 8.52 56.81 3.37
N TYR H 72 8.35 55.50 3.31
CA TYR H 72 7.18 54.86 2.72
C TYR H 72 6.04 54.94 3.73
N ARG H 73 5.36 56.09 3.74
CA ARG H 73 4.43 56.44 4.82
C ARG H 73 2.98 56.15 4.47
N ARG H 74 2.41 56.85 3.50
CA ARG H 74 1.00 56.71 3.18
C ARG H 74 0.82 56.69 1.67
N MET H 75 0.00 55.75 1.20
CA MET H 75 -0.23 55.54 -0.22
C MET H 75 -1.69 55.81 -0.53
N ARG H 76 -2.01 57.02 -0.96
CA ARG H 76 -3.37 57.32 -1.39
C ARG H 76 -3.40 57.73 -2.86
N TYR H 77 -2.93 56.84 -3.74
CA TYR H 77 -2.67 57.19 -5.13
C TYR H 77 -3.90 57.70 -5.88
N GLY H 78 -3.91 59.00 -6.19
CA GLY H 78 -4.91 59.56 -7.08
C GLY H 78 -6.33 59.66 -6.55
N LEU H 79 -6.51 59.80 -5.24
CA LEU H 79 -7.87 59.90 -4.72
C LEU H 79 -8.46 61.29 -4.88
N LYS H 80 -7.61 62.31 -5.11
CA LYS H 80 -8.09 63.64 -5.43
C LYS H 80 -8.64 63.76 -6.85
N LEU H 81 -8.73 62.65 -7.57
CA LEU H 81 -9.40 62.65 -8.86
C LEU H 81 -10.82 63.15 -8.69
N PRO H 82 -11.34 63.97 -9.61
CA PRO H 82 -12.66 64.59 -9.42
C PRO H 82 -13.77 63.55 -9.40
N ASP H 83 -14.52 63.52 -8.30
CA ASP H 83 -15.74 62.72 -8.26
C ASP H 83 -16.74 63.32 -9.26
N GLY H 84 -17.33 62.45 -10.07
CA GLY H 84 -18.07 62.85 -11.25
C GLY H 84 -17.44 62.30 -12.52
N MET H 85 -16.14 62.04 -12.49
CA MET H 85 -15.49 61.28 -13.55
C MET H 85 -16.14 59.90 -13.65
N ASP H 86 -16.14 59.34 -14.86
CA ASP H 86 -16.73 58.02 -15.08
C ASP H 86 -16.09 56.99 -14.15
N SER H 87 -16.93 56.18 -13.52
CA SER H 87 -16.44 55.23 -12.52
C SER H 87 -15.50 54.21 -13.14
N GLN H 88 -15.81 53.71 -14.33
CA GLN H 88 -14.93 52.74 -14.98
C GLN H 88 -13.58 53.36 -15.28
N PHE H 89 -13.57 54.57 -15.82
CA PHE H 89 -12.30 55.24 -16.10
C PHE H 89 -11.56 55.59 -14.82
N ARG H 90 -12.29 55.96 -13.77
CA ARG H 90 -11.64 56.38 -12.53
C ARG H 90 -10.91 55.21 -11.86
N GLU H 91 -11.57 54.04 -11.79
CA GLU H 91 -10.95 52.88 -11.17
C GLU H 91 -9.76 52.40 -11.98
N ALA H 92 -9.81 52.53 -13.31
CA ALA H 92 -8.64 52.19 -14.12
C ALA H 92 -7.53 53.21 -13.94
N SER H 93 -7.87 54.49 -13.79
CA SER H 93 -6.85 55.50 -13.55
C SER H 93 -6.16 55.27 -12.22
N LEU H 94 -6.91 54.87 -11.20
CA LEU H 94 -6.34 54.58 -9.89
C LEU H 94 -5.33 53.44 -9.97
N LYS H 95 -5.67 52.39 -10.71
CA LYS H 95 -4.78 51.23 -10.83
C LYS H 95 -3.50 51.59 -11.57
N GLU H 96 -3.59 52.47 -12.57
CA GLU H 96 -2.41 52.87 -13.32
C GLU H 96 -1.54 53.82 -12.50
N CYS H 97 -2.15 54.74 -11.76
CA CYS H 97 -1.38 55.61 -10.87
C CYS H 97 -0.64 54.80 -9.82
N ARG H 98 -1.28 53.77 -9.28
CA ARG H 98 -0.65 52.96 -8.24
C ARG H 98 0.59 52.25 -8.78
N LEU H 99 0.47 51.59 -9.94
CA LEU H 99 1.59 50.86 -10.48
C LEU H 99 2.72 51.77 -10.92
N SER H 100 2.40 53.01 -11.31
CA SER H 100 3.42 53.93 -11.80
C SER H 100 4.29 54.43 -10.67
N ILE H 101 3.70 54.72 -9.51
CA ILE H 101 4.49 55.25 -8.40
C ILE H 101 5.15 54.11 -7.64
N ARG H 102 4.47 52.98 -7.48
CA ARG H 102 5.13 51.81 -6.91
C ARG H 102 6.37 51.43 -7.70
N GLY H 103 6.30 51.52 -9.04
CA GLY H 103 7.49 51.29 -9.84
C GLY H 103 8.56 52.33 -9.61
N MET H 104 8.14 53.58 -9.36
CA MET H 104 9.10 54.64 -9.03
C MET H 104 9.81 54.35 -7.71
N ILE H 105 9.04 54.01 -6.68
CA ILE H 105 9.63 53.77 -5.36
C ILE H 105 10.52 52.54 -5.40
N ALA H 106 10.06 51.48 -6.06
CA ALA H 106 10.85 50.25 -6.08
C ALA H 106 12.16 50.41 -6.83
N SER H 107 12.27 51.44 -7.69
CA SER H 107 13.48 51.67 -8.47
C SER H 107 14.48 52.59 -7.77
N LEU H 108 14.02 53.45 -6.86
CA LEU H 108 14.93 54.29 -6.11
C LEU H 108 15.86 53.45 -5.25
N SER H 109 17.15 53.77 -5.28
CA SER H 109 18.11 53.16 -4.37
C SER H 109 18.14 53.95 -3.06
N GLY H 110 19.13 53.70 -2.24
CA GLY H 110 19.21 54.37 -0.94
C GLY H 110 18.52 53.59 0.16
N PHE H 111 18.17 54.30 1.23
CA PHE H 111 17.56 53.69 2.40
C PHE H 111 16.04 53.89 2.34
N HIS H 112 15.30 52.79 2.42
CA HIS H 112 13.85 52.83 2.41
C HIS H 112 13.31 52.46 3.79
N LEU H 113 12.29 53.19 4.23
CA LEU H 113 11.60 52.89 5.49
C LEU H 113 10.10 52.83 5.25
N ASP H 114 9.60 51.67 4.81
CA ASP H 114 10.42 50.50 4.51
C ASP H 114 10.36 50.19 3.01
N PRO H 115 11.17 49.24 2.54
CA PRO H 115 11.02 48.80 1.14
C PRO H 115 9.63 48.26 0.88
N ILE H 116 9.12 48.53 -0.32
CA ILE H 116 7.81 48.02 -0.71
C ILE H 116 7.80 46.50 -0.64
N ALA H 117 8.87 45.86 -1.09
CA ALA H 117 8.89 44.39 -1.09
C ALA H 117 8.77 43.83 0.31
N LYS H 118 9.36 44.51 1.30
CA LYS H 118 9.26 44.06 2.67
C LYS H 118 7.87 44.33 3.24
N VAL H 119 7.26 45.46 2.88
CA VAL H 119 5.95 45.78 3.40
C VAL H 119 4.89 44.86 2.81
N ASP H 120 4.97 44.57 1.51
CA ASP H 120 4.01 43.66 0.89
C ASP H 120 4.13 42.25 1.47
N HIS H 121 5.34 41.86 1.88
CA HIS H 121 5.55 40.55 2.47
C HIS H 121 5.04 40.49 3.90
N ALA H 122 5.19 41.59 4.65
CA ALA H 122 4.73 41.61 6.03
C ALA H 122 3.23 41.90 6.15
N ASN H 123 2.56 42.22 5.06
CA ASN H 123 1.13 42.48 5.11
C ASN H 123 0.29 41.22 5.20
N HIS H 124 0.89 40.05 5.07
CA HIS H 124 0.18 38.78 5.22
C HIS H 124 0.03 38.49 6.72
N LYS H 125 -1.17 38.71 7.25
CA LYS H 125 -1.37 38.54 8.67
C LYS H 125 -1.28 37.07 9.09
N GLN H 126 -1.63 36.15 8.18
CA GLN H 126 -1.49 34.74 8.52
C GLN H 126 -0.02 34.36 8.68
N LEU H 127 0.86 34.94 7.84
CA LEU H 127 2.28 34.69 7.99
C LEU H 127 2.84 35.34 9.24
N GLN H 128 2.30 36.50 9.63
CA GLN H 128 2.74 37.18 10.84
C GLN H 128 2.59 36.27 12.05
N LEU H 129 1.40 35.70 12.23
CA LEU H 129 1.14 34.83 13.37
C LEU H 129 2.02 33.58 13.32
N GLN H 130 2.20 33.02 12.11
CA GLN H 130 3.02 31.82 11.99
C GLN H 130 4.46 32.11 12.36
N VAL H 131 5.03 33.19 11.81
CA VAL H 131 6.43 33.51 12.10
C VAL H 131 6.61 33.88 13.57
N ALA H 132 5.67 34.67 14.12
CA ALA H 132 5.75 35.02 15.53
C ALA H 132 5.68 33.77 16.41
N ARG H 133 4.85 32.81 16.04
CA ARG H 133 4.81 31.55 16.78
C ARG H 133 6.10 30.76 16.62
N GLN H 134 6.68 30.78 15.42
CA GLN H 134 7.96 30.11 15.21
C GLN H 134 9.07 30.76 16.04
N LEU H 135 8.92 32.03 16.40
CA LEU H 135 9.91 32.72 17.20
C LEU H 135 9.65 32.62 18.70
N GLY H 136 8.60 31.90 19.11
CA GLY H 136 8.32 31.71 20.51
C GLY H 136 7.25 32.60 21.11
N LEU H 137 6.56 33.40 20.30
CA LEU H 137 5.49 34.26 20.79
C LEU H 137 4.15 33.52 20.76
N LEU H 138 3.29 33.84 21.72
CA LEU H 138 1.97 33.23 21.78
C LEU H 138 1.00 33.97 20.85
N ILE H 139 0.24 33.22 20.07
CA ILE H 139 -0.72 33.80 19.14
C ILE H 139 -2.12 33.28 19.46
N PRO H 140 -3.18 34.05 19.20
CA PRO H 140 -4.52 33.52 19.42
C PRO H 140 -4.91 32.51 18.36
N GLY H 141 -5.64 31.49 18.78
CA GLY H 141 -6.15 30.49 17.85
C GLY H 141 -6.97 31.15 16.75
N THR H 142 -6.55 30.96 15.50
CA THR H 142 -7.07 31.72 14.39
C THR H 142 -7.60 30.78 13.31
N LEU H 143 -8.74 31.16 12.72
CA LEU H 143 -9.31 30.42 11.60
C LEU H 143 -9.84 31.42 10.57
N THR H 144 -9.25 31.41 9.38
CA THR H 144 -9.80 32.09 8.22
C THR H 144 -10.56 31.07 7.38
N SER H 145 -11.84 31.32 7.15
CA SER H 145 -12.65 30.27 6.56
C SER H 145 -13.87 30.88 5.88
N ASN H 146 -14.33 30.18 4.84
CA ASN H 146 -15.65 30.38 4.25
C ASN H 146 -16.56 29.18 4.49
N ASN H 147 -16.18 28.32 5.44
CA ASN H 147 -16.86 27.05 5.68
C ASN H 147 -17.63 27.12 7.00
N PRO H 148 -18.97 27.13 6.98
CA PRO H 148 -19.72 27.25 8.24
C PRO H 148 -19.46 26.12 9.23
N GLU H 149 -19.22 24.90 8.75
CA GLU H 149 -19.02 23.79 9.67
C GLU H 149 -17.71 23.93 10.44
N ALA H 150 -16.65 24.37 9.77
CA ALA H 150 -15.37 24.58 10.45
C ALA H 150 -15.47 25.75 11.43
N VAL H 151 -16.33 26.73 11.13
CA VAL H 151 -16.50 27.87 12.03
C VAL H 151 -17.24 27.46 13.29
N LYS H 152 -18.37 26.75 13.14
CA LYS H 152 -19.09 26.25 14.30
C LYS H 152 -18.22 25.33 15.15
N GLN H 153 -17.43 24.48 14.50
CA GLN H 153 -16.47 23.65 15.24
C GLN H 153 -15.44 24.51 15.94
N PHE H 154 -15.04 25.62 15.33
CA PHE H 154 -14.08 26.52 15.96
C PHE H 154 -14.70 27.24 17.15
N ALA H 155 -15.98 27.61 17.05
CA ALA H 155 -16.63 28.33 18.15
C ALA H 155 -16.87 27.43 19.35
N GLN H 156 -17.26 26.17 19.11
CA GLN H 156 -17.44 25.23 20.20
C GLN H 156 -16.13 24.97 20.93
N GLU H 157 -15.01 24.97 20.19
CA GLU H 157 -13.72 24.70 20.80
C GLU H 157 -13.37 25.77 21.84
N PHE H 158 -13.70 27.03 21.55
CA PHE H 158 -13.44 28.13 22.46
C PHE H 158 -14.74 28.68 23.05
N GLU H 159 -15.69 27.82 23.35
CA GLU H 159 -16.99 28.30 23.81
C GLU H 159 -16.94 28.85 25.23
N ALA H 160 -15.90 28.54 25.99
CA ALA H 160 -15.77 29.10 27.34
C ALA H 160 -15.50 30.60 27.27
N THR H 161 -14.51 31.00 26.48
CA THR H 161 -14.16 32.41 26.33
C THR H 161 -14.78 33.07 25.10
N GLY H 162 -15.35 32.29 24.19
CA GLY H 162 -15.96 32.83 22.99
C GLY H 162 -14.91 33.14 21.93
N ILE H 163 -15.40 33.53 20.75
CA ILE H 163 -14.53 33.91 19.64
C ILE H 163 -14.98 35.24 19.08
N VAL H 164 -14.04 35.93 18.45
CA VAL H 164 -14.33 37.18 17.76
C VAL H 164 -14.08 36.96 16.27
N THR H 165 -14.61 37.85 15.47
CA THR H 165 -14.41 37.83 14.02
C THR H 165 -13.90 39.18 13.56
N LYS H 166 -13.14 39.16 12.47
CA LYS H 166 -12.55 40.38 11.93
C LYS H 166 -12.27 40.20 10.46
N MET H 167 -12.14 41.32 9.77
CA MET H 167 -11.78 41.34 8.36
C MET H 167 -10.28 41.55 8.20
N LEU H 168 -9.69 40.82 7.25
CA LEU H 168 -8.28 41.04 6.92
C LEU H 168 -8.09 42.36 6.16
N SER H 169 -9.11 42.81 5.44
CA SER H 169 -9.00 44.00 4.60
C SER H 169 -9.51 45.23 5.34
N GLN H 170 -9.16 46.40 4.80
CA GLN H 170 -9.65 47.67 5.28
C GLN H 170 -10.57 48.28 4.23
N PHE H 171 -11.77 48.67 4.65
CA PHE H 171 -12.75 49.24 3.74
C PHE H 171 -13.83 49.96 4.55
N ALA H 172 -14.85 50.44 3.85
CA ALA H 172 -16.02 51.04 4.46
C ALA H 172 -17.19 50.90 3.51
N ILE H 173 -18.39 50.76 4.06
CA ILE H 173 -19.60 50.55 3.27
C ILE H 173 -20.50 51.77 3.45
N TYR H 174 -20.46 52.66 2.47
CA TYR H 174 -21.26 53.88 2.52
C TYR H 174 -22.69 53.53 2.12
N GLY H 175 -23.60 53.60 3.07
CA GLY H 175 -25.00 53.27 2.84
C GLY H 175 -25.90 54.43 3.17
N ASP H 176 -26.85 54.70 2.29
CA ASP H 176 -27.86 55.75 2.48
C ASP H 176 -27.22 57.13 2.60
N LYS H 177 -27.18 57.64 3.84
CA LYS H 177 -26.77 59.02 4.13
C LYS H 177 -25.31 59.30 3.84
N GLN H 178 -24.53 58.29 3.46
CA GLN H 178 -23.11 58.38 3.09
C GLN H 178 -22.19 58.38 4.30
N GLU H 179 -22.72 58.12 5.49
CA GLU H 179 -21.85 57.89 6.64
C GLU H 179 -21.08 56.60 6.44
N GLU H 180 -19.95 56.48 7.14
CA GLU H 180 -18.91 55.54 6.76
C GLU H 180 -19.32 54.07 6.87
N MET H 181 -19.58 53.59 8.08
CA MET H 181 -19.81 52.18 8.39
C MET H 181 -18.58 51.33 8.11
N VAL H 182 -18.08 50.64 9.14
CA VAL H 182 -16.89 49.79 9.06
C VAL H 182 -17.16 48.52 9.84
N VAL H 183 -16.20 47.58 9.79
CA VAL H 183 -16.28 46.32 10.51
C VAL H 183 -15.12 46.29 11.50
N PHE H 184 -15.41 46.59 12.77
CA PHE H 184 -14.46 46.40 13.85
C PHE H 184 -14.41 44.94 14.25
N THR H 185 -13.45 44.61 15.13
CA THR H 185 -13.41 43.28 15.71
C THR H 185 -14.61 43.10 16.62
N SER H 186 -15.35 42.00 16.44
CA SER H 186 -16.63 41.86 17.11
C SER H 186 -16.87 40.45 17.64
N PRO H 187 -17.58 40.34 18.77
CA PRO H 187 -17.92 39.01 19.29
C PRO H 187 -18.91 38.29 18.39
N VAL H 188 -18.73 36.98 18.27
CA VAL H 188 -19.62 36.15 17.47
C VAL H 188 -20.67 35.57 18.41
N THR H 189 -21.92 35.99 18.24
CA THR H 189 -23.01 35.52 19.08
C THR H 189 -23.55 34.18 18.57
N LYS H 190 -24.35 33.52 19.41
CA LYS H 190 -24.97 32.27 19.00
C LYS H 190 -25.94 32.48 17.85
N GLU H 191 -26.62 33.64 17.82
CA GLU H 191 -27.46 33.97 16.68
C GLU H 191 -26.63 34.13 15.41
N ASP H 192 -25.39 34.59 15.54
CA ASP H 192 -24.50 34.69 14.38
C ASP H 192 -24.12 33.31 13.86
N LEU H 193 -23.92 32.34 14.74
CA LEU H 193 -23.60 30.99 14.28
C LEU H 193 -24.75 30.36 13.52
N ASP H 194 -25.97 30.88 13.68
CA ASP H 194 -27.14 30.38 12.98
C ASP H 194 -27.38 31.09 11.65
N ASN H 195 -26.56 32.07 11.29
CA ASN H 195 -26.67 32.79 10.03
C ASN H 195 -25.33 32.79 9.30
N LEU H 196 -24.75 31.61 9.12
CA LEU H 196 -23.44 31.47 8.50
C LEU H 196 -23.51 31.24 6.99
N GLU H 197 -24.70 31.31 6.40
CA GLU H 197 -24.81 31.04 4.97
C GLU H 197 -24.06 32.07 4.14
N GLY H 198 -23.87 33.27 4.66
CA GLY H 198 -23.19 34.33 3.95
C GLY H 198 -21.69 34.14 3.80
N LEU H 199 -21.11 33.11 4.41
CA LEU H 199 -19.69 32.85 4.25
C LEU H 199 -19.33 32.42 2.83
N GLN H 200 -20.29 31.90 2.06
CA GLN H 200 -20.02 31.51 0.69
C GLN H 200 -19.83 32.71 -0.23
N PHE H 201 -20.05 33.93 0.25
CA PHE H 201 -19.88 35.13 -0.55
C PHE H 201 -18.71 36.00 -0.09
N CYS H 202 -18.19 35.76 1.12
CA CYS H 202 -17.00 36.44 1.64
C CYS H 202 -16.56 35.77 2.94
N PRO H 203 -15.32 35.28 3.01
CA PRO H 203 -14.84 34.67 4.25
C PRO H 203 -14.56 35.71 5.32
N MET H 204 -14.35 35.23 6.53
CA MET H 204 -13.94 36.08 7.65
C MET H 204 -12.89 35.34 8.46
N THR H 205 -12.18 36.10 9.30
CA THR H 205 -11.13 35.57 10.15
C THR H 205 -11.63 35.50 11.58
N PHE H 206 -11.71 34.29 12.13
CA PHE H 206 -12.19 34.07 13.48
C PHE H 206 -11.02 33.80 14.41
N GLN H 207 -11.09 34.35 15.62
CA GLN H 207 -9.99 34.25 16.58
C GLN H 207 -10.49 33.96 17.97
N GLU H 208 -9.72 33.17 18.71
CA GLU H 208 -9.97 32.94 20.13
C GLU H 208 -10.00 34.26 20.88
N ASN H 209 -11.08 34.46 21.63
CA ASN H 209 -11.22 35.67 22.45
C ASN H 209 -10.51 35.42 23.77
N ILE H 210 -9.30 35.95 23.89
CA ILE H 210 -8.48 35.76 25.09
C ILE H 210 -8.78 36.90 26.05
N PRO H 211 -9.22 36.62 27.27
CA PRO H 211 -9.42 37.70 28.25
C PRO H 211 -8.11 38.39 28.58
N LYS H 212 -8.14 39.71 28.61
CA LYS H 212 -6.94 40.52 28.72
C LYS H 212 -7.06 41.50 29.87
N ALA H 213 -5.91 41.80 30.49
CA ALA H 213 -5.83 42.87 31.47
C ALA H 213 -5.46 44.19 30.81
N LEU H 214 -4.45 44.17 29.95
CA LEU H 214 -4.03 45.36 29.22
C LEU H 214 -3.92 45.04 27.73
N GLU H 215 -3.97 46.09 26.93
CA GLU H 215 -3.59 46.06 25.52
C GLU H 215 -2.31 46.87 25.33
N LEU H 216 -1.35 46.30 24.61
CA LEU H 216 -0.06 46.93 24.38
C LEU H 216 0.02 47.45 22.96
N ARG H 217 0.51 48.67 22.81
CA ARG H 217 0.82 49.27 21.52
C ARG H 217 2.32 49.50 21.48
N ILE H 218 3.01 48.73 20.63
CA ILE H 218 4.46 48.71 20.58
C ILE H 218 4.91 49.31 19.25
N THR H 219 5.77 50.31 19.32
CA THR H 219 6.30 50.99 18.15
C THR H 219 7.81 50.78 18.10
N ILE H 220 8.30 50.27 16.98
CA ILE H 220 9.72 49.97 16.82
C ILE H 220 10.26 50.77 15.65
N VAL H 221 11.34 51.53 15.90
CA VAL H 221 12.14 52.11 14.83
C VAL H 221 13.57 51.61 15.00
N GLY H 222 14.13 51.07 13.93
CA GLY H 222 15.42 50.41 14.01
C GLY H 222 15.40 49.30 15.04
N GLU H 223 16.05 49.53 16.18
CA GLU H 223 16.01 48.60 17.31
C GLU H 223 15.49 49.27 18.58
N GLN H 224 14.90 50.46 18.46
CA GLN H 224 14.34 51.17 19.59
C GLN H 224 12.88 50.78 19.76
N ILE H 225 12.48 50.45 20.99
CA ILE H 225 11.16 49.90 21.27
C ILE H 225 10.42 50.85 22.19
N PHE H 226 9.30 51.39 21.70
CA PHE H 226 8.43 52.26 22.48
C PHE H 226 7.16 51.48 22.80
N THR H 227 6.97 51.16 24.08
CA THR H 227 5.86 50.32 24.52
C THR H 227 4.89 51.15 25.34
N ALA H 228 3.62 51.14 24.93
CA ALA H 228 2.54 51.79 25.66
C ALA H 228 1.51 50.74 26.06
N ALA H 229 0.82 50.99 27.16
CA ALA H 229 -0.16 50.06 27.70
C ALA H 229 -1.39 50.83 28.16
N ILE H 230 -2.54 50.15 28.12
CA ILE H 230 -3.78 50.75 28.59
C ILE H 230 -4.69 49.65 29.10
N ASN H 231 -5.42 49.96 30.18
CA ASN H 231 -6.49 49.11 30.66
C ASN H 231 -7.70 49.28 29.76
N SER H 232 -8.33 48.18 29.39
CA SER H 232 -9.27 48.16 28.27
C SER H 232 -10.70 47.89 28.74
N GLN H 233 -11.61 48.02 27.77
CA GLN H 233 -12.97 47.44 27.78
C GLN H 233 -13.87 48.00 28.88
N GLN H 234 -13.65 49.23 29.35
CA GLN H 234 -14.60 49.81 30.28
C GLN H 234 -15.76 50.49 29.56
N LEU H 235 -15.49 51.11 28.42
CA LEU H 235 -16.54 51.79 27.66
C LEU H 235 -17.53 50.78 27.08
N GLN H 251 -5.69 60.77 26.12
CA GLN H 251 -5.83 59.34 26.41
C GLN H 251 -5.05 58.97 27.66
N GLN H 252 -5.23 57.73 28.12
CA GLN H 252 -4.57 57.25 29.33
C GLN H 252 -3.59 56.11 29.03
N TRP H 253 -2.95 56.16 27.86
CA TRP H 253 -1.86 55.23 27.60
C TRP H 253 -0.66 55.57 28.46
N GLN H 254 0.03 54.54 28.94
CA GLN H 254 1.12 54.69 29.88
C GLN H 254 2.35 53.96 29.36
N PRO H 255 3.54 54.34 29.83
CA PRO H 255 4.73 53.54 29.52
C PRO H 255 4.63 52.14 30.09
N TYR H 256 5.27 51.19 29.43
CA TYR H 256 5.26 49.79 29.86
C TYR H 256 6.59 49.16 29.50
N ASP H 257 7.12 48.35 30.41
CA ASP H 257 8.40 47.70 30.21
C ASP H 257 8.14 46.24 29.83
N LEU H 258 8.32 45.93 28.55
CA LEU H 258 8.25 44.55 28.12
C LEU H 258 9.36 43.74 28.79
N PRO H 259 9.10 42.48 29.11
CA PRO H 259 10.21 41.58 29.45
C PRO H 259 11.21 41.55 28.30
N LYS H 260 12.49 41.44 28.66
CA LYS H 260 13.55 41.45 27.64
C LYS H 260 13.35 40.33 26.63
N THR H 261 12.83 39.18 27.08
CA THR H 261 12.56 38.07 26.18
C THR H 261 11.58 38.47 25.09
N ILE H 262 10.54 39.23 25.46
CA ILE H 262 9.57 39.68 24.47
C ILE H 262 10.20 40.68 23.51
N GLU H 263 11.07 41.54 24.02
CA GLU H 263 11.71 42.54 23.16
C GLU H 263 12.60 41.89 22.12
N LYS H 264 13.39 40.89 22.53
CA LYS H 264 14.25 40.20 21.57
C LYS H 264 13.42 39.48 20.52
N GLN H 265 12.31 38.86 20.93
CA GLN H 265 11.47 38.14 19.98
C GLN H 265 10.86 39.08 18.95
N LEU H 266 10.44 40.27 19.37
CA LEU H 266 9.88 41.23 18.42
C LEU H 266 10.95 41.75 17.46
N LEU H 267 12.17 41.96 17.96
CA LEU H 267 13.25 42.37 17.07
C LEU H 267 13.60 41.27 16.07
N GLU H 268 13.43 40.00 16.47
CA GLU H 268 13.61 38.92 15.51
C GLU H 268 12.45 38.86 14.52
N LEU H 269 11.25 39.29 14.93
CA LEU H 269 10.14 39.37 13.99
C LEU H 269 10.37 40.47 12.97
N MET H 270 10.88 41.62 13.42
CA MET H 270 11.20 42.71 12.51
C MET H 270 12.30 42.30 11.53
N LYS H 271 13.36 41.68 12.05
CA LYS H 271 14.49 41.33 11.20
C LYS H 271 14.11 40.28 10.17
N TYR H 272 13.18 39.38 10.51
CA TYR H 272 12.74 38.39 9.52
C TYR H 272 12.08 39.06 8.33
N PHE H 273 11.14 39.97 8.58
CA PHE H 273 10.46 40.69 7.52
C PHE H 273 11.28 41.83 6.95
N GLY H 274 12.39 42.20 7.58
CA GLY H 274 13.25 43.24 7.05
C GLY H 274 12.77 44.65 7.31
N LEU H 275 12.05 44.86 8.40
CA LEU H 275 11.46 46.16 8.69
C LEU H 275 12.28 46.90 9.73
N ASN H 276 12.36 48.22 9.56
CA ASN H 276 12.89 49.12 10.58
C ASN H 276 11.82 50.02 11.17
N TYR H 277 10.57 49.88 10.76
CA TYR H 277 9.44 50.51 11.42
C TYR H 277 8.28 49.53 11.45
N GLY H 278 7.57 49.51 12.57
CA GLY H 278 6.41 48.65 12.70
C GLY H 278 5.52 49.10 13.84
N ALA H 279 4.22 48.89 13.67
CA ALA H 279 3.23 49.11 14.72
C ALA H 279 2.69 47.76 15.13
N ILE H 280 3.03 47.32 16.34
CA ILE H 280 2.73 45.98 16.84
C ILE H 280 1.65 46.08 17.91
N ASP H 281 0.64 45.22 17.81
CA ASP H 281 -0.42 45.10 18.80
C ASP H 281 -0.27 43.80 19.58
N MET H 282 -0.28 43.90 20.89
CA MET H 282 -0.26 42.74 21.79
C MET H 282 -1.28 42.96 22.90
N ILE H 283 -1.53 41.89 23.65
CA ILE H 283 -2.30 41.95 24.87
C ILE H 283 -1.54 41.17 25.95
N VAL H 284 -1.86 41.47 27.20
CA VAL H 284 -1.31 40.74 28.33
C VAL H 284 -2.47 40.29 29.22
N THR H 285 -2.45 39.03 29.62
CA THR H 285 -3.53 38.45 30.41
C THR H 285 -3.36 38.82 31.88
N PRO H 286 -4.40 38.61 32.70
CA PRO H 286 -4.22 38.82 34.15
C PRO H 286 -3.08 38.01 34.75
N ASP H 287 -2.83 36.81 34.25
CA ASP H 287 -1.71 35.99 34.71
C ASP H 287 -0.43 36.26 33.93
N GLU H 288 -0.33 37.41 33.28
CA GLU H 288 0.90 37.90 32.63
C GLU H 288 1.39 36.98 31.51
N ARG H 289 0.49 36.63 30.60
CA ARG H 289 0.86 35.96 29.36
C ARG H 289 0.78 36.98 28.23
N TYR H 290 1.85 37.05 27.41
CA TYR H 290 1.94 38.05 26.35
C TYR H 290 1.56 37.40 25.03
N ILE H 291 0.46 37.86 24.44
CA ILE H 291 -0.06 37.31 23.19
C ILE H 291 0.22 38.31 22.07
N PHE H 292 0.86 37.84 21.01
CA PHE H 292 1.07 38.65 19.81
C PHE H 292 -0.17 38.62 18.94
N LEU H 293 -0.61 39.79 18.49
CA LEU H 293 -1.81 39.91 17.66
C LEU H 293 -1.47 40.27 16.22
N GLU H 294 -0.69 41.32 16.00
CA GLU H 294 -0.52 41.87 14.66
C GLU H 294 0.65 42.84 14.65
N ILE H 295 1.33 42.92 13.51
CA ILE H 295 2.29 43.98 13.24
C ILE H 295 1.82 44.72 11.98
N ASN H 296 1.68 46.03 12.10
CA ASN H 296 1.33 46.86 10.96
C ASN H 296 2.53 47.69 10.53
N PRO H 297 3.10 47.44 9.35
CA PRO H 297 4.32 48.15 8.96
C PRO H 297 4.13 49.63 8.69
N VAL H 298 2.90 50.11 8.53
CA VAL H 298 2.65 51.52 8.28
C VAL H 298 1.66 52.06 9.31
N GLY H 299 1.55 51.39 10.45
CA GLY H 299 0.62 51.80 11.47
C GLY H 299 0.94 53.17 12.03
N GLU H 300 -0.05 53.76 12.69
CA GLU H 300 0.08 55.11 13.20
C GLU H 300 0.90 55.13 14.48
N PHE H 301 1.38 56.33 14.83
CA PHE H 301 2.18 56.52 16.03
C PHE H 301 2.01 57.90 16.66
N PHE H 302 1.41 58.87 15.99
N PHE H 302 1.40 58.86 15.97
CA PHE H 302 1.49 60.24 16.51
CA PHE H 302 1.40 60.25 16.43
C PHE H 302 0.60 60.44 17.73
C PHE H 302 0.63 60.40 17.73
N TRP H 303 -0.45 59.62 17.90
CA TRP H 303 -1.26 59.74 19.10
C TRP H 303 -0.54 59.26 20.36
N LEU H 304 0.60 58.59 20.21
CA LEU H 304 1.46 58.26 21.33
C LEU H 304 2.52 59.33 21.58
N GLU H 305 2.72 60.25 20.64
CA GLU H 305 3.67 61.35 20.78
C GLU H 305 3.00 62.66 21.20
N LEU H 306 1.83 62.96 20.65
CA LEU H 306 1.13 64.18 21.05
C LEU H 306 0.38 64.01 22.36
N TYR H 307 -0.02 62.79 22.69
CA TYR H 307 -0.74 62.49 23.91
C TYR H 307 0.14 61.56 24.75
N PRO H 308 -0.21 61.30 26.03
CA PRO H 308 0.61 60.36 26.80
C PRO H 308 0.78 59.01 26.10
N PRO H 309 1.95 58.39 26.23
CA PRO H 309 3.10 58.81 27.05
C PRO H 309 4.15 59.69 26.36
N TYR H 310 3.77 60.43 25.32
CA TYR H 310 4.64 61.42 24.67
C TYR H 310 5.96 60.82 24.19
N PHE H 311 5.86 59.71 23.46
CA PHE H 311 7.06 59.05 22.94
C PHE H 311 7.68 59.89 21.82
N PRO H 312 9.04 60.21 21.90
CA PRO H 312 9.69 61.01 20.84
C PRO H 312 9.95 60.18 19.59
N ILE H 313 8.88 59.78 18.92
CA ILE H 313 9.00 58.85 17.80
C ILE H 313 9.38 59.58 16.50
N SER H 314 8.90 60.81 16.32
CA SER H 314 9.23 61.57 15.12
C SER H 314 10.73 61.82 15.01
N GLN H 315 11.36 62.18 16.14
CA GLN H 315 12.81 62.38 16.13
C GLN H 315 13.54 61.11 15.74
N ALA H 316 13.09 59.96 16.23
CA ALA H 316 13.80 58.72 15.93
C ALA H 316 13.59 58.29 14.48
N ILE H 317 12.44 58.63 13.89
CA ILE H 317 12.21 58.33 12.48
C ILE H 317 13.10 59.19 11.60
N ALA H 318 13.17 60.49 11.89
CA ALA H 318 14.03 61.38 11.12
C ALA H 318 15.50 60.99 11.27
N GLU H 319 15.89 60.52 12.46
CA GLU H 319 17.29 60.14 12.65
C GLU H 319 17.67 58.94 11.80
N ILE H 320 16.81 57.92 11.76
CA ILE H 320 17.15 56.75 10.97
C ILE H 320 17.07 57.05 9.48
N LEU H 321 16.29 58.06 9.09
CA LEU H 321 16.16 58.41 7.68
C LEU H 321 17.43 59.09 7.17
N VAL H 322 18.01 59.99 7.97
CA VAL H 322 19.20 60.71 7.55
C VAL H 322 20.47 60.00 7.96
N ASN H 323 20.48 59.32 9.11
CA ASN H 323 21.59 58.46 9.45
C ASN H 323 21.44 57.14 8.70
N SER H 324 21.88 56.04 9.31
CA SER H 324 21.90 54.72 8.70
C SER H 324 20.64 54.39 7.89
N ALA H 325 20.72 54.49 6.56
CA ALA H 325 21.94 54.89 5.86
C ALA H 325 21.62 55.95 4.82
N ALA I 11 -28.34 38.24 -1.34
CA ALA I 11 -26.99 38.04 -1.87
C ALA I 11 -25.94 38.62 -0.93
N LEU I 12 -26.25 38.61 0.38
CA LEU I 12 -25.43 39.27 1.38
C LEU I 12 -24.27 38.38 1.82
N PRO I 13 -23.11 38.98 2.06
CA PRO I 13 -22.00 38.25 2.70
C PRO I 13 -22.13 38.30 4.22
N PHE I 14 -21.30 37.47 4.88
CA PHE I 14 -21.44 37.29 6.31
C PHE I 14 -21.00 38.53 7.08
N PHE I 15 -20.00 39.26 6.58
CA PHE I 15 -19.53 40.42 7.32
C PHE I 15 -20.55 41.55 7.36
N ALA I 16 -21.63 41.48 6.59
CA ALA I 16 -22.65 42.51 6.65
C ALA I 16 -23.35 42.54 7.99
N ARG I 17 -23.44 41.39 8.67
CA ARG I 17 -24.09 41.32 9.97
C ARG I 17 -23.39 42.16 11.02
N PHE I 18 -22.15 42.57 10.78
CA PHE I 18 -21.31 43.17 11.81
C PHE I 18 -21.10 44.65 11.50
N LEU I 19 -21.69 45.52 12.31
CA LEU I 19 -21.29 46.92 12.42
C LEU I 19 -21.59 47.79 11.20
N SER I 20 -21.63 49.13 11.27
CA SER I 20 -21.77 50.12 12.39
C SER I 20 -21.16 51.41 11.88
N VAL I 21 -21.89 52.53 12.03
CA VAL I 21 -21.39 53.81 11.54
C VAL I 21 -20.14 54.22 12.31
N SER I 22 -19.28 54.99 11.65
CA SER I 22 -18.04 55.47 12.25
C SER I 22 -17.98 56.99 12.27
N ALA J 11 9.56 2.98 36.53
CA ALA J 11 8.21 2.50 36.82
C ALA J 11 7.33 3.61 37.37
N LEU J 12 7.47 4.81 36.79
CA LEU J 12 6.81 6.00 37.30
C LEU J 12 5.62 6.39 36.42
N PRO J 13 4.59 6.96 37.02
CA PRO J 13 3.48 7.52 36.25
C PRO J 13 3.73 8.98 35.92
N PHE J 14 2.84 9.54 35.09
CA PHE J 14 3.04 10.90 34.62
C PHE J 14 2.84 11.93 35.72
N PHE J 15 1.96 11.68 36.68
CA PHE J 15 1.69 12.69 37.69
C PHE J 15 2.84 12.87 38.68
N ALA J 16 3.86 12.01 38.63
CA ALA J 16 4.99 12.16 39.54
C ALA J 16 5.75 13.46 39.30
N ARG J 17 5.76 13.94 38.06
CA ARG J 17 6.48 15.16 37.72
C ARG J 17 5.83 16.42 38.26
N PHE J 18 4.65 16.32 38.88
CA PHE J 18 3.91 17.49 39.34
C PHE J 18 3.70 17.46 40.85
N LEU J 19 4.49 16.68 41.58
CA LEU J 19 4.34 16.57 43.02
C LEU J 19 5.04 17.72 43.73
N SER J 20 4.27 18.50 44.47
CA SER J 20 4.79 19.56 45.31
C SER J 20 4.85 19.07 46.76
N VAL J 21 4.87 20.00 47.72
CA VAL J 21 4.95 19.66 49.13
C VAL J 21 4.03 20.58 49.91
N SER J 22 3.41 20.04 50.97
CA SER J 22 2.59 20.85 51.87
C SER J 22 2.69 20.33 53.30
N ALA K 11 -1.13 -7.46 67.12
CA ALA K 11 -2.30 -6.64 66.85
C ALA K 11 -3.09 -7.22 65.68
N LEU K 12 -3.93 -8.27 65.98
CA LEU K 12 -4.74 -9.01 65.01
C LEU K 12 -6.21 -8.64 65.11
N PRO K 13 -6.88 -8.50 63.97
CA PRO K 13 -8.33 -8.29 63.99
C PRO K 13 -9.09 -9.59 64.19
N PHE K 14 -10.38 -9.44 64.52
CA PHE K 14 -11.18 -10.60 64.89
C PHE K 14 -11.47 -11.52 63.71
N PHE K 15 -11.55 -10.97 62.50
CA PHE K 15 -11.87 -11.83 61.36
C PHE K 15 -10.72 -12.76 60.99
N ALA K 16 -9.55 -12.61 61.62
CA ALA K 16 -8.44 -13.51 61.31
C ALA K 16 -8.72 -14.93 61.78
N ARG K 17 -9.57 -15.09 62.80
CA ARG K 17 -9.92 -16.40 63.32
C ARG K 17 -10.75 -17.23 62.36
N PHE K 18 -11.30 -16.61 61.31
CA PHE K 18 -12.23 -17.30 60.41
C PHE K 18 -11.70 -17.37 58.98
N LEU K 19 -10.40 -17.20 58.80
CA LEU K 19 -9.79 -17.25 57.47
C LEU K 19 -9.63 -18.70 57.03
N SER K 20 -10.32 -19.07 55.96
CA SER K 20 -10.24 -20.40 55.39
C SER K 20 -9.32 -20.37 54.16
N VAL K 21 -9.30 -21.46 53.41
CA VAL K 21 -8.48 -21.58 52.20
C VAL K 21 -9.42 -21.69 51.01
N SER K 22 -9.21 -20.82 50.01
CA SER K 22 -10.05 -20.81 48.82
C SER K 22 -9.49 -21.73 47.74
N ALA L 11 34.08 -5.33 -16.12
CA ALA L 11 33.38 -4.76 -17.26
C ALA L 11 33.20 -5.79 -18.36
N LEU L 12 32.90 -7.06 -17.95
CA LEU L 12 32.87 -8.20 -18.86
C LEU L 12 31.45 -8.57 -19.24
N PRO L 13 31.25 -8.98 -20.49
CA PRO L 13 29.96 -9.51 -20.92
C PRO L 13 29.83 -10.99 -20.62
N PHE L 14 28.59 -11.47 -20.73
CA PHE L 14 28.28 -12.84 -20.31
C PHE L 14 28.94 -13.88 -21.20
N PHE L 15 29.09 -13.60 -22.50
CA PHE L 15 29.67 -14.60 -23.39
C PHE L 15 31.16 -14.85 -23.12
N ALA L 16 31.79 -14.03 -22.27
CA ALA L 16 33.19 -14.27 -21.95
C ALA L 16 33.38 -15.60 -21.24
N ARG L 17 32.37 -16.06 -20.50
CA ARG L 17 32.46 -17.32 -19.77
C ARG L 17 32.55 -18.53 -20.70
N PHE L 18 32.20 -18.37 -21.97
CA PHE L 18 32.11 -19.47 -22.91
C PHE L 18 33.14 -19.36 -24.04
N LEU L 19 34.17 -18.55 -23.86
CA LEU L 19 35.21 -18.42 -24.88
C LEU L 19 36.09 -19.66 -24.89
N SER L 20 36.10 -20.36 -26.01
CA SER L 20 36.85 -21.60 -26.15
C SER L 20 38.22 -21.34 -26.75
N VAL L 21 38.67 -22.23 -27.64
CA VAL L 21 39.96 -22.12 -28.32
C VAL L 21 39.82 -22.68 -29.72
N SER L 22 40.32 -21.95 -30.70
CA SER L 22 40.33 -22.42 -32.09
C SER L 22 41.74 -22.79 -32.52
N ALA M 11 52.18 4.89 -46.38
CA ALA M 11 51.36 4.18 -45.40
C ALA M 11 49.97 4.80 -45.32
N LEU M 12 49.76 5.91 -46.02
CA LEU M 12 48.52 6.66 -45.89
C LEU M 12 47.60 6.41 -47.09
N PRO M 13 46.29 6.43 -46.87
CA PRO M 13 45.34 6.33 -47.97
C PRO M 13 44.99 7.69 -48.56
N PHE M 14 44.40 7.65 -49.76
CA PHE M 14 44.19 8.87 -50.54
C PHE M 14 43.19 9.82 -49.87
N PHE M 15 42.23 9.28 -49.13
CA PHE M 15 41.23 10.17 -48.53
C PHE M 15 41.77 10.98 -47.36
N ALA M 16 43.01 10.72 -46.94
CA ALA M 16 43.55 11.44 -45.79
C ALA M 16 43.75 12.92 -46.10
N ARG M 17 44.17 13.22 -47.32
CA ARG M 17 44.43 14.59 -47.74
C ARG M 17 43.19 15.48 -47.86
N PHE M 18 42.01 14.91 -47.63
CA PHE M 18 40.76 15.66 -47.72
C PHE M 18 40.07 15.78 -46.37
N LEU M 19 40.75 15.43 -45.29
CA LEU M 19 40.14 15.43 -43.96
C LEU M 19 40.06 16.88 -43.44
N SER M 20 38.85 17.37 -43.27
CA SER M 20 38.63 18.67 -42.65
C SER M 20 38.35 18.46 -41.17
N VAL M 21 37.95 19.52 -40.47
CA VAL M 21 37.64 19.45 -39.05
C VAL M 21 36.15 19.67 -38.87
N SER M 22 35.49 18.73 -38.20
CA SER M 22 34.06 18.80 -37.98
C SER M 22 33.74 19.56 -36.69
N ALA N 11 -13.06 65.54 -17.93
CA ALA N 11 -13.33 64.23 -17.34
C ALA N 11 -12.42 63.16 -17.92
N LEU N 12 -12.27 63.16 -19.24
CA LEU N 12 -11.56 62.07 -19.92
C LEU N 12 -10.07 62.13 -19.62
N PRO N 13 -9.46 60.99 -19.28
CA PRO N 13 -7.99 60.90 -19.26
C PRO N 13 -7.46 60.60 -20.65
N PHE N 14 -6.13 60.74 -20.78
CA PHE N 14 -5.51 60.72 -22.11
C PHE N 14 -5.61 59.36 -22.77
N PHE N 15 -5.55 58.28 -22.01
CA PHE N 15 -5.60 56.95 -22.62
C PHE N 15 -6.96 56.62 -23.23
N ALA N 16 -7.96 57.49 -23.04
CA ALA N 16 -9.28 57.21 -23.62
C ALA N 16 -9.24 57.25 -25.14
N ARG N 17 -8.26 57.96 -25.72
CA ARG N 17 -8.14 58.03 -27.17
C ARG N 17 -7.82 56.67 -27.78
N PHE N 18 -7.20 55.78 -27.00
CA PHE N 18 -6.57 54.58 -27.54
C PHE N 18 -7.32 53.30 -27.20
N LEU N 19 -8.60 53.39 -26.85
CA LEU N 19 -9.37 52.19 -26.57
C LEU N 19 -9.50 51.33 -27.83
N SER N 20 -9.69 50.03 -27.62
CA SER N 20 -9.72 49.10 -28.74
C SER N 20 -10.68 47.95 -28.46
N VAL N 21 -10.36 46.75 -28.94
CA VAL N 21 -11.18 45.58 -28.70
C VAL N 21 -10.35 44.45 -28.12
N LYS O 10 -24.55 -35.50 -23.52
CA LYS O 10 -23.79 -36.21 -22.49
C LYS O 10 -22.38 -35.65 -22.34
N ALA O 11 -22.04 -35.27 -21.11
CA ALA O 11 -20.72 -34.73 -20.82
C ALA O 11 -19.66 -35.81 -20.94
N LEU O 12 -18.61 -35.52 -21.71
CA LEU O 12 -17.52 -36.47 -21.89
C LEU O 12 -16.23 -35.93 -21.29
N PRO O 13 -15.45 -36.77 -20.61
CA PRO O 13 -14.16 -36.31 -20.10
C PRO O 13 -13.09 -36.33 -21.17
N PHE O 14 -12.05 -35.52 -20.95
CA PHE O 14 -11.01 -35.37 -21.96
C PHE O 14 -10.23 -36.66 -22.18
N PHE O 15 -10.14 -37.52 -21.17
CA PHE O 15 -9.35 -38.74 -21.36
C PHE O 15 -10.05 -39.76 -22.25
N ALA O 16 -11.30 -39.50 -22.66
CA ALA O 16 -11.99 -40.40 -23.57
C ALA O 16 -11.36 -40.42 -24.96
N ARG O 17 -10.65 -39.35 -25.33
CA ARG O 17 -10.00 -39.28 -26.63
C ARG O 17 -8.80 -40.21 -26.74
N PHE O 18 -8.33 -40.78 -25.64
CA PHE O 18 -7.10 -41.57 -25.63
C PHE O 18 -7.33 -43.02 -25.22
N LEU O 19 -8.58 -43.47 -25.19
CA LEU O 19 -8.89 -44.83 -24.76
C LEU O 19 -8.45 -45.83 -25.82
N SER O 20 -7.63 -46.80 -25.42
CA SER O 20 -7.10 -47.82 -26.31
C SER O 20 -7.93 -49.10 -26.16
N VAL O 21 -7.35 -50.23 -26.55
CA VAL O 21 -8.01 -51.52 -26.46
C VAL O 21 -7.01 -52.53 -25.91
N SER O 22 -7.41 -53.28 -24.89
CA SER O 22 -6.58 -54.34 -24.33
C SER O 22 -7.34 -55.67 -24.29
N ALA P 11 -25.85 -62.98 -1.86
CA ALA P 11 -26.59 -61.97 -2.58
C ALA P 11 -27.03 -60.83 -1.66
N LEU P 12 -26.99 -61.09 -0.35
CA LEU P 12 -27.46 -60.15 0.66
C LEU P 12 -26.50 -60.14 1.84
N PRO P 13 -25.95 -58.98 2.20
CA PRO P 13 -24.98 -58.92 3.31
C PRO P 13 -25.68 -58.83 4.66
N PHE P 14 -24.87 -59.08 5.70
CA PHE P 14 -25.40 -59.06 7.06
C PHE P 14 -25.82 -57.66 7.50
N PHE P 15 -25.15 -56.62 7.00
CA PHE P 15 -25.49 -55.28 7.46
C PHE P 15 -26.81 -54.77 6.89
N ALA P 16 -27.44 -55.52 5.99
CA ALA P 16 -28.75 -55.13 5.49
C ALA P 16 -29.81 -55.17 6.59
N ARG P 17 -29.61 -56.04 7.58
CA ARG P 17 -30.54 -56.18 8.69
C ARG P 17 -30.60 -54.94 9.57
N PHE P 18 -29.62 -54.04 9.46
CA PHE P 18 -29.50 -52.91 10.37
C PHE P 18 -29.63 -51.57 9.65
N LEU P 19 -30.22 -51.56 8.46
CA LEU P 19 -30.37 -50.32 7.71
C LEU P 19 -31.52 -49.49 8.29
N SER P 20 -31.20 -48.30 8.76
CA SER P 20 -32.21 -47.41 9.32
C SER P 20 -32.55 -46.31 8.33
N VAL P 21 -33.00 -45.15 8.83
CA VAL P 21 -33.39 -44.03 8.00
C VAL P 21 -32.81 -42.76 8.60
N SER P 22 -32.14 -41.96 7.77
CA SER P 22 -31.59 -40.68 8.19
C SER P 22 -31.27 -39.80 6.99
#